data_1D7P
# 
_entry.id   1D7P 
# 
_audit_conform.dict_name       mmcif_pdbx.dic 
_audit_conform.dict_version    5.397 
_audit_conform.dict_location   http://mmcif.pdb.org/dictionaries/ascii/mmcif_pdbx.dic 
# 
loop_
_database_2.database_id 
_database_2.database_code 
_database_2.pdbx_database_accession 
_database_2.pdbx_DOI 
PDB   1D7P         pdb_00001d7p 10.2210/pdb1d7p/pdb 
RCSB  RCSB009867   ?            ?                   
WWPDB D_1000009867 ?            ?                   
# 
loop_
_pdbx_audit_revision_history.ordinal 
_pdbx_audit_revision_history.data_content_type 
_pdbx_audit_revision_history.major_revision 
_pdbx_audit_revision_history.minor_revision 
_pdbx_audit_revision_history.revision_date 
1 'Structure model' 1 0 1999-12-01 
2 'Structure model' 1 1 2008-04-27 
3 'Structure model' 1 2 2011-07-13 
4 'Structure model' 1 3 2021-11-03 
5 'Structure model' 1 4 2023-12-13 
6 'Structure model' 1 5 2024-10-30 
# 
_pdbx_audit_revision_details.ordinal             1 
_pdbx_audit_revision_details.revision_ordinal    1 
_pdbx_audit_revision_details.data_content_type   'Structure model' 
_pdbx_audit_revision_details.provider            repository 
_pdbx_audit_revision_details.type                'Initial release' 
_pdbx_audit_revision_details.description         ? 
_pdbx_audit_revision_details.details             ? 
# 
loop_
_pdbx_audit_revision_group.ordinal 
_pdbx_audit_revision_group.revision_ordinal 
_pdbx_audit_revision_group.data_content_type 
_pdbx_audit_revision_group.group 
1 2 'Structure model' 'Version format compliance' 
2 3 'Structure model' 'Non-polymer description'   
3 3 'Structure model' 'Version format compliance' 
4 4 'Structure model' 'Database references'       
5 4 'Structure model' 'Derived calculations'      
6 5 'Structure model' 'Data collection'           
7 5 'Structure model' 'Derived calculations'      
8 6 'Structure model' 'Structure summary'         
# 
loop_
_pdbx_audit_revision_category.ordinal 
_pdbx_audit_revision_category.revision_ordinal 
_pdbx_audit_revision_category.data_content_type 
_pdbx_audit_revision_category.category 
1  4 'Structure model' database_2                
2  4 'Structure model' struct_conn               
3  4 'Structure model' struct_ref_seq_dif        
4  4 'Structure model' struct_site               
5  5 'Structure model' chem_comp_atom            
6  5 'Structure model' chem_comp_bond            
7  5 'Structure model' struct_conn               
8  5 'Structure model' struct_conn_type          
9  6 'Structure model' pdbx_entry_details        
10 6 'Structure model' pdbx_modification_feature 
# 
loop_
_pdbx_audit_revision_item.ordinal 
_pdbx_audit_revision_item.revision_ordinal 
_pdbx_audit_revision_item.data_content_type 
_pdbx_audit_revision_item.item 
1  4 'Structure model' '_database_2.pdbx_DOI'                
2  4 'Structure model' '_database_2.pdbx_database_accession' 
3  4 'Structure model' '_struct_conn.pdbx_leaving_atom_flag' 
4  4 'Structure model' '_struct_ref_seq_dif.details'         
5  4 'Structure model' '_struct_site.pdbx_auth_asym_id'      
6  4 'Structure model' '_struct_site.pdbx_auth_comp_id'      
7  4 'Structure model' '_struct_site.pdbx_auth_seq_id'       
8  5 'Structure model' '_struct_conn.conn_type_id'           
9  5 'Structure model' '_struct_conn.id'                     
10 5 'Structure model' '_struct_conn.pdbx_leaving_atom_flag' 
# 
_pdbx_database_status.status_code                     REL 
_pdbx_database_status.entry_id                        1D7P 
_pdbx_database_status.recvd_initial_deposition_date   1999-10-19 
_pdbx_database_status.deposit_site                    RCSB 
_pdbx_database_status.process_site                    RCSB 
_pdbx_database_status.status_code_sf                  ? 
_pdbx_database_status.status_code_mr                  ? 
_pdbx_database_status.SG_entry                        ? 
_pdbx_database_status.pdb_format_compatible           Y 
_pdbx_database_status.status_code_cs                  ? 
_pdbx_database_status.status_code_nmr_data            ? 
_pdbx_database_status.methods_development_category    ? 
# 
loop_
_audit_author.name 
_audit_author.pdbx_ordinal 
'Pratt, K.P.'    1 
'Shen, B.W.'     2 
'Stoddard, B.L.' 3 
# 
_citation.id                        primary 
_citation.title                     'Structure of the C2 domain of human factor VIII at 1.5 A resolution.' 
_citation.journal_abbrev            Nature 
_citation.journal_volume            402 
_citation.page_first                439 
_citation.page_last                 442 
_citation.year                      1999 
_citation.journal_id_ASTM           NATUAS 
_citation.country                   UK 
_citation.journal_id_ISSN           0028-0836 
_citation.journal_id_CSD            0006 
_citation.book_publisher            ? 
_citation.pdbx_database_id_PubMed   10586887 
_citation.pdbx_database_id_DOI      10.1038/46601 
# 
loop_
_citation_author.citation_id 
_citation_author.name 
_citation_author.ordinal 
_citation_author.identifier_ORCID 
primary 'Pratt, K.P.'    1 ? 
primary 'Shen, B.W.'     2 ? 
primary 'Takeshima, K.'  3 ? 
primary 'Davie, E.W.'    4 ? 
primary 'Fujikawa, K.'   5 ? 
primary 'Stoddard, B.L.' 6 ? 
# 
loop_
_entity.id 
_entity.type 
_entity.src_method 
_entity.pdbx_description 
_entity.formula_weight 
_entity.pdbx_number_of_molecules 
_entity.pdbx_ec 
_entity.pdbx_mutation 
_entity.pdbx_fragment 
_entity.details 
1 polymer     man 'COAGULATION FACTOR VIII PRECURSOR' 18058.664 1   ? S2296C C2-DOMAIN ? 
2 non-polymer syn 'SULFATE ION'                       96.063    2   ? ?      ?         ? 
3 non-polymer syn CYSTEINE                            121.158   1   ? ?      ?         ? 
4 non-polymer syn GLYCEROL                            92.094    1   ? ?      ?         ? 
5 water       nat water                               18.015    247 ? ?      ?         ? 
# 
_entity_poly.entity_id                      1 
_entity_poly.type                           'polypeptide(L)' 
_entity_poly.nstd_linkage                   no 
_entity_poly.nstd_monomer                   no 
_entity_poly.pdbx_seq_one_letter_code       
;LNSCSMPLGMESKAISDAQITASSYFTNMFATWSPSKARLHLQGRSNAWRPQVNNPKEWLQVDFQKTMKVTGVTTQGVKS
LLTSMYVKEFLISSSQDGHQWTLFFQNGKVKVFQGNQDSFTPVVNCLDPPLLTRYLRIHPQSWVHQIALRMEVLGCEAQ
;
_entity_poly.pdbx_seq_one_letter_code_can   
;LNSCSMPLGMESKAISDAQITASSYFTNMFATWSPSKARLHLQGRSNAWRPQVNNPKEWLQVDFQKTMKVTGVTTQGVKS
LLTSMYVKEFLISSSQDGHQWTLFFQNGKVKVFQGNQDSFTPVVNCLDPPLLTRYLRIHPQSWVHQIALRMEVLGCEAQ
;
_entity_poly.pdbx_strand_id                 M 
_entity_poly.pdbx_target_identifier         ? 
# 
loop_
_pdbx_entity_nonpoly.entity_id 
_pdbx_entity_nonpoly.name 
_pdbx_entity_nonpoly.comp_id 
2 'SULFATE ION' SO4 
3 CYSTEINE      CYS 
4 GLYCEROL      GOL 
5 water         HOH 
# 
loop_
_entity_poly_seq.entity_id 
_entity_poly_seq.num 
_entity_poly_seq.mon_id 
_entity_poly_seq.hetero 
1 1   LEU n 
1 2   ASN n 
1 3   SER n 
1 4   CYS n 
1 5   SER n 
1 6   MET n 
1 7   PRO n 
1 8   LEU n 
1 9   GLY n 
1 10  MET n 
1 11  GLU n 
1 12  SER n 
1 13  LYS n 
1 14  ALA n 
1 15  ILE n 
1 16  SER n 
1 17  ASP n 
1 18  ALA n 
1 19  GLN n 
1 20  ILE n 
1 21  THR n 
1 22  ALA n 
1 23  SER n 
1 24  SER n 
1 25  TYR n 
1 26  PHE n 
1 27  THR n 
1 28  ASN n 
1 29  MET n 
1 30  PHE n 
1 31  ALA n 
1 32  THR n 
1 33  TRP n 
1 34  SER n 
1 35  PRO n 
1 36  SER n 
1 37  LYS n 
1 38  ALA n 
1 39  ARG n 
1 40  LEU n 
1 41  HIS n 
1 42  LEU n 
1 43  GLN n 
1 44  GLY n 
1 45  ARG n 
1 46  SER n 
1 47  ASN n 
1 48  ALA n 
1 49  TRP n 
1 50  ARG n 
1 51  PRO n 
1 52  GLN n 
1 53  VAL n 
1 54  ASN n 
1 55  ASN n 
1 56  PRO n 
1 57  LYS n 
1 58  GLU n 
1 59  TRP n 
1 60  LEU n 
1 61  GLN n 
1 62  VAL n 
1 63  ASP n 
1 64  PHE n 
1 65  GLN n 
1 66  LYS n 
1 67  THR n 
1 68  MET n 
1 69  LYS n 
1 70  VAL n 
1 71  THR n 
1 72  GLY n 
1 73  VAL n 
1 74  THR n 
1 75  THR n 
1 76  GLN n 
1 77  GLY n 
1 78  VAL n 
1 79  LYS n 
1 80  SER n 
1 81  LEU n 
1 82  LEU n 
1 83  THR n 
1 84  SER n 
1 85  MET n 
1 86  TYR n 
1 87  VAL n 
1 88  LYS n 
1 89  GLU n 
1 90  PHE n 
1 91  LEU n 
1 92  ILE n 
1 93  SER n 
1 94  SER n 
1 95  SER n 
1 96  GLN n 
1 97  ASP n 
1 98  GLY n 
1 99  HIS n 
1 100 GLN n 
1 101 TRP n 
1 102 THR n 
1 103 LEU n 
1 104 PHE n 
1 105 PHE n 
1 106 GLN n 
1 107 ASN n 
1 108 GLY n 
1 109 LYS n 
1 110 VAL n 
1 111 LYS n 
1 112 VAL n 
1 113 PHE n 
1 114 GLN n 
1 115 GLY n 
1 116 ASN n 
1 117 GLN n 
1 118 ASP n 
1 119 SER n 
1 120 PHE n 
1 121 THR n 
1 122 PRO n 
1 123 VAL n 
1 124 VAL n 
1 125 ASN n 
1 126 CYS n 
1 127 LEU n 
1 128 ASP n 
1 129 PRO n 
1 130 PRO n 
1 131 LEU n 
1 132 LEU n 
1 133 THR n 
1 134 ARG n 
1 135 TYR n 
1 136 LEU n 
1 137 ARG n 
1 138 ILE n 
1 139 HIS n 
1 140 PRO n 
1 141 GLN n 
1 142 SER n 
1 143 TRP n 
1 144 VAL n 
1 145 HIS n 
1 146 GLN n 
1 147 ILE n 
1 148 ALA n 
1 149 LEU n 
1 150 ARG n 
1 151 MET n 
1 152 GLU n 
1 153 VAL n 
1 154 LEU n 
1 155 GLY n 
1 156 CYS n 
1 157 GLU n 
1 158 ALA n 
1 159 GLN n 
# 
_entity_src_gen.entity_id                          1 
_entity_src_gen.pdbx_src_id                        1 
_entity_src_gen.pdbx_alt_source_flag               sample 
_entity_src_gen.pdbx_seq_type                      ? 
_entity_src_gen.pdbx_beg_seq_num                   ? 
_entity_src_gen.pdbx_end_seq_num                   ? 
_entity_src_gen.gene_src_common_name               human 
_entity_src_gen.gene_src_genus                     Homo 
_entity_src_gen.pdbx_gene_src_gene                 ? 
_entity_src_gen.gene_src_species                   ? 
_entity_src_gen.gene_src_strain                    ? 
_entity_src_gen.gene_src_tissue                    BLOOD 
_entity_src_gen.gene_src_tissue_fraction           ? 
_entity_src_gen.gene_src_details                   ? 
_entity_src_gen.pdbx_gene_src_fragment             ? 
_entity_src_gen.pdbx_gene_src_scientific_name      'Homo sapiens' 
_entity_src_gen.pdbx_gene_src_ncbi_taxonomy_id     9606 
_entity_src_gen.pdbx_gene_src_variant              ? 
_entity_src_gen.pdbx_gene_src_cell_line            ? 
_entity_src_gen.pdbx_gene_src_atcc                 ? 
_entity_src_gen.pdbx_gene_src_organ                ? 
_entity_src_gen.pdbx_gene_src_organelle            ? 
_entity_src_gen.pdbx_gene_src_cell                 ? 
_entity_src_gen.pdbx_gene_src_cellular_location    ? 
_entity_src_gen.host_org_common_name               
;baker's yeast
;
_entity_src_gen.pdbx_host_org_scientific_name      'Saccharomyces cerevisiae' 
_entity_src_gen.pdbx_host_org_ncbi_taxonomy_id     4932 
_entity_src_gen.host_org_genus                     Saccharomyces 
_entity_src_gen.pdbx_host_org_gene                 ? 
_entity_src_gen.pdbx_host_org_organ                ? 
_entity_src_gen.host_org_species                   ? 
_entity_src_gen.pdbx_host_org_tissue               ? 
_entity_src_gen.pdbx_host_org_tissue_fraction      ? 
_entity_src_gen.pdbx_host_org_strain               ? 
_entity_src_gen.pdbx_host_org_variant              ? 
_entity_src_gen.pdbx_host_org_cell_line            ? 
_entity_src_gen.pdbx_host_org_atcc                 ? 
_entity_src_gen.pdbx_host_org_culture_collection   ? 
_entity_src_gen.pdbx_host_org_cell                 ? 
_entity_src_gen.pdbx_host_org_organelle            ? 
_entity_src_gen.pdbx_host_org_cellular_location    ? 
_entity_src_gen.pdbx_host_org_vector_type          ? 
_entity_src_gen.pdbx_host_org_vector               ? 
_entity_src_gen.host_org_details                   ? 
_entity_src_gen.expression_system_id               ? 
_entity_src_gen.plasmid_name                       ? 
_entity_src_gen.plasmid_details                    ? 
_entity_src_gen.pdbx_description                   ? 
# 
loop_
_chem_comp.id 
_chem_comp.type 
_chem_comp.mon_nstd_flag 
_chem_comp.name 
_chem_comp.pdbx_synonyms 
_chem_comp.formula 
_chem_comp.formula_weight 
ALA 'L-peptide linking' y ALANINE         ?                               'C3 H7 N O2'     89.093  
ARG 'L-peptide linking' y ARGININE        ?                               'C6 H15 N4 O2 1' 175.209 
ASN 'L-peptide linking' y ASPARAGINE      ?                               'C4 H8 N2 O3'    132.118 
ASP 'L-peptide linking' y 'ASPARTIC ACID' ?                               'C4 H7 N O4'     133.103 
CYS 'L-peptide linking' y CYSTEINE        ?                               'C3 H7 N O2 S'   121.158 
GLN 'L-peptide linking' y GLUTAMINE       ?                               'C5 H10 N2 O3'   146.144 
GLU 'L-peptide linking' y 'GLUTAMIC ACID' ?                               'C5 H9 N O4'     147.129 
GLY 'peptide linking'   y GLYCINE         ?                               'C2 H5 N O2'     75.067  
GOL non-polymer         . GLYCEROL        'GLYCERIN; PROPANE-1,2,3-TRIOL' 'C3 H8 O3'       92.094  
HIS 'L-peptide linking' y HISTIDINE       ?                               'C6 H10 N3 O2 1' 156.162 
HOH non-polymer         . WATER           ?                               'H2 O'           18.015  
ILE 'L-peptide linking' y ISOLEUCINE      ?                               'C6 H13 N O2'    131.173 
LEU 'L-peptide linking' y LEUCINE         ?                               'C6 H13 N O2'    131.173 
LYS 'L-peptide linking' y LYSINE          ?                               'C6 H15 N2 O2 1' 147.195 
MET 'L-peptide linking' y METHIONINE      ?                               'C5 H11 N O2 S'  149.211 
PHE 'L-peptide linking' y PHENYLALANINE   ?                               'C9 H11 N O2'    165.189 
PRO 'L-peptide linking' y PROLINE         ?                               'C5 H9 N O2'     115.130 
SER 'L-peptide linking' y SERINE          ?                               'C3 H7 N O3'     105.093 
SO4 non-polymer         . 'SULFATE ION'   ?                               'O4 S -2'        96.063  
THR 'L-peptide linking' y THREONINE       ?                               'C4 H9 N O3'     119.119 
TRP 'L-peptide linking' y TRYPTOPHAN      ?                               'C11 H12 N2 O2'  204.225 
TYR 'L-peptide linking' y TYROSINE        ?                               'C9 H11 N O3'    181.189 
VAL 'L-peptide linking' y VALINE          ?                               'C5 H11 N O2'    117.146 
# 
loop_
_pdbx_poly_seq_scheme.asym_id 
_pdbx_poly_seq_scheme.entity_id 
_pdbx_poly_seq_scheme.seq_id 
_pdbx_poly_seq_scheme.mon_id 
_pdbx_poly_seq_scheme.ndb_seq_num 
_pdbx_poly_seq_scheme.pdb_seq_num 
_pdbx_poly_seq_scheme.auth_seq_num 
_pdbx_poly_seq_scheme.pdb_mon_id 
_pdbx_poly_seq_scheme.auth_mon_id 
_pdbx_poly_seq_scheme.pdb_strand_id 
_pdbx_poly_seq_scheme.pdb_ins_code 
_pdbx_poly_seq_scheme.hetero 
A 1 1   LEU 1   2171 2171 LEU LEU M . n 
A 1 2   ASN 2   2172 2172 ASN ASN M . n 
A 1 3   SER 3   2173 2173 SER SER M . n 
A 1 4   CYS 4   2174 2174 CYS CYS M . n 
A 1 5   SER 5   2175 2175 SER SER M . n 
A 1 6   MET 6   2176 2176 MET MET M . n 
A 1 7   PRO 7   2177 2177 PRO PRO M . n 
A 1 8   LEU 8   2178 2178 LEU LEU M . n 
A 1 9   GLY 9   2179 2179 GLY GLY M . n 
A 1 10  MET 10  2180 2180 MET MET M . n 
A 1 11  GLU 11  2181 2181 GLU GLU M . n 
A 1 12  SER 12  2182 2182 SER SER M . n 
A 1 13  LYS 13  2183 2183 LYS LYS M . n 
A 1 14  ALA 14  2184 2184 ALA ALA M . n 
A 1 15  ILE 15  2185 2185 ILE ILE M . n 
A 1 16  SER 16  2186 2186 SER SER M . n 
A 1 17  ASP 17  2187 2187 ASP ASP M . n 
A 1 18  ALA 18  2188 2188 ALA ALA M . n 
A 1 19  GLN 19  2189 2189 GLN GLN M . n 
A 1 20  ILE 20  2190 2190 ILE ILE M . n 
A 1 21  THR 21  2191 2191 THR THR M . n 
A 1 22  ALA 22  2192 2192 ALA ALA M . n 
A 1 23  SER 23  2193 2193 SER SER M . n 
A 1 24  SER 24  2194 2194 SER SER M . n 
A 1 25  TYR 25  2195 2195 TYR TYR M . n 
A 1 26  PHE 26  2196 2196 PHE PHE M . n 
A 1 27  THR 27  2197 2197 THR THR M . n 
A 1 28  ASN 28  2198 2198 ASN ASN M . n 
A 1 29  MET 29  2199 2199 MET MET M . n 
A 1 30  PHE 30  2200 2200 PHE PHE M . n 
A 1 31  ALA 31  2201 2201 ALA ALA M . n 
A 1 32  THR 32  2202 2202 THR THR M . n 
A 1 33  TRP 33  2203 2203 TRP TRP M . n 
A 1 34  SER 34  2204 2204 SER SER M . n 
A 1 35  PRO 35  2205 2205 PRO PRO M . n 
A 1 36  SER 36  2206 2206 SER SER M . n 
A 1 37  LYS 37  2207 2207 LYS LYS M . n 
A 1 38  ALA 38  2208 2208 ALA ALA M . n 
A 1 39  ARG 39  2209 2209 ARG ARG M . n 
A 1 40  LEU 40  2210 2210 LEU LEU M . n 
A 1 41  HIS 41  2211 2211 HIS HIS M . n 
A 1 42  LEU 42  2212 2212 LEU LEU M . n 
A 1 43  GLN 43  2213 2213 GLN GLN M . n 
A 1 44  GLY 44  2214 2214 GLY GLY M . n 
A 1 45  ARG 45  2215 2215 ARG ARG M . n 
A 1 46  SER 46  2216 2216 SER SER M . n 
A 1 47  ASN 47  2217 2217 ASN ASN M . n 
A 1 48  ALA 48  2218 2218 ALA ALA M . n 
A 1 49  TRP 49  2219 2219 TRP TRP M . n 
A 1 50  ARG 50  2220 2220 ARG ARG M . n 
A 1 51  PRO 51  2221 2221 PRO PRO M . n 
A 1 52  GLN 52  2222 2222 GLN GLN M . n 
A 1 53  VAL 53  2223 2223 VAL VAL M . n 
A 1 54  ASN 54  2224 2224 ASN ASN M . n 
A 1 55  ASN 55  2225 2225 ASN ASN M . n 
A 1 56  PRO 56  2226 2226 PRO PRO M . n 
A 1 57  LYS 57  2227 2227 LYS LYS M . n 
A 1 58  GLU 58  2228 2228 GLU GLU M . n 
A 1 59  TRP 59  2229 2229 TRP TRP M . n 
A 1 60  LEU 60  2230 2230 LEU LEU M . n 
A 1 61  GLN 61  2231 2231 GLN GLN M . n 
A 1 62  VAL 62  2232 2232 VAL VAL M . n 
A 1 63  ASP 63  2233 2233 ASP ASP M . n 
A 1 64  PHE 64  2234 2234 PHE PHE M . n 
A 1 65  GLN 65  2235 2235 GLN GLN M . n 
A 1 66  LYS 66  2236 2236 LYS LYS M . n 
A 1 67  THR 67  2237 2237 THR THR M . n 
A 1 68  MET 68  2238 2238 MET MET M . n 
A 1 69  LYS 69  2239 2239 LYS LYS M . n 
A 1 70  VAL 70  2240 2240 VAL VAL M . n 
A 1 71  THR 71  2241 2241 THR THR M . n 
A 1 72  GLY 72  2242 2242 GLY GLY M . n 
A 1 73  VAL 73  2243 2243 VAL VAL M . n 
A 1 74  THR 74  2244 2244 THR THR M . n 
A 1 75  THR 75  2245 2245 THR THR M . n 
A 1 76  GLN 76  2246 2246 GLN GLN M . n 
A 1 77  GLY 77  2247 2247 GLY GLY M . n 
A 1 78  VAL 78  2248 2248 VAL VAL M . n 
A 1 79  LYS 79  2249 2249 LYS LYS M . n 
A 1 80  SER 80  2250 2250 SER SER M . n 
A 1 81  LEU 81  2251 2251 LEU LEU M . n 
A 1 82  LEU 82  2252 2252 LEU LEU M . n 
A 1 83  THR 83  2253 2253 THR THR M . n 
A 1 84  SER 84  2254 2254 SER SER M . n 
A 1 85  MET 85  2255 2255 MET MET M . n 
A 1 86  TYR 86  2256 2256 TYR TYR M . n 
A 1 87  VAL 87  2257 2257 VAL VAL M . n 
A 1 88  LYS 88  2258 2258 LYS LYS M . n 
A 1 89  GLU 89  2259 2259 GLU GLU M . n 
A 1 90  PHE 90  2260 2260 PHE PHE M . n 
A 1 91  LEU 91  2261 2261 LEU LEU M . n 
A 1 92  ILE 92  2262 2262 ILE ILE M . n 
A 1 93  SER 93  2263 2263 SER SER M . n 
A 1 94  SER 94  2264 2264 SER SER M . n 
A 1 95  SER 95  2265 2265 SER SER M . n 
A 1 96  GLN 96  2266 2266 GLN GLN M . n 
A 1 97  ASP 97  2267 2267 ASP ASP M . n 
A 1 98  GLY 98  2268 2268 GLY GLY M . n 
A 1 99  HIS 99  2269 2269 HIS HIS M . n 
A 1 100 GLN 100 2270 2270 GLN GLN M . n 
A 1 101 TRP 101 2271 2271 TRP TRP M . n 
A 1 102 THR 102 2272 2272 THR THR M . n 
A 1 103 LEU 103 2273 2273 LEU LEU M . n 
A 1 104 PHE 104 2274 2274 PHE PHE M . n 
A 1 105 PHE 105 2275 2275 PHE PHE M . n 
A 1 106 GLN 106 2276 2276 GLN GLN M . n 
A 1 107 ASN 107 2277 2277 ASN ASN M . n 
A 1 108 GLY 108 2278 2278 GLY GLY M . n 
A 1 109 LYS 109 2279 2279 LYS LYS M . n 
A 1 110 VAL 110 2280 2280 VAL VAL M . n 
A 1 111 LYS 111 2281 2281 LYS LYS M . n 
A 1 112 VAL 112 2282 2282 VAL VAL M . n 
A 1 113 PHE 113 2283 2283 PHE PHE M . n 
A 1 114 GLN 114 2284 2284 GLN GLN M . n 
A 1 115 GLY 115 2285 2285 GLY GLY M . n 
A 1 116 ASN 116 2286 2286 ASN ASN M . n 
A 1 117 GLN 117 2287 2287 GLN GLN M . n 
A 1 118 ASP 118 2288 2288 ASP ASP M . n 
A 1 119 SER 119 2289 2289 SER SER M . n 
A 1 120 PHE 120 2290 2290 PHE PHE M . n 
A 1 121 THR 121 2291 2291 THR THR M . n 
A 1 122 PRO 122 2292 2292 PRO PRO M . n 
A 1 123 VAL 123 2293 2293 VAL VAL M . n 
A 1 124 VAL 124 2294 2294 VAL VAL M . n 
A 1 125 ASN 125 2295 2295 ASN ASN M . n 
A 1 126 CYS 126 2296 2296 CYS CYS M . n 
A 1 127 LEU 127 2297 2297 LEU LEU M . n 
A 1 128 ASP 128 2298 2298 ASP ASP M . n 
A 1 129 PRO 129 2299 2299 PRO PRO M . n 
A 1 130 PRO 130 2300 2300 PRO PRO M . n 
A 1 131 LEU 131 2301 2301 LEU LEU M . n 
A 1 132 LEU 132 2302 2302 LEU LEU M . n 
A 1 133 THR 133 2303 2303 THR THR M . n 
A 1 134 ARG 134 2304 2304 ARG ARG M . n 
A 1 135 TYR 135 2305 2305 TYR TYR M . n 
A 1 136 LEU 136 2306 2306 LEU LEU M . n 
A 1 137 ARG 137 2307 2307 ARG ARG M . n 
A 1 138 ILE 138 2308 2308 ILE ILE M . n 
A 1 139 HIS 139 2309 2309 HIS HIS M . n 
A 1 140 PRO 140 2310 2310 PRO PRO M . n 
A 1 141 GLN 141 2311 2311 GLN GLN M . n 
A 1 142 SER 142 2312 2312 SER SER M . n 
A 1 143 TRP 143 2313 2313 TRP TRP M . n 
A 1 144 VAL 144 2314 2314 VAL VAL M . n 
A 1 145 HIS 145 2315 2315 HIS HIS M . n 
A 1 146 GLN 146 2316 2316 GLN GLN M . n 
A 1 147 ILE 147 2317 2317 ILE ILE M . n 
A 1 148 ALA 148 2318 2318 ALA ALA M . n 
A 1 149 LEU 149 2319 2319 LEU LEU M . n 
A 1 150 ARG 150 2320 2320 ARG ARG M . n 
A 1 151 MET 151 2321 2321 MET MET M . n 
A 1 152 GLU 152 2322 2322 GLU GLU M . n 
A 1 153 VAL 153 2323 2323 VAL VAL M . n 
A 1 154 LEU 154 2324 2324 LEU LEU M . n 
A 1 155 GLY 155 2325 2325 GLY GLY M . n 
A 1 156 CYS 156 2326 2326 CYS CYS M . n 
A 1 157 GLU 157 2327 2327 GLU GLU M . n 
A 1 158 ALA 158 2328 2328 ALA ALA M . n 
A 1 159 GLN 159 2329 2329 GLN GLN M . n 
# 
loop_
_pdbx_nonpoly_scheme.asym_id 
_pdbx_nonpoly_scheme.entity_id 
_pdbx_nonpoly_scheme.mon_id 
_pdbx_nonpoly_scheme.ndb_seq_num 
_pdbx_nonpoly_scheme.pdb_seq_num 
_pdbx_nonpoly_scheme.auth_seq_num 
_pdbx_nonpoly_scheme.pdb_mon_id 
_pdbx_nonpoly_scheme.auth_mon_id 
_pdbx_nonpoly_scheme.pdb_strand_id 
_pdbx_nonpoly_scheme.pdb_ins_code 
B 2 SO4 1   2332 2   SO4 SO4 M . 
C 2 SO4 1   2333 3   SO4 SO4 M . 
D 3 CYS 1   2330 1   CYS CYS M . 
E 4 GOL 1   2331 1   GOL CRY M . 
F 5 HOH 1   1    1   HOH TIP M . 
F 5 HOH 2   2    2   HOH TIP M . 
F 5 HOH 3   4    4   HOH TIP M . 
F 5 HOH 4   5    5   HOH TIP M . 
F 5 HOH 5   6    6   HOH TIP M . 
F 5 HOH 6   7    7   HOH TIP M . 
F 5 HOH 7   8    8   HOH TIP M . 
F 5 HOH 8   9    9   HOH TIP M . 
F 5 HOH 9   10   10  HOH TIP M . 
F 5 HOH 10  11   11  HOH TIP M . 
F 5 HOH 11  12   12  HOH TIP M . 
F 5 HOH 12  13   13  HOH TIP M . 
F 5 HOH 13  14   14  HOH TIP M . 
F 5 HOH 14  15   15  HOH TIP M . 
F 5 HOH 15  16   16  HOH TIP M . 
F 5 HOH 16  17   17  HOH TIP M . 
F 5 HOH 17  18   18  HOH TIP M . 
F 5 HOH 18  19   19  HOH TIP M . 
F 5 HOH 19  20   20  HOH TIP M . 
F 5 HOH 20  21   21  HOH TIP M . 
F 5 HOH 21  22   22  HOH TIP M . 
F 5 HOH 22  23   23  HOH TIP M . 
F 5 HOH 23  24   24  HOH TIP M . 
F 5 HOH 24  25   25  HOH TIP M . 
F 5 HOH 25  26   26  HOH TIP M . 
F 5 HOH 26  27   27  HOH TIP M . 
F 5 HOH 27  28   28  HOH TIP M . 
F 5 HOH 28  29   29  HOH TIP M . 
F 5 HOH 29  30   30  HOH TIP M . 
F 5 HOH 30  31   31  HOH TIP M . 
F 5 HOH 31  32   32  HOH TIP M . 
F 5 HOH 32  33   33  HOH TIP M . 
F 5 HOH 33  34   34  HOH TIP M . 
F 5 HOH 34  35   35  HOH TIP M . 
F 5 HOH 35  36   36  HOH TIP M . 
F 5 HOH 36  37   37  HOH TIP M . 
F 5 HOH 37  38   38  HOH TIP M . 
F 5 HOH 38  39   39  HOH TIP M . 
F 5 HOH 39  40   40  HOH TIP M . 
F 5 HOH 40  41   41  HOH TIP M . 
F 5 HOH 41  42   42  HOH TIP M . 
F 5 HOH 42  43   43  HOH TIP M . 
F 5 HOH 43  44   44  HOH TIP M . 
F 5 HOH 44  45   45  HOH TIP M . 
F 5 HOH 45  46   46  HOH TIP M . 
F 5 HOH 46  47   47  HOH TIP M . 
F 5 HOH 47  48   48  HOH TIP M . 
F 5 HOH 48  50   50  HOH TIP M . 
F 5 HOH 49  51   51  HOH TIP M . 
F 5 HOH 50  52   52  HOH TIP M . 
F 5 HOH 51  53   53  HOH TIP M . 
F 5 HOH 52  54   54  HOH TIP M . 
F 5 HOH 53  55   55  HOH TIP M . 
F 5 HOH 54  57   57  HOH TIP M . 
F 5 HOH 55  58   58  HOH TIP M . 
F 5 HOH 56  59   59  HOH TIP M . 
F 5 HOH 57  60   60  HOH TIP M . 
F 5 HOH 58  61   61  HOH TIP M . 
F 5 HOH 59  62   62  HOH TIP M . 
F 5 HOH 60  64   64  HOH TIP M . 
F 5 HOH 61  65   65  HOH TIP M . 
F 5 HOH 62  66   66  HOH TIP M . 
F 5 HOH 63  67   67  HOH TIP M . 
F 5 HOH 64  68   68  HOH TIP M . 
F 5 HOH 65  69   69  HOH TIP M . 
F 5 HOH 66  70   70  HOH TIP M . 
F 5 HOH 67  71   71  HOH TIP M . 
F 5 HOH 68  72   72  HOH TIP M . 
F 5 HOH 69  73   73  HOH TIP M . 
F 5 HOH 70  74   74  HOH TIP M . 
F 5 HOH 71  75   75  HOH TIP M . 
F 5 HOH 72  76   76  HOH TIP M . 
F 5 HOH 73  79   79  HOH TIP M . 
F 5 HOH 74  80   80  HOH TIP M . 
F 5 HOH 75  82   82  HOH TIP M . 
F 5 HOH 76  83   83  HOH TIP M . 
F 5 HOH 77  86   86  HOH TIP M . 
F 5 HOH 78  87   87  HOH TIP M . 
F 5 HOH 79  88   88  HOH TIP M . 
F 5 HOH 80  89   89  HOH TIP M . 
F 5 HOH 81  90   90  HOH TIP M . 
F 5 HOH 82  93   93  HOH TIP M . 
F 5 HOH 83  94   94  HOH TIP M . 
F 5 HOH 84  97   97  HOH TIP M . 
F 5 HOH 85  98   98  HOH TIP M . 
F 5 HOH 86  99   99  HOH TIP M . 
F 5 HOH 87  100  100 HOH TIP M . 
F 5 HOH 88  102  102 HOH TIP M . 
F 5 HOH 89  103  103 HOH TIP M . 
F 5 HOH 90  105  105 HOH TIP M . 
F 5 HOH 91  107  107 HOH TIP M . 
F 5 HOH 92  108  108 HOH TIP M . 
F 5 HOH 93  109  109 HOH TIP M . 
F 5 HOH 94  110  110 HOH TIP M . 
F 5 HOH 95  111  111 HOH TIP M . 
F 5 HOH 96  113  113 HOH TIP M . 
F 5 HOH 97  114  114 HOH TIP M . 
F 5 HOH 98  115  115 HOH TIP M . 
F 5 HOH 99  116  116 HOH TIP M . 
F 5 HOH 100 117  117 HOH TIP M . 
F 5 HOH 101 118  118 HOH TIP M . 
F 5 HOH 102 119  119 HOH TIP M . 
F 5 HOH 103 122  122 HOH TIP M . 
F 5 HOH 104 124  124 HOH TIP M . 
F 5 HOH 105 125  125 HOH TIP M . 
F 5 HOH 106 126  126 HOH TIP M . 
F 5 HOH 107 127  127 HOH TIP M . 
F 5 HOH 108 128  128 HOH TIP M . 
F 5 HOH 109 129  129 HOH TIP M . 
F 5 HOH 110 130  130 HOH TIP M . 
F 5 HOH 111 133  133 HOH TIP M . 
F 5 HOH 112 136  136 HOH TIP M . 
F 5 HOH 113 138  138 HOH TIP M . 
F 5 HOH 114 139  139 HOH TIP M . 
F 5 HOH 115 140  140 HOH TIP M . 
F 5 HOH 116 141  141 HOH TIP M . 
F 5 HOH 117 142  142 HOH TIP M . 
F 5 HOH 118 143  143 HOH TIP M . 
F 5 HOH 119 144  144 HOH TIP M . 
F 5 HOH 120 145  145 HOH TIP M . 
F 5 HOH 121 147  147 HOH TIP M . 
F 5 HOH 122 148  148 HOH TIP M . 
F 5 HOH 123 149  149 HOH TIP M . 
F 5 HOH 124 150  150 HOH TIP M . 
F 5 HOH 125 152  152 HOH TIP M . 
F 5 HOH 126 153  153 HOH TIP M . 
F 5 HOH 127 154  154 HOH TIP M . 
F 5 HOH 128 157  157 HOH TIP M . 
F 5 HOH 129 160  160 HOH TIP M . 
F 5 HOH 130 161  161 HOH TIP M . 
F 5 HOH 131 163  163 HOH TIP M . 
F 5 HOH 132 164  164 HOH TIP M . 
F 5 HOH 133 165  165 HOH TIP M . 
F 5 HOH 134 166  166 HOH TIP M . 
F 5 HOH 135 167  167 HOH TIP M . 
F 5 HOH 136 169  169 HOH TIP M . 
F 5 HOH 137 170  170 HOH TIP M . 
F 5 HOH 138 173  173 HOH TIP M . 
F 5 HOH 139 175  175 HOH TIP M . 
F 5 HOH 140 178  178 HOH TIP M . 
F 5 HOH 141 180  180 HOH TIP M . 
F 5 HOH 142 181  181 HOH TIP M . 
F 5 HOH 143 183  183 HOH TIP M . 
F 5 HOH 144 184  184 HOH TIP M . 
F 5 HOH 145 185  185 HOH TIP M . 
F 5 HOH 146 188  188 HOH TIP M . 
F 5 HOH 147 189  189 HOH TIP M . 
F 5 HOH 148 190  190 HOH TIP M . 
F 5 HOH 149 191  191 HOH TIP M . 
F 5 HOH 150 194  194 HOH TIP M . 
F 5 HOH 151 197  197 HOH TIP M . 
F 5 HOH 152 198  198 HOH TIP M . 
F 5 HOH 153 199  199 HOH TIP M . 
F 5 HOH 154 201  201 HOH TIP M . 
F 5 HOH 155 202  202 HOH TIP M . 
F 5 HOH 156 205  205 HOH TIP M . 
F 5 HOH 157 206  206 HOH TIP M . 
F 5 HOH 158 208  208 HOH TIP M . 
F 5 HOH 159 209  209 HOH TIP M . 
F 5 HOH 160 212  212 HOH TIP M . 
F 5 HOH 161 213  213 HOH TIP M . 
F 5 HOH 162 215  215 HOH TIP M . 
F 5 HOH 163 300  300 HOH TIP M . 
F 5 HOH 164 301  301 HOH TIP M . 
F 5 HOH 165 302  302 HOH TIP M . 
F 5 HOH 166 303  303 HOH TIP M . 
F 5 HOH 167 304  304 HOH TIP M . 
F 5 HOH 168 305  305 HOH TIP M . 
F 5 HOH 169 306  306 HOH TIP M . 
F 5 HOH 170 307  307 HOH TIP M . 
F 5 HOH 171 308  308 HOH TIP M . 
F 5 HOH 172 312  312 HOH TIP M . 
F 5 HOH 173 313  313 HOH TIP M . 
F 5 HOH 174 314  314 HOH TIP M . 
F 5 HOH 175 315  315 HOH TIP M . 
F 5 HOH 176 316  316 HOH TIP M . 
F 5 HOH 177 317  317 HOH TIP M . 
F 5 HOH 178 318  318 HOH TIP M . 
F 5 HOH 179 319  319 HOH TIP M . 
F 5 HOH 180 320  320 HOH TIP M . 
F 5 HOH 181 321  321 HOH TIP M . 
F 5 HOH 182 322  322 HOH TIP M . 
F 5 HOH 183 325  325 HOH TIP M . 
F 5 HOH 184 326  326 HOH TIP M . 
F 5 HOH 185 328  328 HOH TIP M . 
F 5 HOH 186 329  329 HOH TIP M . 
F 5 HOH 187 330  330 HOH TIP M . 
F 5 HOH 188 331  331 HOH TIP M . 
F 5 HOH 189 332  332 HOH TIP M . 
F 5 HOH 190 333  333 HOH TIP M . 
F 5 HOH 191 336  336 HOH TIP M . 
F 5 HOH 192 341  341 HOH TIP M . 
F 5 HOH 193 347  347 HOH TIP M . 
F 5 HOH 194 348  348 HOH TIP M . 
F 5 HOH 195 350  350 HOH TIP M . 
F 5 HOH 196 359  359 HOH TIP M . 
F 5 HOH 197 360  360 HOH TIP M . 
F 5 HOH 198 363  363 HOH TIP M . 
F 5 HOH 199 400  400 HOH TIP M . 
F 5 HOH 200 401  401 HOH TIP M . 
F 5 HOH 201 402  402 HOH TIP M . 
F 5 HOH 202 403  403 HOH TIP M . 
F 5 HOH 203 405  405 HOH TIP M . 
F 5 HOH 204 406  406 HOH TIP M . 
F 5 HOH 205 408  408 HOH TIP M . 
F 5 HOH 206 409  409 HOH TIP M . 
F 5 HOH 207 410  410 HOH TIP M . 
F 5 HOH 208 412  412 HOH TIP M . 
F 5 HOH 209 413  413 HOH TIP M . 
F 5 HOH 210 415  415 HOH TIP M . 
F 5 HOH 211 416  416 HOH TIP M . 
F 5 HOH 212 417  417 HOH TIP M . 
F 5 HOH 213 418  418 HOH TIP M . 
F 5 HOH 214 419  419 HOH TIP M . 
F 5 HOH 215 420  420 HOH TIP M . 
F 5 HOH 216 421  421 HOH TIP M . 
F 5 HOH 217 422  422 HOH TIP M . 
F 5 HOH 218 423  423 HOH TIP M . 
F 5 HOH 219 424  424 HOH TIP M . 
F 5 HOH 220 425  425 HOH TIP M . 
F 5 HOH 221 426  426 HOH TIP M . 
F 5 HOH 222 427  427 HOH TIP M . 
F 5 HOH 223 428  428 HOH TIP M . 
F 5 HOH 224 429  429 HOH TIP M . 
F 5 HOH 225 430  430 HOH TIP M . 
F 5 HOH 226 431  431 HOH TIP M . 
F 5 HOH 227 432  432 HOH TIP M . 
F 5 HOH 228 434  434 HOH TIP M . 
F 5 HOH 229 435  435 HOH TIP M . 
F 5 HOH 230 436  436 HOH TIP M . 
F 5 HOH 231 437  437 HOH TIP M . 
F 5 HOH 232 438  438 HOH TIP M . 
F 5 HOH 233 439  439 HOH TIP M . 
F 5 HOH 234 440  440 HOH TIP M . 
F 5 HOH 235 442  442 HOH TIP M . 
F 5 HOH 236 444  444 HOH TIP M . 
F 5 HOH 237 445  445 HOH TIP M . 
F 5 HOH 238 446  446 HOH TIP M . 
F 5 HOH 239 447  447 HOH TIP M . 
F 5 HOH 240 448  448 HOH TIP M . 
F 5 HOH 241 449  449 HOH TIP M . 
F 5 HOH 242 450  450 HOH TIP M . 
F 5 HOH 243 451  451 HOH TIP M . 
F 5 HOH 244 452  452 HOH TIP M . 
F 5 HOH 245 453  453 HOH TIP M . 
F 5 HOH 246 454  454 HOH TIP M . 
F 5 HOH 247 455  455 HOH TIP M . 
# 
loop_
_software.name 
_software.classification 
_software.version 
_software.citation_id 
_software.pdbx_ordinal 
DENZO     'data reduction' . ? 1 
SCALEPACK 'data scaling'   . ? 2 
SHARP     phasing          . ? 3 
CNS       refinement       . ? 4 
# 
_cell.entry_id           1D7P 
_cell.length_a           46.440 
_cell.length_b           56.410 
_cell.length_c           65.740 
_cell.angle_alpha        90.00 
_cell.angle_beta         90.00 
_cell.angle_gamma        90.00 
_cell.Z_PDB              4 
_cell.pdbx_unique_axis   ? 
_cell.length_a_esd       ? 
_cell.length_b_esd       ? 
_cell.length_c_esd       ? 
_cell.angle_alpha_esd    ? 
_cell.angle_beta_esd     ? 
_cell.angle_gamma_esd    ? 
# 
_symmetry.entry_id                         1D7P 
_symmetry.space_group_name_H-M             'P 21 21 21' 
_symmetry.pdbx_full_space_group_name_H-M   ? 
_symmetry.cell_setting                     ? 
_symmetry.Int_Tables_number                19 
_symmetry.space_group_name_Hall            ? 
# 
_exptl.entry_id          1D7P 
_exptl.method            'X-RAY DIFFRACTION' 
_exptl.crystals_number   3 
# 
_exptl_crystal.id                    1 
_exptl_crystal.density_meas          ? 
_exptl_crystal.density_Matthews      2.38 
_exptl_crystal.density_percent_sol   48.39 
_exptl_crystal.description           ? 
_exptl_crystal.F_000                 ? 
_exptl_crystal.preparation           ? 
# 
_exptl_crystal_grow.crystal_id      1 
_exptl_crystal_grow.method          'VAPOR DIFFUSION, SITTING DROP' 
_exptl_crystal_grow.temp            298.0 
_exptl_crystal_grow.temp_details    ? 
_exptl_crystal_grow.pH              6.5 
_exptl_crystal_grow.pdbx_details    'AMMONIUM SULFATE, pH 6.5, VAPOR DIFFUSION, SITTING DROP, temperature 298.0K' 
_exptl_crystal_grow.pdbx_pH_range   . 
# 
loop_
_diffrn.id 
_diffrn.ambient_temp 
_diffrn.ambient_temp_details 
_diffrn.crystal_id 
1 150 ? 1 
2 150 ? 1 
3 150 ? 1 
4 150 ? 1 
# 
loop_
_diffrn_detector.diffrn_id 
_diffrn_detector.detector 
_diffrn_detector.type 
_diffrn_detector.pdbx_collection_date 
_diffrn_detector.details 
1 'IMAGE PLATE' 'RIGAKU RAXIS' 1998-11-22 ? 
2 'IMAGE PLATE' 'RIGAKU RAXIS' 1998-11-23 ? 
3 CCD           ADSC           1999-01-01 ? 
4 CCD           OTHER          1999-01-01 ? 
# 
loop_
_diffrn_radiation.diffrn_id 
_diffrn_radiation.wavelength_id 
_diffrn_radiation.pdbx_monochromatic_or_laue_m_l 
_diffrn_radiation.monochromator 
_diffrn_radiation.pdbx_diffrn_protocol 
_diffrn_radiation.pdbx_scattering_type 
1 1 M ? 'SINGLE WAVELENGTH' x-ray 
2 1 M ? 'SINGLE WAVELENGTH' x-ray 
3 1 M ? 'SINGLE WAVELENGTH' x-ray 
4 1 M ? 'SINGLE WAVELENGTH' x-ray 
# 
loop_
_diffrn_radiation_wavelength.id 
_diffrn_radiation_wavelength.wavelength 
_diffrn_radiation_wavelength.wt 
1 1.5418 1.0 
2 1.0721 1.0 
3 1.0085 1.0 
# 
loop_
_diffrn_source.diffrn_id 
_diffrn_source.source 
_diffrn_source.type 
_diffrn_source.pdbx_synchrotron_site 
_diffrn_source.pdbx_synchrotron_beamline 
_diffrn_source.pdbx_wavelength 
_diffrn_source.pdbx_wavelength_list 
1 'ROTATING ANODE' 'RIGAKU RU200'       ?    ?     1.5418 1.5418 
2 'ROTATING ANODE' 'RIGAKU RU200'       ?    ?     1.5418 1.5418 
3 SYNCHROTRON      'ALS BEAMLINE 5.0.2' ALS  5.0.2 1.0721 1.0721 
4 SYNCHROTRON      'NSLS BEAMLINE X25'  NSLS X25   1.0085 1.0085 
# 
_reflns.entry_id                     1D7P 
_reflns.observed_criterion_sigma_I   2 
_reflns.observed_criterion_sigma_F   2 
_reflns.d_resolution_low             50 
_reflns.d_resolution_high            1.5 
_reflns.number_obs                   27327 
_reflns.number_all                   28338 
_reflns.percent_possible_obs         96 
_reflns.pdbx_Rmerge_I_obs            0.04 
_reflns.pdbx_Rsym_value              ? 
_reflns.pdbx_netI_over_sigmaI        13.7 
_reflns.B_iso_Wilson_estimate        14.5 
_reflns.pdbx_redundancy              4.5 
_reflns.R_free_details               ? 
_reflns.limit_h_max                  ? 
_reflns.limit_h_min                  ? 
_reflns.limit_k_max                  ? 
_reflns.limit_k_min                  ? 
_reflns.limit_l_max                  ? 
_reflns.limit_l_min                  ? 
_reflns.observed_criterion_F_max     ? 
_reflns.observed_criterion_F_min     ? 
_reflns.pdbx_chi_squared             ? 
_reflns.pdbx_scaling_rejects         ? 
_reflns.pdbx_ordinal                 1 
_reflns.pdbx_diffrn_id               1,2,3,4 
# 
_reflns_shell.d_res_high             1.5 
_reflns_shell.d_res_low              1.53 
_reflns_shell.percent_possible_all   93.9 
_reflns_shell.Rmerge_I_obs           0.188 
_reflns_shell.pdbx_Rsym_value        ? 
_reflns_shell.meanI_over_sigI_obs    ? 
_reflns_shell.pdbx_redundancy        3.5 
_reflns_shell.percent_possible_obs   ? 
_reflns_shell.number_unique_all      ? 
_reflns_shell.number_measured_all    ? 
_reflns_shell.number_measured_obs    ? 
_reflns_shell.number_unique_obs      ? 
_reflns_shell.pdbx_chi_squared       ? 
_reflns_shell.pdbx_ordinal           1 
_reflns_shell.pdbx_diffrn_id         1,2,3,4 
# 
_refine.entry_id                                 1D7P 
_refine.ls_number_reflns_obs                     27232 
_refine.ls_number_reflns_all                     27232 
_refine.pdbx_ls_sigma_I                          0 
_refine.pdbx_ls_sigma_F                          0 
_refine.pdbx_data_cutoff_high_absF               ? 
_refine.pdbx_data_cutoff_low_absF                ? 
_refine.pdbx_data_cutoff_high_rms_absF           ? 
_refine.ls_d_res_low                             50 
_refine.ls_d_res_high                            1.5 
_refine.ls_percent_reflns_obs                    96 
_refine.ls_R_factor_obs                          0.206 
_refine.ls_R_factor_all                          0.206 
_refine.ls_R_factor_R_work                       0.205 
_refine.ls_R_factor_R_free                       0.215 
_refine.ls_R_factor_R_free_error                 ? 
_refine.ls_R_factor_R_free_error_details         ? 
_refine.ls_percent_reflns_R_free                 ? 
_refine.ls_number_reflns_R_free                  1362 
_refine.ls_number_parameters                     ? 
_refine.ls_number_restraints                     ? 
_refine.occupancy_min                            ? 
_refine.occupancy_max                            ? 
_refine.B_iso_mean                               ? 
_refine.aniso_B[1][1]                            ? 
_refine.aniso_B[2][2]                            ? 
_refine.aniso_B[3][3]                            ? 
_refine.aniso_B[1][2]                            ? 
_refine.aniso_B[1][3]                            ? 
_refine.aniso_B[2][3]                            ? 
_refine.solvent_model_details                    ? 
_refine.solvent_model_param_ksol                 ? 
_refine.solvent_model_param_bsol                 ? 
_refine.pdbx_ls_cross_valid_method               ? 
_refine.details                                  ? 
_refine.pdbx_starting_model                      ? 
_refine.pdbx_method_to_determine_struct          ? 
_refine.pdbx_isotropic_thermal_model             ? 
_refine.pdbx_stereochemistry_target_values       'ENGH & HUBER' 
_refine.pdbx_stereochem_target_val_spec_case     ? 
_refine.pdbx_R_Free_selection_details            RANDOM 
_refine.pdbx_overall_ESU_R                       ? 
_refine.pdbx_overall_ESU_R_Free                  ? 
_refine.overall_SU_ML                            ? 
_refine.overall_SU_B                             ? 
_refine.ls_redundancy_reflns_obs                 ? 
_refine.B_iso_min                                ? 
_refine.B_iso_max                                ? 
_refine.correlation_coeff_Fo_to_Fc               ? 
_refine.correlation_coeff_Fo_to_Fc_free          ? 
_refine.pdbx_solvent_vdw_probe_radii             ? 
_refine.pdbx_solvent_ion_probe_radii             ? 
_refine.pdbx_solvent_shrinkage_radii             ? 
_refine.overall_SU_R_Cruickshank_DPI             ? 
_refine.overall_SU_R_free                        ? 
_refine.ls_wR_factor_R_free                      ? 
_refine.ls_wR_factor_R_work                      ? 
_refine.overall_FOM_free_R_set                   ? 
_refine.overall_FOM_work_R_set                   ? 
_refine.pdbx_overall_phase_error                 ? 
_refine.pdbx_refine_id                           'X-RAY DIFFRACTION' 
_refine.pdbx_diffrn_id                           1,2,3,4 
_refine.pdbx_TLS_residual_ADP_flag               ? 
_refine.pdbx_overall_SU_R_free_Cruickshank_DPI   ? 
_refine.pdbx_overall_SU_R_Blow_DPI               ? 
_refine.pdbx_overall_SU_R_free_Blow_DPI          ? 
# 
_refine_hist.pdbx_refine_id                   'X-RAY DIFFRACTION' 
_refine_hist.cycle_id                         LAST 
_refine_hist.pdbx_number_atoms_protein        1268 
_refine_hist.pdbx_number_atoms_nucleic_acid   0 
_refine_hist.pdbx_number_atoms_ligand         23 
_refine_hist.number_atoms_solvent             247 
_refine_hist.number_atoms_total               1538 
_refine_hist.d_res_high                       1.5 
_refine_hist.d_res_low                        50 
# 
loop_
_refine_ls_restr.type 
_refine_ls_restr.dev_ideal 
_refine_ls_restr.dev_ideal_target 
_refine_ls_restr.weight 
_refine_ls_restr.number 
_refine_ls_restr.pdbx_refine_id 
_refine_ls_restr.pdbx_restraint_function 
c_bond_d                0.006 ? ? ? 'X-RAY DIFFRACTION' ? 
c_bond_d_na             ?     ? ? ? 'X-RAY DIFFRACTION' ? 
c_bond_d_prot           ?     ? ? ? 'X-RAY DIFFRACTION' ? 
c_angle_d               ?     ? ? ? 'X-RAY DIFFRACTION' ? 
c_angle_d_na            ?     ? ? ? 'X-RAY DIFFRACTION' ? 
c_angle_d_prot          ?     ? ? ? 'X-RAY DIFFRACTION' ? 
c_angle_deg             1.47  ? ? ? 'X-RAY DIFFRACTION' ? 
c_angle_deg_na          ?     ? ? ? 'X-RAY DIFFRACTION' ? 
c_angle_deg_prot        ?     ? ? ? 'X-RAY DIFFRACTION' ? 
c_dihedral_angle_d      ?     ? ? ? 'X-RAY DIFFRACTION' ? 
c_dihedral_angle_d_na   ?     ? ? ? 'X-RAY DIFFRACTION' ? 
c_dihedral_angle_d_prot ?     ? ? ? 'X-RAY DIFFRACTION' ? 
c_improper_angle_d      ?     ? ? ? 'X-RAY DIFFRACTION' ? 
c_improper_angle_d_na   ?     ? ? ? 'X-RAY DIFFRACTION' ? 
c_improper_angle_d_prot ?     ? ? ? 'X-RAY DIFFRACTION' ? 
c_mcbond_it             ?     ? ? ? 'X-RAY DIFFRACTION' ? 
c_mcangle_it            ?     ? ? ? 'X-RAY DIFFRACTION' ? 
c_scbond_it             ?     ? ? ? 'X-RAY DIFFRACTION' ? 
c_scangle_it            ?     ? ? ? 'X-RAY DIFFRACTION' ? 
# 
_struct.entry_id                  1D7P 
_struct.title                     'Crystal structure of the c2 domain of human factor viii at 1.5 a resolution at 1.5 A' 
_struct.pdbx_model_details        ? 
_struct.pdbx_CASP_flag            ? 
_struct.pdbx_model_type_details   ? 
# 
_struct_keywords.entry_id        1D7P 
_struct_keywords.pdbx_keywords   'BLOOD CLOTTING' 
_struct_keywords.text            'BETA SANDWICH, BLOOD CLOTTING' 
# 
loop_
_struct_asym.id 
_struct_asym.pdbx_blank_PDB_chainid_flag 
_struct_asym.pdbx_modified 
_struct_asym.entity_id 
_struct_asym.details 
A N N 1 ? 
B N N 2 ? 
C N N 2 ? 
D N N 3 ? 
E N N 4 ? 
F N N 5 ? 
# 
_struct_ref.id                         1 
_struct_ref.db_name                    UNP 
_struct_ref.db_code                    FA8_HUMAN 
_struct_ref.entity_id                  1 
_struct_ref.pdbx_db_accession          P00451 
_struct_ref.pdbx_align_begin           ? 
_struct_ref.pdbx_seq_one_letter_code   ? 
_struct_ref.pdbx_db_isoform            ? 
# 
_struct_ref_seq.align_id                      1 
_struct_ref_seq.ref_id                        1 
_struct_ref_seq.pdbx_PDB_id_code              1D7P 
_struct_ref_seq.pdbx_strand_id                M 
_struct_ref_seq.seq_align_beg                 1 
_struct_ref_seq.pdbx_seq_align_beg_ins_code   ? 
_struct_ref_seq.seq_align_end                 159 
_struct_ref_seq.pdbx_seq_align_end_ins_code   ? 
_struct_ref_seq.pdbx_db_accession             P00451 
_struct_ref_seq.db_align_beg                  2190 
_struct_ref_seq.pdbx_db_align_beg_ins_code    ? 
_struct_ref_seq.db_align_end                  2348 
_struct_ref_seq.pdbx_db_align_end_ins_code    ? 
_struct_ref_seq.pdbx_auth_seq_align_beg       2171 
_struct_ref_seq.pdbx_auth_seq_align_end       2329 
# 
_struct_ref_seq_dif.align_id                     1 
_struct_ref_seq_dif.pdbx_pdb_id_code             1D7P 
_struct_ref_seq_dif.mon_id                       CYS 
_struct_ref_seq_dif.pdbx_pdb_strand_id           M 
_struct_ref_seq_dif.seq_num                      126 
_struct_ref_seq_dif.pdbx_pdb_ins_code            ? 
_struct_ref_seq_dif.pdbx_seq_db_name             UNP 
_struct_ref_seq_dif.pdbx_seq_db_accession_code   P00451 
_struct_ref_seq_dif.db_mon_id                    SER 
_struct_ref_seq_dif.pdbx_seq_db_seq_num          2315 
_struct_ref_seq_dif.details                      'engineered mutation' 
_struct_ref_seq_dif.pdbx_auth_seq_num            2296 
_struct_ref_seq_dif.pdbx_ordinal                 1 
# 
_pdbx_struct_assembly.id                   1 
_pdbx_struct_assembly.details              author_and_software_defined_assembly 
_pdbx_struct_assembly.method_details       PISA 
_pdbx_struct_assembly.oligomeric_details   monomeric 
_pdbx_struct_assembly.oligomeric_count     1 
# 
_pdbx_struct_assembly_gen.assembly_id       1 
_pdbx_struct_assembly_gen.oper_expression   1 
_pdbx_struct_assembly_gen.asym_id_list      A,B,C,D,E,F 
# 
_pdbx_struct_oper_list.id                   1 
_pdbx_struct_oper_list.type                 'identity operation' 
_pdbx_struct_oper_list.name                 1_555 
_pdbx_struct_oper_list.symmetry_operation   x,y,z 
_pdbx_struct_oper_list.matrix[1][1]         1.0000000000 
_pdbx_struct_oper_list.matrix[1][2]         0.0000000000 
_pdbx_struct_oper_list.matrix[1][3]         0.0000000000 
_pdbx_struct_oper_list.vector[1]            0.0000000000 
_pdbx_struct_oper_list.matrix[2][1]         0.0000000000 
_pdbx_struct_oper_list.matrix[2][2]         1.0000000000 
_pdbx_struct_oper_list.matrix[2][3]         0.0000000000 
_pdbx_struct_oper_list.vector[2]            0.0000000000 
_pdbx_struct_oper_list.matrix[3][1]         0.0000000000 
_pdbx_struct_oper_list.matrix[3][2]         0.0000000000 
_pdbx_struct_oper_list.matrix[3][3]         1.0000000000 
_pdbx_struct_oper_list.vector[3]            0.0000000000 
# 
_struct_biol.id                    1 
_struct_biol.pdbx_parent_biol_id   ? 
_struct_biol.details               ? 
# 
loop_
_struct_conf.conf_type_id 
_struct_conf.id 
_struct_conf.pdbx_PDB_helix_id 
_struct_conf.beg_label_comp_id 
_struct_conf.beg_label_asym_id 
_struct_conf.beg_label_seq_id 
_struct_conf.pdbx_beg_PDB_ins_code 
_struct_conf.end_label_comp_id 
_struct_conf.end_label_asym_id 
_struct_conf.end_label_seq_id 
_struct_conf.pdbx_end_PDB_ins_code 
_struct_conf.beg_auth_comp_id 
_struct_conf.beg_auth_asym_id 
_struct_conf.beg_auth_seq_id 
_struct_conf.end_auth_comp_id 
_struct_conf.end_auth_asym_id 
_struct_conf.end_auth_seq_id 
_struct_conf.pdbx_PDB_helix_class 
_struct_conf.details 
_struct_conf.pdbx_PDB_helix_length 
HELX_P HELX_P1 1 SER A 16 ? ALA A 18 ? SER M 2186 ALA M 2188 5 ? 3 
HELX_P HELX_P2 2 SER A 34 ? ALA A 38 ? SER M 2204 ALA M 2208 5 ? 5 
# 
_struct_conf_type.id          HELX_P 
_struct_conf_type.criteria    ? 
_struct_conf_type.reference   ? 
# 
loop_
_struct_conn.id 
_struct_conn.conn_type_id 
_struct_conn.pdbx_leaving_atom_flag 
_struct_conn.pdbx_PDB_id 
_struct_conn.ptnr1_label_asym_id 
_struct_conn.ptnr1_label_comp_id 
_struct_conn.ptnr1_label_seq_id 
_struct_conn.ptnr1_label_atom_id 
_struct_conn.pdbx_ptnr1_label_alt_id 
_struct_conn.pdbx_ptnr1_PDB_ins_code 
_struct_conn.pdbx_ptnr1_standard_comp_id 
_struct_conn.ptnr1_symmetry 
_struct_conn.ptnr2_label_asym_id 
_struct_conn.ptnr2_label_comp_id 
_struct_conn.ptnr2_label_seq_id 
_struct_conn.ptnr2_label_atom_id 
_struct_conn.pdbx_ptnr2_label_alt_id 
_struct_conn.pdbx_ptnr2_PDB_ins_code 
_struct_conn.ptnr1_auth_asym_id 
_struct_conn.ptnr1_auth_comp_id 
_struct_conn.ptnr1_auth_seq_id 
_struct_conn.ptnr2_auth_asym_id 
_struct_conn.ptnr2_auth_comp_id 
_struct_conn.ptnr2_auth_seq_id 
_struct_conn.ptnr2_symmetry 
_struct_conn.pdbx_ptnr3_label_atom_id 
_struct_conn.pdbx_ptnr3_label_seq_id 
_struct_conn.pdbx_ptnr3_label_comp_id 
_struct_conn.pdbx_ptnr3_label_asym_id 
_struct_conn.pdbx_ptnr3_label_alt_id 
_struct_conn.pdbx_ptnr3_PDB_ins_code 
_struct_conn.details 
_struct_conn.pdbx_dist_value 
_struct_conn.pdbx_value_order 
_struct_conn.pdbx_role 
disulf1 disulf ? ? A CYS 4   SG ? ? ? 1_555 A CYS 156 SG ? ? M CYS 2174 M CYS 2326 1_555 ? ? ? ? ? ? ? 2.507 ? ? 
disulf2 disulf ? ? A CYS 126 SG ? ? ? 1_555 D CYS .   SG ? ? M CYS 2296 M CYS 2330 1_555 ? ? ? ? ? ? ? 2.034 ? ? 
# 
_struct_conn_type.id          disulf 
_struct_conn_type.criteria    ? 
_struct_conn_type.reference   ? 
# 
loop_
_pdbx_modification_feature.ordinal 
_pdbx_modification_feature.label_comp_id 
_pdbx_modification_feature.label_asym_id 
_pdbx_modification_feature.label_seq_id 
_pdbx_modification_feature.label_alt_id 
_pdbx_modification_feature.modified_residue_label_comp_id 
_pdbx_modification_feature.modified_residue_label_asym_id 
_pdbx_modification_feature.modified_residue_label_seq_id 
_pdbx_modification_feature.modified_residue_label_alt_id 
_pdbx_modification_feature.auth_comp_id 
_pdbx_modification_feature.auth_asym_id 
_pdbx_modification_feature.auth_seq_id 
_pdbx_modification_feature.PDB_ins_code 
_pdbx_modification_feature.symmetry 
_pdbx_modification_feature.modified_residue_auth_comp_id 
_pdbx_modification_feature.modified_residue_auth_asym_id 
_pdbx_modification_feature.modified_residue_auth_seq_id 
_pdbx_modification_feature.modified_residue_PDB_ins_code 
_pdbx_modification_feature.modified_residue_symmetry 
_pdbx_modification_feature.comp_id_linking_atom 
_pdbx_modification_feature.modified_residue_id_linking_atom 
_pdbx_modification_feature.modified_residue_id 
_pdbx_modification_feature.ref_pcm_id 
_pdbx_modification_feature.ref_comp_id 
_pdbx_modification_feature.type 
_pdbx_modification_feature.category 
1 CYS A 4 ? CYS A 156 ? CYS M 2174 ? 1_555 CYS M 2326 ? 1_555 SG SG . . . None 'Disulfide bridge' 
2 CYS D . ? CYS A 126 ? CYS M 2330 ? 1_555 CYS M 2296 ? 1_555 SG SG . . . None 'Disulfide bridge' 
# 
_struct_mon_prot_cis.pdbx_id                1 
_struct_mon_prot_cis.label_comp_id          ASP 
_struct_mon_prot_cis.label_seq_id           128 
_struct_mon_prot_cis.label_asym_id          A 
_struct_mon_prot_cis.label_alt_id           . 
_struct_mon_prot_cis.pdbx_PDB_ins_code      ? 
_struct_mon_prot_cis.auth_comp_id           ASP 
_struct_mon_prot_cis.auth_seq_id            2298 
_struct_mon_prot_cis.auth_asym_id           M 
_struct_mon_prot_cis.pdbx_label_comp_id_2   PRO 
_struct_mon_prot_cis.pdbx_label_seq_id_2    129 
_struct_mon_prot_cis.pdbx_label_asym_id_2   A 
_struct_mon_prot_cis.pdbx_PDB_ins_code_2    ? 
_struct_mon_prot_cis.pdbx_auth_comp_id_2    PRO 
_struct_mon_prot_cis.pdbx_auth_seq_id_2     2299 
_struct_mon_prot_cis.pdbx_auth_asym_id_2    M 
_struct_mon_prot_cis.pdbx_PDB_model_num     1 
_struct_mon_prot_cis.pdbx_omega_angle       0.27 
# 
loop_
_struct_sheet.id 
_struct_sheet.type 
_struct_sheet.number_strands 
_struct_sheet.details 
B ? 2 ? 
C ? 2 ? 
# 
loop_
_struct_sheet_order.sheet_id 
_struct_sheet_order.range_id_1 
_struct_sheet_order.range_id_2 
_struct_sheet_order.offset 
_struct_sheet_order.sense 
B 1 2 ? anti-parallel 
C 1 2 ? anti-parallel 
# 
loop_
_struct_sheet_range.sheet_id 
_struct_sheet_range.id 
_struct_sheet_range.beg_label_comp_id 
_struct_sheet_range.beg_label_asym_id 
_struct_sheet_range.beg_label_seq_id 
_struct_sheet_range.pdbx_beg_PDB_ins_code 
_struct_sheet_range.end_label_comp_id 
_struct_sheet_range.end_label_asym_id 
_struct_sheet_range.end_label_seq_id 
_struct_sheet_range.pdbx_end_PDB_ins_code 
_struct_sheet_range.beg_auth_comp_id 
_struct_sheet_range.beg_auth_asym_id 
_struct_sheet_range.beg_auth_seq_id 
_struct_sheet_range.end_auth_comp_id 
_struct_sheet_range.end_auth_asym_id 
_struct_sheet_range.end_auth_seq_id 
B 1 PHE A 26  ? ASN A 28  ? PHE M 2196 ASN M 2198 
B 2 ALA A 31  ? TRP A 33  ? ALA M 2201 TRP M 2203 
C 1 PHE A 105 ? GLN A 106 ? PHE M 2275 GLN M 2276 
C 2 LYS A 109 ? VAL A 110 ? LYS M 2279 VAL M 2280 
# 
loop_
_pdbx_struct_sheet_hbond.sheet_id 
_pdbx_struct_sheet_hbond.range_id_1 
_pdbx_struct_sheet_hbond.range_id_2 
_pdbx_struct_sheet_hbond.range_1_label_atom_id 
_pdbx_struct_sheet_hbond.range_1_label_comp_id 
_pdbx_struct_sheet_hbond.range_1_label_asym_id 
_pdbx_struct_sheet_hbond.range_1_label_seq_id 
_pdbx_struct_sheet_hbond.range_1_PDB_ins_code 
_pdbx_struct_sheet_hbond.range_1_auth_atom_id 
_pdbx_struct_sheet_hbond.range_1_auth_comp_id 
_pdbx_struct_sheet_hbond.range_1_auth_asym_id 
_pdbx_struct_sheet_hbond.range_1_auth_seq_id 
_pdbx_struct_sheet_hbond.range_2_label_atom_id 
_pdbx_struct_sheet_hbond.range_2_label_comp_id 
_pdbx_struct_sheet_hbond.range_2_label_asym_id 
_pdbx_struct_sheet_hbond.range_2_label_seq_id 
_pdbx_struct_sheet_hbond.range_2_PDB_ins_code 
_pdbx_struct_sheet_hbond.range_2_auth_atom_id 
_pdbx_struct_sheet_hbond.range_2_auth_comp_id 
_pdbx_struct_sheet_hbond.range_2_auth_asym_id 
_pdbx_struct_sheet_hbond.range_2_auth_seq_id 
B 1 2 N ASN A 28  ? N ASN M 2198 O ALA A 31  ? O ALA M 2201 
C 1 2 N GLN A 106 ? N GLN M 2276 O LYS A 109 ? O LYS M 2279 
# 
loop_
_struct_site.id 
_struct_site.pdbx_evidence_code 
_struct_site.pdbx_auth_asym_id 
_struct_site.pdbx_auth_comp_id 
_struct_site.pdbx_auth_seq_id 
_struct_site.pdbx_auth_ins_code 
_struct_site.pdbx_num_residues 
_struct_site.details 
AC1 Software M SO4 2332 ? 8 'BINDING SITE FOR RESIDUE SO4 M 2332' 
AC2 Software M SO4 2333 ? 5 'BINDING SITE FOR RESIDUE SO4 M 2333' 
AC3 Software M CYS 2330 ? 9 'BINDING SITE FOR RESIDUE CYS M 2330' 
AC4 Software M GOL 2331 ? 9 'BINDING SITE FOR RESIDUE GOL M 2331' 
# 
loop_
_struct_site_gen.id 
_struct_site_gen.site_id 
_struct_site_gen.pdbx_num_res 
_struct_site_gen.label_comp_id 
_struct_site_gen.label_asym_id 
_struct_site_gen.label_seq_id 
_struct_site_gen.pdbx_auth_ins_code 
_struct_site_gen.auth_comp_id 
_struct_site_gen.auth_asym_id 
_struct_site_gen.auth_seq_id 
_struct_site_gen.label_atom_id 
_struct_site_gen.label_alt_id 
_struct_site_gen.symmetry 
_struct_site_gen.details 
1  AC1 8 HOH F .   ? HOH M 31   . ? 1_555 ? 
2  AC1 8 HOH F .   ? HOH M 40   . ? 1_555 ? 
3  AC1 8 HOH F .   ? HOH M 118  . ? 1_555 ? 
4  AC1 8 HIS A 41  ? HIS M 2211 . ? 1_555 ? 
5  AC1 8 GLN A 43  ? GLN M 2213 . ? 1_555 ? 
6  AC1 8 GLN A 76  ? GLN M 2246 . ? 1_555 ? 
7  AC1 8 PHE A 120 ? PHE M 2290 . ? 1_555 ? 
8  AC1 8 ARG A 150 ? ARG M 2320 . ? 1_555 ? 
9  AC2 5 HOH F .   ? HOH M 140  . ? 1_555 ? 
10 AC2 5 VAL A 53  ? VAL M 2223 . ? 3_645 ? 
11 AC2 5 ASN A 54  ? ASN M 2224 . ? 3_645 ? 
12 AC2 5 ASN A 107 ? ASN M 2277 . ? 1_555 ? 
13 AC2 5 LYS A 109 ? LYS M 2279 . ? 1_555 ? 
14 AC3 9 HOH F .   ? HOH M 111  . ? 1_555 ? 
15 AC3 9 ASN A 2   ? ASN M 2172 . ? 1_555 ? 
16 AC3 9 SER A 5   ? SER M 2175 . ? 1_555 ? 
17 AC3 9 THR A 71  ? THR M 2241 . ? 1_555 ? 
18 AC3 9 GLN A 100 ? GLN M 2270 . ? 4_555 ? 
19 AC3 9 TRP A 101 ? TRP M 2271 . ? 4_555 ? 
20 AC3 9 THR A 102 ? THR M 2272 . ? 4_555 ? 
21 AC3 9 VAL A 124 ? VAL M 2294 . ? 1_555 ? 
22 AC3 9 CYS A 126 ? CYS M 2296 . ? 1_555 ? 
23 AC4 9 HOH F .   ? HOH M 73   . ? 1_555 ? 
24 AC4 9 HOH F .   ? HOH M 80   . ? 1_555 ? 
25 AC4 9 HOH F .   ? HOH M 412  . ? 1_555 ? 
26 AC4 9 MET A 6   ? MET M 2176 . ? 2_665 ? 
27 AC4 9 ALA A 31  ? ALA M 2201 . ? 1_555 ? 
28 AC4 9 TRP A 33  ? TRP M 2203 . ? 1_555 ? 
29 AC4 9 ARG A 50  ? ARG M 2220 . ? 1_555 ? 
30 AC4 9 SER A 80  ? SER M 2250 . ? 1_555 ? 
31 AC4 9 GLY A 108 ? GLY M 2278 . ? 3_655 ? 
# 
_pdbx_entry_details.entry_id                   1D7P 
_pdbx_entry_details.compound_details           ? 
_pdbx_entry_details.source_details             ? 
_pdbx_entry_details.nonpolymer_details         ? 
_pdbx_entry_details.sequence_details           ? 
_pdbx_entry_details.has_ligand_of_interest     ? 
_pdbx_entry_details.has_protein_modification   Y 
# 
loop_
_pdbx_validate_close_contact.id 
_pdbx_validate_close_contact.PDB_model_num 
_pdbx_validate_close_contact.auth_atom_id_1 
_pdbx_validate_close_contact.auth_asym_id_1 
_pdbx_validate_close_contact.auth_comp_id_1 
_pdbx_validate_close_contact.auth_seq_id_1 
_pdbx_validate_close_contact.PDB_ins_code_1 
_pdbx_validate_close_contact.label_alt_id_1 
_pdbx_validate_close_contact.auth_atom_id_2 
_pdbx_validate_close_contact.auth_asym_id_2 
_pdbx_validate_close_contact.auth_comp_id_2 
_pdbx_validate_close_contact.auth_seq_id_2 
_pdbx_validate_close_contact.PDB_ins_code_2 
_pdbx_validate_close_contact.label_alt_id_2 
_pdbx_validate_close_contact.dist 
1 1 O M HOH 139 ? ? O M HOH 423 ? ? 0.16 
2 1 O M HOH 41  ? ? O M HOH 419 ? ? 0.55 
# 
_pdbx_validate_symm_contact.id                1 
_pdbx_validate_symm_contact.PDB_model_num     1 
_pdbx_validate_symm_contact.auth_atom_id_1    O 
_pdbx_validate_symm_contact.auth_asym_id_1    M 
_pdbx_validate_symm_contact.auth_comp_id_1    HOH 
_pdbx_validate_symm_contact.auth_seq_id_1     129 
_pdbx_validate_symm_contact.PDB_ins_code_1    ? 
_pdbx_validate_symm_contact.label_alt_id_1    ? 
_pdbx_validate_symm_contact.site_symmetry_1   1_555 
_pdbx_validate_symm_contact.auth_atom_id_2    O 
_pdbx_validate_symm_contact.auth_asym_id_2    M 
_pdbx_validate_symm_contact.auth_comp_id_2    HOH 
_pdbx_validate_symm_contact.auth_seq_id_2     201 
_pdbx_validate_symm_contact.PDB_ins_code_2    ? 
_pdbx_validate_symm_contact.label_alt_id_2    ? 
_pdbx_validate_symm_contact.site_symmetry_2   2_664 
_pdbx_validate_symm_contact.dist              0.44 
# 
loop_
_pdbx_validate_rmsd_angle.id 
_pdbx_validate_rmsd_angle.PDB_model_num 
_pdbx_validate_rmsd_angle.auth_atom_id_1 
_pdbx_validate_rmsd_angle.auth_asym_id_1 
_pdbx_validate_rmsd_angle.auth_comp_id_1 
_pdbx_validate_rmsd_angle.auth_seq_id_1 
_pdbx_validate_rmsd_angle.PDB_ins_code_1 
_pdbx_validate_rmsd_angle.label_alt_id_1 
_pdbx_validate_rmsd_angle.auth_atom_id_2 
_pdbx_validate_rmsd_angle.auth_asym_id_2 
_pdbx_validate_rmsd_angle.auth_comp_id_2 
_pdbx_validate_rmsd_angle.auth_seq_id_2 
_pdbx_validate_rmsd_angle.PDB_ins_code_2 
_pdbx_validate_rmsd_angle.label_alt_id_2 
_pdbx_validate_rmsd_angle.auth_atom_id_3 
_pdbx_validate_rmsd_angle.auth_asym_id_3 
_pdbx_validate_rmsd_angle.auth_comp_id_3 
_pdbx_validate_rmsd_angle.auth_seq_id_3 
_pdbx_validate_rmsd_angle.PDB_ins_code_3 
_pdbx_validate_rmsd_angle.label_alt_id_3 
_pdbx_validate_rmsd_angle.angle_value 
_pdbx_validate_rmsd_angle.angle_target_value 
_pdbx_validate_rmsd_angle.angle_deviation 
_pdbx_validate_rmsd_angle.angle_standard_deviation 
_pdbx_validate_rmsd_angle.linker_flag 
1 1 NE M ARG 2215 ? ? CZ M ARG 2215 ? ? NH2 M ARG 2215 ? ? 123.82 120.30 3.52 0.50 N 
2 1 NE M ARG 2220 ? ? CZ M ARG 2220 ? ? NH2 M ARG 2220 ? ? 123.71 120.30 3.41 0.50 N 
3 1 NE M ARG 2304 ? ? CZ M ARG 2304 ? ? NH2 M ARG 2304 ? ? 123.45 120.30 3.15 0.50 N 
4 1 NE M ARG 2307 ? ? CZ M ARG 2307 ? ? NH2 M ARG 2307 ? ? 123.51 120.30 3.21 0.50 N 
5 1 NE M ARG 2320 ? ? CZ M ARG 2320 ? ? NH2 M ARG 2320 ? ? 123.64 120.30 3.34 0.50 N 
# 
loop_
_pdbx_validate_torsion.id 
_pdbx_validate_torsion.PDB_model_num 
_pdbx_validate_torsion.auth_comp_id 
_pdbx_validate_torsion.auth_asym_id 
_pdbx_validate_torsion.auth_seq_id 
_pdbx_validate_torsion.PDB_ins_code 
_pdbx_validate_torsion.label_alt_id 
_pdbx_validate_torsion.phi 
_pdbx_validate_torsion.psi 
1 1 SER M 2175 ? ? -161.95 43.25   
2 1 LYS M 2183 ? ? 81.00   16.01   
3 1 SER M 2206 ? ? -69.69  1.47    
4 1 ALA M 2208 ? ? -77.52  49.60   
5 1 PRO M 2226 ? ? -67.24  0.80    
6 1 LEU M 2251 ? ? 61.20   -117.83 
7 1 HIS M 2315 ? ? 70.32   -61.64  
8 1 CYS M 2326 ? ? -161.17 -169.20 
9 1 ALA M 2328 ? ? -116.92 -137.97 
# 
loop_
_chem_comp_atom.comp_id 
_chem_comp_atom.atom_id 
_chem_comp_atom.type_symbol 
_chem_comp_atom.pdbx_aromatic_flag 
_chem_comp_atom.pdbx_stereo_config 
_chem_comp_atom.pdbx_ordinal 
ALA N    N N N 1   
ALA CA   C N S 2   
ALA C    C N N 3   
ALA O    O N N 4   
ALA CB   C N N 5   
ALA OXT  O N N 6   
ALA H    H N N 7   
ALA H2   H N N 8   
ALA HA   H N N 9   
ALA HB1  H N N 10  
ALA HB2  H N N 11  
ALA HB3  H N N 12  
ALA HXT  H N N 13  
ARG N    N N N 14  
ARG CA   C N S 15  
ARG C    C N N 16  
ARG O    O N N 17  
ARG CB   C N N 18  
ARG CG   C N N 19  
ARG CD   C N N 20  
ARG NE   N N N 21  
ARG CZ   C N N 22  
ARG NH1  N N N 23  
ARG NH2  N N N 24  
ARG OXT  O N N 25  
ARG H    H N N 26  
ARG H2   H N N 27  
ARG HA   H N N 28  
ARG HB2  H N N 29  
ARG HB3  H N N 30  
ARG HG2  H N N 31  
ARG HG3  H N N 32  
ARG HD2  H N N 33  
ARG HD3  H N N 34  
ARG HE   H N N 35  
ARG HH11 H N N 36  
ARG HH12 H N N 37  
ARG HH21 H N N 38  
ARG HH22 H N N 39  
ARG HXT  H N N 40  
ASN N    N N N 41  
ASN CA   C N S 42  
ASN C    C N N 43  
ASN O    O N N 44  
ASN CB   C N N 45  
ASN CG   C N N 46  
ASN OD1  O N N 47  
ASN ND2  N N N 48  
ASN OXT  O N N 49  
ASN H    H N N 50  
ASN H2   H N N 51  
ASN HA   H N N 52  
ASN HB2  H N N 53  
ASN HB3  H N N 54  
ASN HD21 H N N 55  
ASN HD22 H N N 56  
ASN HXT  H N N 57  
ASP N    N N N 58  
ASP CA   C N S 59  
ASP C    C N N 60  
ASP O    O N N 61  
ASP CB   C N N 62  
ASP CG   C N N 63  
ASP OD1  O N N 64  
ASP OD2  O N N 65  
ASP OXT  O N N 66  
ASP H    H N N 67  
ASP H2   H N N 68  
ASP HA   H N N 69  
ASP HB2  H N N 70  
ASP HB3  H N N 71  
ASP HD2  H N N 72  
ASP HXT  H N N 73  
CYS N    N N N 74  
CYS CA   C N R 75  
CYS C    C N N 76  
CYS O    O N N 77  
CYS CB   C N N 78  
CYS SG   S N N 79  
CYS OXT  O N N 80  
CYS H    H N N 81  
CYS H2   H N N 82  
CYS HA   H N N 83  
CYS HB2  H N N 84  
CYS HB3  H N N 85  
CYS HG   H N N 86  
CYS HXT  H N N 87  
GLN N    N N N 88  
GLN CA   C N S 89  
GLN C    C N N 90  
GLN O    O N N 91  
GLN CB   C N N 92  
GLN CG   C N N 93  
GLN CD   C N N 94  
GLN OE1  O N N 95  
GLN NE2  N N N 96  
GLN OXT  O N N 97  
GLN H    H N N 98  
GLN H2   H N N 99  
GLN HA   H N N 100 
GLN HB2  H N N 101 
GLN HB3  H N N 102 
GLN HG2  H N N 103 
GLN HG3  H N N 104 
GLN HE21 H N N 105 
GLN HE22 H N N 106 
GLN HXT  H N N 107 
GLU N    N N N 108 
GLU CA   C N S 109 
GLU C    C N N 110 
GLU O    O N N 111 
GLU CB   C N N 112 
GLU CG   C N N 113 
GLU CD   C N N 114 
GLU OE1  O N N 115 
GLU OE2  O N N 116 
GLU OXT  O N N 117 
GLU H    H N N 118 
GLU H2   H N N 119 
GLU HA   H N N 120 
GLU HB2  H N N 121 
GLU HB3  H N N 122 
GLU HG2  H N N 123 
GLU HG3  H N N 124 
GLU HE2  H N N 125 
GLU HXT  H N N 126 
GLY N    N N N 127 
GLY CA   C N N 128 
GLY C    C N N 129 
GLY O    O N N 130 
GLY OXT  O N N 131 
GLY H    H N N 132 
GLY H2   H N N 133 
GLY HA2  H N N 134 
GLY HA3  H N N 135 
GLY HXT  H N N 136 
GOL C1   C N N 137 
GOL O1   O N N 138 
GOL C2   C N N 139 
GOL O2   O N N 140 
GOL C3   C N N 141 
GOL O3   O N N 142 
GOL H11  H N N 143 
GOL H12  H N N 144 
GOL HO1  H N N 145 
GOL H2   H N N 146 
GOL HO2  H N N 147 
GOL H31  H N N 148 
GOL H32  H N N 149 
GOL HO3  H N N 150 
HIS N    N N N 151 
HIS CA   C N S 152 
HIS C    C N N 153 
HIS O    O N N 154 
HIS CB   C N N 155 
HIS CG   C Y N 156 
HIS ND1  N Y N 157 
HIS CD2  C Y N 158 
HIS CE1  C Y N 159 
HIS NE2  N Y N 160 
HIS OXT  O N N 161 
HIS H    H N N 162 
HIS H2   H N N 163 
HIS HA   H N N 164 
HIS HB2  H N N 165 
HIS HB3  H N N 166 
HIS HD1  H N N 167 
HIS HD2  H N N 168 
HIS HE1  H N N 169 
HIS HE2  H N N 170 
HIS HXT  H N N 171 
HOH O    O N N 172 
HOH H1   H N N 173 
HOH H2   H N N 174 
ILE N    N N N 175 
ILE CA   C N S 176 
ILE C    C N N 177 
ILE O    O N N 178 
ILE CB   C N S 179 
ILE CG1  C N N 180 
ILE CG2  C N N 181 
ILE CD1  C N N 182 
ILE OXT  O N N 183 
ILE H    H N N 184 
ILE H2   H N N 185 
ILE HA   H N N 186 
ILE HB   H N N 187 
ILE HG12 H N N 188 
ILE HG13 H N N 189 
ILE HG21 H N N 190 
ILE HG22 H N N 191 
ILE HG23 H N N 192 
ILE HD11 H N N 193 
ILE HD12 H N N 194 
ILE HD13 H N N 195 
ILE HXT  H N N 196 
LEU N    N N N 197 
LEU CA   C N S 198 
LEU C    C N N 199 
LEU O    O N N 200 
LEU CB   C N N 201 
LEU CG   C N N 202 
LEU CD1  C N N 203 
LEU CD2  C N N 204 
LEU OXT  O N N 205 
LEU H    H N N 206 
LEU H2   H N N 207 
LEU HA   H N N 208 
LEU HB2  H N N 209 
LEU HB3  H N N 210 
LEU HG   H N N 211 
LEU HD11 H N N 212 
LEU HD12 H N N 213 
LEU HD13 H N N 214 
LEU HD21 H N N 215 
LEU HD22 H N N 216 
LEU HD23 H N N 217 
LEU HXT  H N N 218 
LYS N    N N N 219 
LYS CA   C N S 220 
LYS C    C N N 221 
LYS O    O N N 222 
LYS CB   C N N 223 
LYS CG   C N N 224 
LYS CD   C N N 225 
LYS CE   C N N 226 
LYS NZ   N N N 227 
LYS OXT  O N N 228 
LYS H    H N N 229 
LYS H2   H N N 230 
LYS HA   H N N 231 
LYS HB2  H N N 232 
LYS HB3  H N N 233 
LYS HG2  H N N 234 
LYS HG3  H N N 235 
LYS HD2  H N N 236 
LYS HD3  H N N 237 
LYS HE2  H N N 238 
LYS HE3  H N N 239 
LYS HZ1  H N N 240 
LYS HZ2  H N N 241 
LYS HZ3  H N N 242 
LYS HXT  H N N 243 
MET N    N N N 244 
MET CA   C N S 245 
MET C    C N N 246 
MET O    O N N 247 
MET CB   C N N 248 
MET CG   C N N 249 
MET SD   S N N 250 
MET CE   C N N 251 
MET OXT  O N N 252 
MET H    H N N 253 
MET H2   H N N 254 
MET HA   H N N 255 
MET HB2  H N N 256 
MET HB3  H N N 257 
MET HG2  H N N 258 
MET HG3  H N N 259 
MET HE1  H N N 260 
MET HE2  H N N 261 
MET HE3  H N N 262 
MET HXT  H N N 263 
PHE N    N N N 264 
PHE CA   C N S 265 
PHE C    C N N 266 
PHE O    O N N 267 
PHE CB   C N N 268 
PHE CG   C Y N 269 
PHE CD1  C Y N 270 
PHE CD2  C Y N 271 
PHE CE1  C Y N 272 
PHE CE2  C Y N 273 
PHE CZ   C Y N 274 
PHE OXT  O N N 275 
PHE H    H N N 276 
PHE H2   H N N 277 
PHE HA   H N N 278 
PHE HB2  H N N 279 
PHE HB3  H N N 280 
PHE HD1  H N N 281 
PHE HD2  H N N 282 
PHE HE1  H N N 283 
PHE HE2  H N N 284 
PHE HZ   H N N 285 
PHE HXT  H N N 286 
PRO N    N N N 287 
PRO CA   C N S 288 
PRO C    C N N 289 
PRO O    O N N 290 
PRO CB   C N N 291 
PRO CG   C N N 292 
PRO CD   C N N 293 
PRO OXT  O N N 294 
PRO H    H N N 295 
PRO HA   H N N 296 
PRO HB2  H N N 297 
PRO HB3  H N N 298 
PRO HG2  H N N 299 
PRO HG3  H N N 300 
PRO HD2  H N N 301 
PRO HD3  H N N 302 
PRO HXT  H N N 303 
SER N    N N N 304 
SER CA   C N S 305 
SER C    C N N 306 
SER O    O N N 307 
SER CB   C N N 308 
SER OG   O N N 309 
SER OXT  O N N 310 
SER H    H N N 311 
SER H2   H N N 312 
SER HA   H N N 313 
SER HB2  H N N 314 
SER HB3  H N N 315 
SER HG   H N N 316 
SER HXT  H N N 317 
SO4 S    S N N 318 
SO4 O1   O N N 319 
SO4 O2   O N N 320 
SO4 O3   O N N 321 
SO4 O4   O N N 322 
THR N    N N N 323 
THR CA   C N S 324 
THR C    C N N 325 
THR O    O N N 326 
THR CB   C N R 327 
THR OG1  O N N 328 
THR CG2  C N N 329 
THR OXT  O N N 330 
THR H    H N N 331 
THR H2   H N N 332 
THR HA   H N N 333 
THR HB   H N N 334 
THR HG1  H N N 335 
THR HG21 H N N 336 
THR HG22 H N N 337 
THR HG23 H N N 338 
THR HXT  H N N 339 
TRP N    N N N 340 
TRP CA   C N S 341 
TRP C    C N N 342 
TRP O    O N N 343 
TRP CB   C N N 344 
TRP CG   C Y N 345 
TRP CD1  C Y N 346 
TRP CD2  C Y N 347 
TRP NE1  N Y N 348 
TRP CE2  C Y N 349 
TRP CE3  C Y N 350 
TRP CZ2  C Y N 351 
TRP CZ3  C Y N 352 
TRP CH2  C Y N 353 
TRP OXT  O N N 354 
TRP H    H N N 355 
TRP H2   H N N 356 
TRP HA   H N N 357 
TRP HB2  H N N 358 
TRP HB3  H N N 359 
TRP HD1  H N N 360 
TRP HE1  H N N 361 
TRP HE3  H N N 362 
TRP HZ2  H N N 363 
TRP HZ3  H N N 364 
TRP HH2  H N N 365 
TRP HXT  H N N 366 
TYR N    N N N 367 
TYR CA   C N S 368 
TYR C    C N N 369 
TYR O    O N N 370 
TYR CB   C N N 371 
TYR CG   C Y N 372 
TYR CD1  C Y N 373 
TYR CD2  C Y N 374 
TYR CE1  C Y N 375 
TYR CE2  C Y N 376 
TYR CZ   C Y N 377 
TYR OH   O N N 378 
TYR OXT  O N N 379 
TYR H    H N N 380 
TYR H2   H N N 381 
TYR HA   H N N 382 
TYR HB2  H N N 383 
TYR HB3  H N N 384 
TYR HD1  H N N 385 
TYR HD2  H N N 386 
TYR HE1  H N N 387 
TYR HE2  H N N 388 
TYR HH   H N N 389 
TYR HXT  H N N 390 
VAL N    N N N 391 
VAL CA   C N S 392 
VAL C    C N N 393 
VAL O    O N N 394 
VAL CB   C N N 395 
VAL CG1  C N N 396 
VAL CG2  C N N 397 
VAL OXT  O N N 398 
VAL H    H N N 399 
VAL H2   H N N 400 
VAL HA   H N N 401 
VAL HB   H N N 402 
VAL HG11 H N N 403 
VAL HG12 H N N 404 
VAL HG13 H N N 405 
VAL HG21 H N N 406 
VAL HG22 H N N 407 
VAL HG23 H N N 408 
VAL HXT  H N N 409 
# 
loop_
_chem_comp_bond.comp_id 
_chem_comp_bond.atom_id_1 
_chem_comp_bond.atom_id_2 
_chem_comp_bond.value_order 
_chem_comp_bond.pdbx_aromatic_flag 
_chem_comp_bond.pdbx_stereo_config 
_chem_comp_bond.pdbx_ordinal 
ALA N   CA   sing N N 1   
ALA N   H    sing N N 2   
ALA N   H2   sing N N 3   
ALA CA  C    sing N N 4   
ALA CA  CB   sing N N 5   
ALA CA  HA   sing N N 6   
ALA C   O    doub N N 7   
ALA C   OXT  sing N N 8   
ALA CB  HB1  sing N N 9   
ALA CB  HB2  sing N N 10  
ALA CB  HB3  sing N N 11  
ALA OXT HXT  sing N N 12  
ARG N   CA   sing N N 13  
ARG N   H    sing N N 14  
ARG N   H2   sing N N 15  
ARG CA  C    sing N N 16  
ARG CA  CB   sing N N 17  
ARG CA  HA   sing N N 18  
ARG C   O    doub N N 19  
ARG C   OXT  sing N N 20  
ARG CB  CG   sing N N 21  
ARG CB  HB2  sing N N 22  
ARG CB  HB3  sing N N 23  
ARG CG  CD   sing N N 24  
ARG CG  HG2  sing N N 25  
ARG CG  HG3  sing N N 26  
ARG CD  NE   sing N N 27  
ARG CD  HD2  sing N N 28  
ARG CD  HD3  sing N N 29  
ARG NE  CZ   sing N N 30  
ARG NE  HE   sing N N 31  
ARG CZ  NH1  sing N N 32  
ARG CZ  NH2  doub N N 33  
ARG NH1 HH11 sing N N 34  
ARG NH1 HH12 sing N N 35  
ARG NH2 HH21 sing N N 36  
ARG NH2 HH22 sing N N 37  
ARG OXT HXT  sing N N 38  
ASN N   CA   sing N N 39  
ASN N   H    sing N N 40  
ASN N   H2   sing N N 41  
ASN CA  C    sing N N 42  
ASN CA  CB   sing N N 43  
ASN CA  HA   sing N N 44  
ASN C   O    doub N N 45  
ASN C   OXT  sing N N 46  
ASN CB  CG   sing N N 47  
ASN CB  HB2  sing N N 48  
ASN CB  HB3  sing N N 49  
ASN CG  OD1  doub N N 50  
ASN CG  ND2  sing N N 51  
ASN ND2 HD21 sing N N 52  
ASN ND2 HD22 sing N N 53  
ASN OXT HXT  sing N N 54  
ASP N   CA   sing N N 55  
ASP N   H    sing N N 56  
ASP N   H2   sing N N 57  
ASP CA  C    sing N N 58  
ASP CA  CB   sing N N 59  
ASP CA  HA   sing N N 60  
ASP C   O    doub N N 61  
ASP C   OXT  sing N N 62  
ASP CB  CG   sing N N 63  
ASP CB  HB2  sing N N 64  
ASP CB  HB3  sing N N 65  
ASP CG  OD1  doub N N 66  
ASP CG  OD2  sing N N 67  
ASP OD2 HD2  sing N N 68  
ASP OXT HXT  sing N N 69  
CYS N   CA   sing N N 70  
CYS N   H    sing N N 71  
CYS N   H2   sing N N 72  
CYS CA  C    sing N N 73  
CYS CA  CB   sing N N 74  
CYS CA  HA   sing N N 75  
CYS C   O    doub N N 76  
CYS C   OXT  sing N N 77  
CYS CB  SG   sing N N 78  
CYS CB  HB2  sing N N 79  
CYS CB  HB3  sing N N 80  
CYS SG  HG   sing N N 81  
CYS OXT HXT  sing N N 82  
GLN N   CA   sing N N 83  
GLN N   H    sing N N 84  
GLN N   H2   sing N N 85  
GLN CA  C    sing N N 86  
GLN CA  CB   sing N N 87  
GLN CA  HA   sing N N 88  
GLN C   O    doub N N 89  
GLN C   OXT  sing N N 90  
GLN CB  CG   sing N N 91  
GLN CB  HB2  sing N N 92  
GLN CB  HB3  sing N N 93  
GLN CG  CD   sing N N 94  
GLN CG  HG2  sing N N 95  
GLN CG  HG3  sing N N 96  
GLN CD  OE1  doub N N 97  
GLN CD  NE2  sing N N 98  
GLN NE2 HE21 sing N N 99  
GLN NE2 HE22 sing N N 100 
GLN OXT HXT  sing N N 101 
GLU N   CA   sing N N 102 
GLU N   H    sing N N 103 
GLU N   H2   sing N N 104 
GLU CA  C    sing N N 105 
GLU CA  CB   sing N N 106 
GLU CA  HA   sing N N 107 
GLU C   O    doub N N 108 
GLU C   OXT  sing N N 109 
GLU CB  CG   sing N N 110 
GLU CB  HB2  sing N N 111 
GLU CB  HB3  sing N N 112 
GLU CG  CD   sing N N 113 
GLU CG  HG2  sing N N 114 
GLU CG  HG3  sing N N 115 
GLU CD  OE1  doub N N 116 
GLU CD  OE2  sing N N 117 
GLU OE2 HE2  sing N N 118 
GLU OXT HXT  sing N N 119 
GLY N   CA   sing N N 120 
GLY N   H    sing N N 121 
GLY N   H2   sing N N 122 
GLY CA  C    sing N N 123 
GLY CA  HA2  sing N N 124 
GLY CA  HA3  sing N N 125 
GLY C   O    doub N N 126 
GLY C   OXT  sing N N 127 
GLY OXT HXT  sing N N 128 
GOL C1  O1   sing N N 129 
GOL C1  C2   sing N N 130 
GOL C1  H11  sing N N 131 
GOL C1  H12  sing N N 132 
GOL O1  HO1  sing N N 133 
GOL C2  O2   sing N N 134 
GOL C2  C3   sing N N 135 
GOL C2  H2   sing N N 136 
GOL O2  HO2  sing N N 137 
GOL C3  O3   sing N N 138 
GOL C3  H31  sing N N 139 
GOL C3  H32  sing N N 140 
GOL O3  HO3  sing N N 141 
HIS N   CA   sing N N 142 
HIS N   H    sing N N 143 
HIS N   H2   sing N N 144 
HIS CA  C    sing N N 145 
HIS CA  CB   sing N N 146 
HIS CA  HA   sing N N 147 
HIS C   O    doub N N 148 
HIS C   OXT  sing N N 149 
HIS CB  CG   sing N N 150 
HIS CB  HB2  sing N N 151 
HIS CB  HB3  sing N N 152 
HIS CG  ND1  sing Y N 153 
HIS CG  CD2  doub Y N 154 
HIS ND1 CE1  doub Y N 155 
HIS ND1 HD1  sing N N 156 
HIS CD2 NE2  sing Y N 157 
HIS CD2 HD2  sing N N 158 
HIS CE1 NE2  sing Y N 159 
HIS CE1 HE1  sing N N 160 
HIS NE2 HE2  sing N N 161 
HIS OXT HXT  sing N N 162 
HOH O   H1   sing N N 163 
HOH O   H2   sing N N 164 
ILE N   CA   sing N N 165 
ILE N   H    sing N N 166 
ILE N   H2   sing N N 167 
ILE CA  C    sing N N 168 
ILE CA  CB   sing N N 169 
ILE CA  HA   sing N N 170 
ILE C   O    doub N N 171 
ILE C   OXT  sing N N 172 
ILE CB  CG1  sing N N 173 
ILE CB  CG2  sing N N 174 
ILE CB  HB   sing N N 175 
ILE CG1 CD1  sing N N 176 
ILE CG1 HG12 sing N N 177 
ILE CG1 HG13 sing N N 178 
ILE CG2 HG21 sing N N 179 
ILE CG2 HG22 sing N N 180 
ILE CG2 HG23 sing N N 181 
ILE CD1 HD11 sing N N 182 
ILE CD1 HD12 sing N N 183 
ILE CD1 HD13 sing N N 184 
ILE OXT HXT  sing N N 185 
LEU N   CA   sing N N 186 
LEU N   H    sing N N 187 
LEU N   H2   sing N N 188 
LEU CA  C    sing N N 189 
LEU CA  CB   sing N N 190 
LEU CA  HA   sing N N 191 
LEU C   O    doub N N 192 
LEU C   OXT  sing N N 193 
LEU CB  CG   sing N N 194 
LEU CB  HB2  sing N N 195 
LEU CB  HB3  sing N N 196 
LEU CG  CD1  sing N N 197 
LEU CG  CD2  sing N N 198 
LEU CG  HG   sing N N 199 
LEU CD1 HD11 sing N N 200 
LEU CD1 HD12 sing N N 201 
LEU CD1 HD13 sing N N 202 
LEU CD2 HD21 sing N N 203 
LEU CD2 HD22 sing N N 204 
LEU CD2 HD23 sing N N 205 
LEU OXT HXT  sing N N 206 
LYS N   CA   sing N N 207 
LYS N   H    sing N N 208 
LYS N   H2   sing N N 209 
LYS CA  C    sing N N 210 
LYS CA  CB   sing N N 211 
LYS CA  HA   sing N N 212 
LYS C   O    doub N N 213 
LYS C   OXT  sing N N 214 
LYS CB  CG   sing N N 215 
LYS CB  HB2  sing N N 216 
LYS CB  HB3  sing N N 217 
LYS CG  CD   sing N N 218 
LYS CG  HG2  sing N N 219 
LYS CG  HG3  sing N N 220 
LYS CD  CE   sing N N 221 
LYS CD  HD2  sing N N 222 
LYS CD  HD3  sing N N 223 
LYS CE  NZ   sing N N 224 
LYS CE  HE2  sing N N 225 
LYS CE  HE3  sing N N 226 
LYS NZ  HZ1  sing N N 227 
LYS NZ  HZ2  sing N N 228 
LYS NZ  HZ3  sing N N 229 
LYS OXT HXT  sing N N 230 
MET N   CA   sing N N 231 
MET N   H    sing N N 232 
MET N   H2   sing N N 233 
MET CA  C    sing N N 234 
MET CA  CB   sing N N 235 
MET CA  HA   sing N N 236 
MET C   O    doub N N 237 
MET C   OXT  sing N N 238 
MET CB  CG   sing N N 239 
MET CB  HB2  sing N N 240 
MET CB  HB3  sing N N 241 
MET CG  SD   sing N N 242 
MET CG  HG2  sing N N 243 
MET CG  HG3  sing N N 244 
MET SD  CE   sing N N 245 
MET CE  HE1  sing N N 246 
MET CE  HE2  sing N N 247 
MET CE  HE3  sing N N 248 
MET OXT HXT  sing N N 249 
PHE N   CA   sing N N 250 
PHE N   H    sing N N 251 
PHE N   H2   sing N N 252 
PHE CA  C    sing N N 253 
PHE CA  CB   sing N N 254 
PHE CA  HA   sing N N 255 
PHE C   O    doub N N 256 
PHE C   OXT  sing N N 257 
PHE CB  CG   sing N N 258 
PHE CB  HB2  sing N N 259 
PHE CB  HB3  sing N N 260 
PHE CG  CD1  doub Y N 261 
PHE CG  CD2  sing Y N 262 
PHE CD1 CE1  sing Y N 263 
PHE CD1 HD1  sing N N 264 
PHE CD2 CE2  doub Y N 265 
PHE CD2 HD2  sing N N 266 
PHE CE1 CZ   doub Y N 267 
PHE CE1 HE1  sing N N 268 
PHE CE2 CZ   sing Y N 269 
PHE CE2 HE2  sing N N 270 
PHE CZ  HZ   sing N N 271 
PHE OXT HXT  sing N N 272 
PRO N   CA   sing N N 273 
PRO N   CD   sing N N 274 
PRO N   H    sing N N 275 
PRO CA  C    sing N N 276 
PRO CA  CB   sing N N 277 
PRO CA  HA   sing N N 278 
PRO C   O    doub N N 279 
PRO C   OXT  sing N N 280 
PRO CB  CG   sing N N 281 
PRO CB  HB2  sing N N 282 
PRO CB  HB3  sing N N 283 
PRO CG  CD   sing N N 284 
PRO CG  HG2  sing N N 285 
PRO CG  HG3  sing N N 286 
PRO CD  HD2  sing N N 287 
PRO CD  HD3  sing N N 288 
PRO OXT HXT  sing N N 289 
SER N   CA   sing N N 290 
SER N   H    sing N N 291 
SER N   H2   sing N N 292 
SER CA  C    sing N N 293 
SER CA  CB   sing N N 294 
SER CA  HA   sing N N 295 
SER C   O    doub N N 296 
SER C   OXT  sing N N 297 
SER CB  OG   sing N N 298 
SER CB  HB2  sing N N 299 
SER CB  HB3  sing N N 300 
SER OG  HG   sing N N 301 
SER OXT HXT  sing N N 302 
SO4 S   O1   doub N N 303 
SO4 S   O2   doub N N 304 
SO4 S   O3   sing N N 305 
SO4 S   O4   sing N N 306 
THR N   CA   sing N N 307 
THR N   H    sing N N 308 
THR N   H2   sing N N 309 
THR CA  C    sing N N 310 
THR CA  CB   sing N N 311 
THR CA  HA   sing N N 312 
THR C   O    doub N N 313 
THR C   OXT  sing N N 314 
THR CB  OG1  sing N N 315 
THR CB  CG2  sing N N 316 
THR CB  HB   sing N N 317 
THR OG1 HG1  sing N N 318 
THR CG2 HG21 sing N N 319 
THR CG2 HG22 sing N N 320 
THR CG2 HG23 sing N N 321 
THR OXT HXT  sing N N 322 
TRP N   CA   sing N N 323 
TRP N   H    sing N N 324 
TRP N   H2   sing N N 325 
TRP CA  C    sing N N 326 
TRP CA  CB   sing N N 327 
TRP CA  HA   sing N N 328 
TRP C   O    doub N N 329 
TRP C   OXT  sing N N 330 
TRP CB  CG   sing N N 331 
TRP CB  HB2  sing N N 332 
TRP CB  HB3  sing N N 333 
TRP CG  CD1  doub Y N 334 
TRP CG  CD2  sing Y N 335 
TRP CD1 NE1  sing Y N 336 
TRP CD1 HD1  sing N N 337 
TRP CD2 CE2  doub Y N 338 
TRP CD2 CE3  sing Y N 339 
TRP NE1 CE2  sing Y N 340 
TRP NE1 HE1  sing N N 341 
TRP CE2 CZ2  sing Y N 342 
TRP CE3 CZ3  doub Y N 343 
TRP CE3 HE3  sing N N 344 
TRP CZ2 CH2  doub Y N 345 
TRP CZ2 HZ2  sing N N 346 
TRP CZ3 CH2  sing Y N 347 
TRP CZ3 HZ3  sing N N 348 
TRP CH2 HH2  sing N N 349 
TRP OXT HXT  sing N N 350 
TYR N   CA   sing N N 351 
TYR N   H    sing N N 352 
TYR N   H2   sing N N 353 
TYR CA  C    sing N N 354 
TYR CA  CB   sing N N 355 
TYR CA  HA   sing N N 356 
TYR C   O    doub N N 357 
TYR C   OXT  sing N N 358 
TYR CB  CG   sing N N 359 
TYR CB  HB2  sing N N 360 
TYR CB  HB3  sing N N 361 
TYR CG  CD1  doub Y N 362 
TYR CG  CD2  sing Y N 363 
TYR CD1 CE1  sing Y N 364 
TYR CD1 HD1  sing N N 365 
TYR CD2 CE2  doub Y N 366 
TYR CD2 HD2  sing N N 367 
TYR CE1 CZ   doub Y N 368 
TYR CE1 HE1  sing N N 369 
TYR CE2 CZ   sing Y N 370 
TYR CE2 HE2  sing N N 371 
TYR CZ  OH   sing N N 372 
TYR OH  HH   sing N N 373 
TYR OXT HXT  sing N N 374 
VAL N   CA   sing N N 375 
VAL N   H    sing N N 376 
VAL N   H2   sing N N 377 
VAL CA  C    sing N N 378 
VAL CA  CB   sing N N 379 
VAL CA  HA   sing N N 380 
VAL C   O    doub N N 381 
VAL C   OXT  sing N N 382 
VAL CB  CG1  sing N N 383 
VAL CB  CG2  sing N N 384 
VAL CB  HB   sing N N 385 
VAL CG1 HG11 sing N N 386 
VAL CG1 HG12 sing N N 387 
VAL CG1 HG13 sing N N 388 
VAL CG2 HG21 sing N N 389 
VAL CG2 HG22 sing N N 390 
VAL CG2 HG23 sing N N 391 
VAL OXT HXT  sing N N 392 
# 
_atom_sites.entry_id                    1D7P 
_atom_sites.fract_transf_matrix[1][1]   0.01903933 
_atom_sites.fract_transf_matrix[1][2]   -0.00131472 
_atom_sites.fract_transf_matrix[1][3]   0.00997223 
_atom_sites.fract_transf_matrix[2][1]   -0.00379988 
_atom_sites.fract_transf_matrix[2][2]   0.01467613 
_atom_sites.fract_transf_matrix[2][3]   0.00918796 
_atom_sites.fract_transf_matrix[3][1]   -0.00631404 
_atom_sites.fract_transf_matrix[3][2]   -0.00848087 
_atom_sites.fract_transf_matrix[3][3]   0.01093536 
_atom_sites.fract_transf_vector[1]      0.568732 
_atom_sites.fract_transf_vector[2]      0.416637 
_atom_sites.fract_transf_vector[3]      0.072425 
# 
loop_
_atom_type.symbol 
C 
N 
O 
S 
# 
loop_
_atom_site.group_PDB 
_atom_site.id 
_atom_site.type_symbol 
_atom_site.label_atom_id 
_atom_site.label_alt_id 
_atom_site.label_comp_id 
_atom_site.label_asym_id 
_atom_site.label_entity_id 
_atom_site.label_seq_id 
_atom_site.pdbx_PDB_ins_code 
_atom_site.Cartn_x 
_atom_site.Cartn_y 
_atom_site.Cartn_z 
_atom_site.occupancy 
_atom_site.B_iso_or_equiv 
_atom_site.pdbx_formal_charge 
_atom_site.auth_seq_id 
_atom_site.auth_comp_id 
_atom_site.auth_asym_id 
_atom_site.auth_atom_id 
_atom_site.pdbx_PDB_model_num 
ATOM   1    N N   . LEU A 1 1   ? 15.666  -7.388  -16.084 1.00 32.44 ? 2171 LEU M N   1 
ATOM   2    C CA  . LEU A 1 1   ? 15.874  -6.132  -15.309 1.00 32.22 ? 2171 LEU M CA  1 
ATOM   3    C C   . LEU A 1 1   ? 15.501  -4.930  -16.175 1.00 31.94 ? 2171 LEU M C   1 
ATOM   4    O O   . LEU A 1 1   ? 16.252  -4.535  -17.069 1.00 32.01 ? 2171 LEU M O   1 
ATOM   5    C CB  . LEU A 1 1   ? 17.336  -6.027  -14.868 1.00 32.56 ? 2171 LEU M CB  1 
ATOM   6    C CG  . LEU A 1 1   ? 17.653  -5.024  -13.757 1.00 32.76 ? 2171 LEU M CG  1 
ATOM   7    C CD1 . LEU A 1 1   ? 16.887  -5.403  -12.494 1.00 32.79 ? 2171 LEU M CD1 1 
ATOM   8    C CD2 . LEU A 1 1   ? 19.150  -5.018  -13.484 1.00 32.85 ? 2171 LEU M CD2 1 
ATOM   9    N N   . ASN A 1 2   ? 14.334  -4.354  -15.907 1.00 31.48 ? 2172 ASN M N   1 
ATOM   10   C CA  . ASN A 1 2   ? 13.855  -3.208  -16.670 1.00 30.87 ? 2172 ASN M CA  1 
ATOM   11   C C   . ASN A 1 2   ? 13.895  -1.911  -15.864 1.00 30.01 ? 2172 ASN M C   1 
ATOM   12   O O   . ASN A 1 2   ? 13.850  -1.930  -14.633 1.00 30.14 ? 2172 ASN M O   1 
ATOM   13   C CB  . ASN A 1 2   ? 12.431  -3.489  -17.172 1.00 31.60 ? 2172 ASN M CB  1 
ATOM   14   C CG  . ASN A 1 2   ? 11.451  -2.394  -16.810 1.00 32.00 ? 2172 ASN M CG  1 
ATOM   15   O OD1 . ASN A 1 2   ? 11.145  -2.180  -15.635 1.00 32.70 ? 2172 ASN M OD1 1 
ATOM   16   N ND2 . ASN A 1 2   ? 10.950  -1.691  -17.819 1.00 32.67 ? 2172 ASN M ND2 1 
ATOM   17   N N   . SER A 1 3   ? 13.983  -0.787  -16.568 1.00 28.78 ? 2173 SER M N   1 
ATOM   18   C CA  . SER A 1 3   ? 14.040  0.522   -15.929 1.00 27.50 ? 2173 SER M CA  1 
ATOM   19   C C   . SER A 1 3   ? 12.708  0.947   -15.313 1.00 26.45 ? 2173 SER M C   1 
ATOM   20   O O   . SER A 1 3   ? 12.678  1.761   -14.386 1.00 26.59 ? 2173 SER M O   1 
ATOM   21   C CB  . SER A 1 3   ? 14.499  1.578   -16.939 1.00 27.80 ? 2173 SER M CB  1 
ATOM   22   O OG  . SER A 1 3   ? 13.709  1.539   -18.116 1.00 28.18 ? 2173 SER M OG  1 
ATOM   23   N N   . CYS A 1 4   ? 11.610  0.394   -15.822 1.00 24.68 ? 2174 CYS M N   1 
ATOM   24   C CA  . CYS A 1 4   ? 10.285  0.734   -15.309 1.00 22.96 ? 2174 CYS M CA  1 
ATOM   25   C C   . CYS A 1 4   ? 10.003  0.071   -13.965 1.00 22.42 ? 2174 CYS M C   1 
ATOM   26   O O   . CYS A 1 4   ? 9.144   -0.808  -13.856 1.00 22.25 ? 2174 CYS M O   1 
ATOM   27   C CB  . CYS A 1 4   ? 9.202   0.326   -16.305 1.00 22.27 ? 2174 CYS M CB  1 
ATOM   28   S SG  . CYS A 1 4   ? 7.541   0.772   -15.754 1.00 20.07 ? 2174 CYS M SG  1 
ATOM   29   N N   . SER A 1 5   ? 10.729  0.498   -12.941 1.00 21.74 ? 2175 SER M N   1 
ATOM   30   C CA  . SER A 1 5   ? 10.550  -0.056  -11.609 1.00 21.29 ? 2175 SER M CA  1 
ATOM   31   C C   . SER A 1 5   ? 11.151  0.878   -10.569 1.00 21.10 ? 2175 SER M C   1 
ATOM   32   O O   . SER A 1 5   ? 11.824  0.436   -9.638  1.00 21.31 ? 2175 SER M O   1 
ATOM   33   C CB  . SER A 1 5   ? 11.216  -1.433  -11.518 1.00 21.34 ? 2175 SER M CB  1 
ATOM   34   O OG  . SER A 1 5   ? 10.977  -2.032  -10.254 1.00 21.50 ? 2175 SER M OG  1 
ATOM   35   N N   . MET A 1 6   ? 10.908  2.174   -10.729 1.00 20.65 ? 2176 MET M N   1 
ATOM   36   C CA  . MET A 1 6   ? 11.432  3.163   -9.793  1.00 20.33 ? 2176 MET M CA  1 
ATOM   37   C C   . MET A 1 6   ? 10.390  3.562   -8.750  1.00 19.04 ? 2176 MET M C   1 
ATOM   38   O O   . MET A 1 6   ? 9.189   3.542   -9.018  1.00 17.96 ? 2176 MET M O   1 
ATOM   39   C CB  . MET A 1 6   ? 11.894  4.414   -10.545 1.00 22.15 ? 2176 MET M CB  1 
ATOM   40   C CG  . MET A 1 6   ? 13.016  4.177   -11.553 1.00 24.09 ? 2176 MET M CG  1 
ATOM   41   S SD  . MET A 1 6   ? 14.459  3.351   -10.847 1.00 27.39 ? 2176 MET M SD  1 
ATOM   42   C CE  . MET A 1 6   ? 14.911  4.487   -9.573  1.00 26.75 ? 2176 MET M CE  1 
ATOM   43   N N   . PRO A 1 7   ? 10.840  3.912   -7.533  1.00 17.97 ? 2177 PRO M N   1 
ATOM   44   C CA  . PRO A 1 7   ? 9.909   4.317   -6.473  1.00 17.30 ? 2177 PRO M CA  1 
ATOM   45   C C   . PRO A 1 7   ? 9.210   5.574   -6.933  1.00 16.65 ? 2177 PRO M C   1 
ATOM   46   O O   . PRO A 1 7   ? 9.896   6.607   -7.197  1.00 17.03 ? 2177 PRO M O   1 
ATOM   47   C CB  . PRO A 1 7   ? 10.830  4.565   -5.281  1.00 17.57 ? 2177 PRO M CB  1 
ATOM   48   C CG  . PRO A 1 7   ? 12.247  4.213   -5.697  1.00 18.05 ? 2177 PRO M CG  1 
ATOM   49   C CD  . PRO A 1 7   ? 12.244  3.779   -7.135  1.00 18.16 ? 2177 PRO M CD  1 
ATOM   50   N N   . LEU A 1 8   ? 7.894   5.505   -7.022  1.00 15.37 ? 2178 LEU M N   1 
ATOM   51   C CA  . LEU A 1 8   ? 7.091   6.615   -7.568  1.00 14.63 ? 2178 LEU M CA  1 
ATOM   52   C C   . LEU A 1 8   ? 6.964   7.820   -6.613  1.00 14.16 ? 2178 LEU M C   1 
ATOM   53   O O   . LEU A 1 8   ? 6.760   8.962   -7.049  1.00 14.39 ? 2178 LEU M O   1 
ATOM   54   C CB  . LEU A 1 8   ? 5.712   6.122   -7.958  1.00 14.09 ? 2178 LEU M CB  1 
ATOM   55   C CG  . LEU A 1 8   ? 5.754   5.225   -9.197  1.00 13.94 ? 2178 LEU M CG  1 
ATOM   56   C CD1 . LEU A 1 8   ? 4.365   4.899   -9.741  1.00 13.89 ? 2178 LEU M CD1 1 
ATOM   57   C CD2 . LEU A 1 8   ? 6.532   5.846   -10.362 1.00 14.11 ? 2178 LEU M CD2 1 
ATOM   58   N N   . GLY A 1 9   ? 7.046   7.630   -5.295  1.00 13.74 ? 2179 GLY M N   1 
ATOM   59   C CA  . GLY A 1 9   ? 7.019   8.826   -4.419  1.00 13.04 ? 2179 GLY M CA  1 
ATOM   60   C C   . GLY A 1 9   ? 6.413   8.655   -3.008  1.00 12.49 ? 2179 GLY M C   1 
ATOM   61   O O   . GLY A 1 9   ? 6.139   9.639   -2.310  1.00 12.04 ? 2179 GLY M O   1 
ATOM   62   N N   . MET A 1 10  ? 6.168   7.419   -2.529  1.00 12.06 ? 2180 MET M N   1 
ATOM   63   C CA  . MET A 1 10  ? 5.651   7.277   -1.172  1.00 11.93 ? 2180 MET M CA  1 
ATOM   64   C C   . MET A 1 10  ? 6.715   7.641   -0.129  1.00 12.04 ? 2180 MET M C   1 
ATOM   65   O O   . MET A 1 10  ? 6.456   8.442   0.770   1.00 12.01 ? 2180 MET M O   1 
ATOM   66   C CB  . MET A 1 10  ? 5.145   5.851   -0.946  1.00 11.78 ? 2180 MET M CB  1 
ATOM   67   C CG  . MET A 1 10  ? 3.993   5.464   -1.876  1.00 11.31 ? 2180 MET M CG  1 
ATOM   68   S SD  . MET A 1 10  ? 2.480   6.435   -1.643  1.00 11.52 ? 2180 MET M SD  1 
ATOM   69   C CE  . MET A 1 10  ? 1.696   5.500   -0.285  1.00 10.79 ? 2180 MET M CE  1 
ATOM   70   N N   . GLU A 1 11  ? 7.911   7.074   -0.258  1.00 12.24 ? 2181 GLU M N   1 
ATOM   71   C CA  . GLU A 1 11  ? 8.982   7.363   0.698   1.00 12.97 ? 2181 GLU M CA  1 
ATOM   72   C C   . GLU A 1 11  ? 9.515   8.793   0.596   1.00 13.11 ? 2181 GLU M C   1 
ATOM   73   O O   . GLU A 1 11  ? 9.753   9.450   1.613   1.00 13.36 ? 2181 GLU M O   1 
ATOM   74   C CB  . GLU A 1 11  ? 10.146  6.380   0.518   1.00 13.44 ? 2181 GLU M CB  1 
ATOM   75   C CG  . GLU A 1 11  ? 11.301  6.603   1.510   1.00 14.55 ? 2181 GLU M CG  1 
ATOM   76   C CD  . GLU A 1 11  ? 12.349  5.493   1.487   1.00 15.24 ? 2181 GLU M CD  1 
ATOM   77   O OE1 . GLU A 1 11  ? 12.133  4.471   0.810   1.00 15.84 ? 2181 GLU M OE1 1 
ATOM   78   O OE2 . GLU A 1 11  ? 13.395  5.636   2.160   1.00 16.57 ? 2181 GLU M OE2 1 
ATOM   79   N N   . SER A 1 12  ? 9.690   9.280   -0.626  1.00 13.18 ? 2182 SER M N   1 
ATOM   80   C CA  . SER A 1 12  ? 10.232  10.620  -0.839  1.00 13.55 ? 2182 SER M CA  1 
ATOM   81   C C   . SER A 1 12  ? 9.232   11.748  -0.631  1.00 14.08 ? 2182 SER M C   1 
ATOM   82   O O   . SER A 1 12  ? 9.622   12.908  -0.455  1.00 14.27 ? 2182 SER M O   1 
ATOM   83   C CB  . SER A 1 12  ? 10.779  10.734  -2.257  1.00 13.16 ? 2182 SER M CB  1 
ATOM   84   O OG  . SER A 1 12  ? 9.712   10.791  -3.179  1.00 13.32 ? 2182 SER M OG  1 
ATOM   85   N N   . LYS A 1 13  ? 7.950   11.402  -0.670  1.00 14.36 ? 2183 LYS M N   1 
ATOM   86   C CA  . LYS A 1 13  ? 6.851   12.346  -0.519  1.00 15.32 ? 2183 LYS M CA  1 
ATOM   87   C C   . LYS A 1 13  ? 6.549   13.091  -1.820  1.00 15.17 ? 2183 LYS M C   1 
ATOM   88   O O   . LYS A 1 13  ? 5.855   14.119  -1.822  1.00 15.40 ? 2183 LYS M O   1 
ATOM   89   C CB  . LYS A 1 13  ? 7.119   13.336  0.626   1.00 16.24 ? 2183 LYS M CB  1 
ATOM   90   C CG  . LYS A 1 13  ? 7.196   12.659  1.991   1.00 17.73 ? 2183 LYS M CG  1 
ATOM   91   C CD  . LYS A 1 13  ? 6.940   13.622  3.148   1.00 19.49 ? 2183 LYS M CD  1 
ATOM   92   C CE  . LYS A 1 13  ? 6.975   12.928  4.508   1.00 20.47 ? 2183 LYS M CE  1 
ATOM   93   N NZ  . LYS A 1 13  ? 6.569   13.806  5.613   1.00 21.50 ? 2183 LYS M NZ  1 
ATOM   94   N N   . ALA A 1 14  ? 7.065   12.557  -2.914  1.00 15.15 ? 2184 ALA M N   1 
ATOM   95   C CA  . ALA A 1 14  ? 6.779   13.114  -4.244  1.00 14.95 ? 2184 ALA M CA  1 
ATOM   96   C C   . ALA A 1 14  ? 5.274   12.993  -4.454  1.00 14.78 ? 2184 ALA M C   1 
ATOM   97   O O   . ALA A 1 14  ? 4.650   13.800  -5.150  1.00 15.34 ? 2184 ALA M O   1 
ATOM   98   C CB  . ALA A 1 14  ? 7.544   12.348  -5.319  1.00 15.09 ? 2184 ALA M CB  1 
ATOM   99   N N   . ILE A 1 15  ? 4.749   11.952  -3.833  1.00 14.30 ? 2185 ILE M N   1 
ATOM   100  C CA  . ILE A 1 15  ? 3.310   11.706  -3.781  1.00 13.60 ? 2185 ILE M CA  1 
ATOM   101  C C   . ILE A 1 15  ? 2.837   12.358  -2.488  1.00 13.44 ? 2185 ILE M C   1 
ATOM   102  O O   . ILE A 1 15  ? 3.107   11.861  -1.390  1.00 13.32 ? 2185 ILE M O   1 
ATOM   103  C CB  . ILE A 1 15  ? 3.027   10.197  -3.784  1.00 13.11 ? 2185 ILE M CB  1 
ATOM   104  C CG1 . ILE A 1 15  ? 3.374   9.534   -5.120  1.00 12.94 ? 2185 ILE M CG1 1 
ATOM   105  C CG2 . ILE A 1 15  ? 1.554   9.872   -3.513  1.00 13.03 ? 2185 ILE M CG2 1 
ATOM   106  C CD1 . ILE A 1 15  ? 3.236   8.011   -5.098  1.00 12.55 ? 2185 ILE M CD1 1 
ATOM   107  N N   . SER A 1 16  ? 2.162   13.480  -2.643  1.00 13.51 ? 2186 SER M N   1 
ATOM   108  C CA  . SER A 1 16  ? 1.713   14.295  -1.496  1.00 13.59 ? 2186 SER M CA  1 
ATOM   109  C C   . SER A 1 16  ? 0.691   13.554  -0.624  1.00 13.66 ? 2186 SER M C   1 
ATOM   110  O O   . SER A 1 16  ? 0.069   12.572  -1.049  1.00 13.48 ? 2186 SER M O   1 
ATOM   111  C CB  . SER A 1 16  ? 1.091   15.602  -1.984  1.00 13.79 ? 2186 SER M CB  1 
ATOM   112  O OG  . SER A 1 16  ? -0.151  15.351  -2.617  1.00 14.27 ? 2186 SER M OG  1 
ATOM   113  N N   . ASP A 1 17  ? 0.558   14.072  0.588   1.00 13.78 ? 2187 ASP M N   1 
ATOM   114  C CA  . ASP A 1 17  ? -0.356  13.526  1.600   1.00 14.09 ? 2187 ASP M CA  1 
ATOM   115  C C   . ASP A 1 17  ? -1.774  13.434  1.051   1.00 13.87 ? 2187 ASP M C   1 
ATOM   116  O O   . ASP A 1 17  ? -2.468  12.440  1.259   1.00 13.83 ? 2187 ASP M O   1 
ATOM   117  C CB  . ASP A 1 17  ? -0.385  14.428  2.832   1.00 14.66 ? 2187 ASP M CB  1 
ATOM   118  C CG  . ASP A 1 17  ? 0.864   14.290  3.696   1.00 14.98 ? 2187 ASP M CG  1 
ATOM   119  O OD1 . ASP A 1 17  ? 1.025   15.060  4.714   1.00 16.43 ? 2187 ASP M OD1 1 
ATOM   120  O OD2 . ASP A 1 17  ? 1.755   13.408  3.401   1.00 15.26 ? 2187 ASP M OD2 1 
ATOM   121  N N   . ALA A 1 18  ? -2.206  14.480  0.354   1.00 13.72 ? 2188 ALA M N   1 
ATOM   122  C CA  . ALA A 1 18  ? -3.554  14.531  -0.201  1.00 13.67 ? 2188 ALA M CA  1 
ATOM   123  C C   . ALA A 1 18  ? -3.858  13.425  -1.209  1.00 13.39 ? 2188 ALA M C   1 
ATOM   124  O O   . ALA A 1 18  ? -5.020  13.065  -1.409  1.00 13.85 ? 2188 ALA M O   1 
ATOM   125  C CB  . ALA A 1 18  ? -3.795  15.901  -0.839  1.00 14.05 ? 2188 ALA M CB  1 
ATOM   126  N N   . GLN A 1 19  ? -2.816  12.889  -1.837  1.00 13.21 ? 2189 GLN M N   1 
ATOM   127  C CA  . GLN A 1 19  ? -2.976  11.830  -2.828  1.00 12.85 ? 2189 GLN M CA  1 
ATOM   128  C C   . GLN A 1 19  ? -3.168  10.449  -2.201  1.00 12.36 ? 2189 GLN M C   1 
ATOM   129  O O   . GLN A 1 19  ? -3.515  9.493   -2.895  1.00 12.46 ? 2189 GLN M O   1 
ATOM   130  C CB  . GLN A 1 19  ? -1.763  11.801  -3.759  1.00 13.22 ? 2189 GLN M CB  1 
ATOM   131  C CG  . GLN A 1 19  ? -1.711  12.955  -4.758  1.00 14.15 ? 2189 GLN M CG  1 
ATOM   132  C CD  . GLN A 1 19  ? -0.343  13.109  -5.394  1.00 14.83 ? 2189 GLN M CD  1 
ATOM   133  O OE1 . GLN A 1 19  ? 0.475   13.917  -4.949  1.00 15.47 ? 2189 GLN M OE1 1 
ATOM   134  N NE2 . GLN A 1 19  ? -0.079  12.322  -6.429  1.00 15.06 ? 2189 GLN M NE2 1 
ATOM   135  N N   . ILE A 1 20  ? -2.944  10.352  -0.891  1.00 11.87 ? 2190 ILE M N   1 
ATOM   136  C CA  . ILE A 1 20  ? -3.086  9.083   -0.176  1.00 10.99 ? 2190 ILE M CA  1 
ATOM   137  C C   . ILE A 1 20  ? -4.302  9.131   0.743   1.00 11.13 ? 2190 ILE M C   1 
ATOM   138  O O   . ILE A 1 20  ? -4.373  9.963   1.651   1.00 11.41 ? 2190 ILE M O   1 
ATOM   139  C CB  . ILE A 1 20  ? -1.838  8.775   0.678   1.00 10.59 ? 2190 ILE M CB  1 
ATOM   140  C CG1 . ILE A 1 20  ? -0.573  8.896   -0.170  1.00 10.52 ? 2190 ILE M CG1 1 
ATOM   141  C CG2 . ILE A 1 20  ? -1.938  7.365   1.239   1.00 9.94  ? 2190 ILE M CG2 1 
ATOM   142  C CD1 . ILE A 1 20  ? 0.715   8.840   0.633   1.00 11.13 ? 2190 ILE M CD1 1 
ATOM   143  N N   . THR A 1 21  ? -5.260  8.241   0.498   1.00 10.88 ? 2191 THR M N   1 
ATOM   144  C CA  . THR A 1 21  ? -6.480  8.178   1.292   1.00 11.10 ? 2191 THR M CA  1 
ATOM   145  C C   . THR A 1 21  ? -6.782  6.741   1.699   1.00 10.67 ? 2191 THR M C   1 
ATOM   146  O O   . THR A 1 21  ? -6.067  5.820   1.320   1.00 10.39 ? 2191 THR M O   1 
ATOM   147  C CB  . THR A 1 21  ? -7.679  8.741   0.504   1.00 11.46 ? 2191 THR M CB  1 
ATOM   148  O OG1 . THR A 1 21  ? -7.820  8.034   -0.737  1.00 12.03 ? 2191 THR M OG1 1 
ATOM   149  C CG2 . THR A 1 21  ? -7.461  10.216  0.208   1.00 12.09 ? 2191 THR M CG2 1 
ATOM   150  N N   . ALA A 1 22  ? -7.832  6.548   2.487   1.00 10.32 ? 2192 ALA M N   1 
ATOM   151  C CA  . ALA A 1 22  ? -8.186  5.206   2.930   1.00 10.39 ? 2192 ALA M CA  1 
ATOM   152  C C   . ALA A 1 22  ? -9.652  5.084   3.293   1.00 10.47 ? 2192 ALA M C   1 
ATOM   153  O O   . ALA A 1 22  ? -10.372 6.083   3.397   1.00 11.06 ? 2192 ALA M O   1 
ATOM   154  C CB  . ALA A 1 22  ? -7.328  4.811   4.131   1.00 10.24 ? 2192 ALA M CB  1 
ATOM   155  N N   . SER A 1 23  ? -10.082 3.844   3.488   1.00 10.78 ? 2193 SER M N   1 
ATOM   156  C CA  . SER A 1 23  ? -11.455 3.546   3.875   1.00 11.35 ? 2193 SER M CA  1 
ATOM   157  C C   . SER A 1 23  ? -11.713 4.160   5.249   1.00 11.55 ? 2193 SER M C   1 
ATOM   158  O O   . SER A 1 23  ? -12.812 4.637   5.535   1.00 12.21 ? 2193 SER M O   1 
ATOM   159  C CB  . SER A 1 23  ? -11.648 2.032   3.928   1.00 11.06 ? 2193 SER M CB  1 
ATOM   160  O OG  . SER A 1 23  ? -10.592 1.413   4.647   1.00 12.01 ? 2193 SER M OG  1 
ATOM   161  N N   . SER A 1 24  ? -10.688 4.134   6.095   1.00 11.46 ? 2194 SER M N   1 
ATOM   162  C CA  . SER A 1 24  ? -10.759 4.687   7.441   1.00 11.56 ? 2194 SER M CA  1 
ATOM   163  C C   . SER A 1 24  ? -9.357  4.676   8.028   1.00 11.38 ? 2194 SER M C   1 
ATOM   164  O O   . SER A 1 24  ? -8.429  4.135   7.434   1.00 11.33 ? 2194 SER M O   1 
ATOM   165  C CB  . SER A 1 24  ? -11.663 3.825   8.328   1.00 11.49 ? 2194 SER M CB  1 
ATOM   166  O OG  . SER A 1 24  ? -11.019 2.605   8.669   1.00 11.87 ? 2194 SER M OG  1 
ATOM   167  N N   . TYR A 1 25  ? -9.189  5.287   9.189   1.00 11.38 ? 2195 TYR M N   1 
ATOM   168  C CA  . TYR A 1 25  ? -7.890  5.255   9.832   1.00 11.79 ? 2195 TYR M CA  1 
ATOM   169  C C   . TYR A 1 25  ? -8.047  5.420   11.330  1.00 11.87 ? 2195 TYR M C   1 
ATOM   170  O O   . TYR A 1 25  ? -8.986  6.058   11.809  1.00 11.95 ? 2195 TYR M O   1 
ATOM   171  C CB  . TYR A 1 25  ? -6.931  6.294   9.224   1.00 12.33 ? 2195 TYR M CB  1 
ATOM   172  C CG  . TYR A 1 25  ? -7.283  7.746   9.430   1.00 13.60 ? 2195 TYR M CG  1 
ATOM   173  C CD1 . TYR A 1 25  ? -6.812  8.446   10.539  1.00 14.15 ? 2195 TYR M CD1 1 
ATOM   174  C CD2 . TYR A 1 25  ? -8.050  8.433   8.493   1.00 14.09 ? 2195 TYR M CD2 1 
ATOM   175  C CE1 . TYR A 1 25  ? -7.094  9.798   10.709  1.00 14.92 ? 2195 TYR M CE1 1 
ATOM   176  C CE2 . TYR A 1 25  ? -8.340  9.786   8.652   1.00 15.23 ? 2195 TYR M CE2 1 
ATOM   177  C CZ  . TYR A 1 25  ? -7.857  10.459  9.762   1.00 15.22 ? 2195 TYR M CZ  1 
ATOM   178  O OH  . TYR A 1 25  ? -8.132  11.796  9.922   1.00 17.51 ? 2195 TYR M OH  1 
ATOM   179  N N   . PHE A 1 26  ? -7.136  4.790   12.056  1.00 11.72 ? 2196 PHE M N   1 
ATOM   180  C CA  . PHE A 1 26  ? -7.128  4.793   13.507  1.00 12.32 ? 2196 PHE M CA  1 
ATOM   181  C C   . PHE A 1 26  ? -6.510  6.065   14.067  1.00 13.22 ? 2196 PHE M C   1 
ATOM   182  O O   . PHE A 1 26  ? -5.330  6.350   13.844  1.00 12.68 ? 2196 PHE M O   1 
ATOM   183  C CB  . PHE A 1 26  ? -6.367  3.555   13.984  1.00 11.77 ? 2196 PHE M CB  1 
ATOM   184  C CG  . PHE A 1 26  ? -6.284  3.418   15.473  1.00 11.69 ? 2196 PHE M CG  1 
ATOM   185  C CD1 . PHE A 1 26  ? -7.414  3.583   16.271  1.00 11.83 ? 2196 PHE M CD1 1 
ATOM   186  C CD2 . PHE A 1 26  ? -5.077  3.082   16.075  1.00 11.76 ? 2196 PHE M CD2 1 
ATOM   187  C CE1 . PHE A 1 26  ? -7.338  3.413   17.647  1.00 11.88 ? 2196 PHE M CE1 1 
ATOM   188  C CE2 . PHE A 1 26  ? -4.988  2.908   17.451  1.00 11.66 ? 2196 PHE M CE2 1 
ATOM   189  C CZ  . PHE A 1 26  ? -6.123  3.073   18.242  1.00 11.82 ? 2196 PHE M CZ  1 
ATOM   190  N N   . THR A 1 27  ? -7.316  6.829   14.795  1.00 14.62 ? 2197 THR M N   1 
ATOM   191  C CA  . THR A 1 27  ? -6.850  8.073   15.387  1.00 16.74 ? 2197 THR M CA  1 
ATOM   192  C C   . THR A 1 27  ? -7.578  8.381   16.689  1.00 17.77 ? 2197 THR M C   1 
ATOM   193  O O   . THR A 1 27  ? -8.748  8.034   16.858  1.00 18.18 ? 2197 THR M O   1 
ATOM   194  C CB  . THR A 1 27  ? -7.047  9.255   14.409  1.00 16.96 ? 2197 THR M CB  1 
ATOM   195  O OG1 . THR A 1 27  ? -6.563  10.465  15.006  1.00 18.02 ? 2197 THR M OG1 1 
ATOM   196  C CG2 . THR A 1 27  ? -8.517  9.417   14.060  1.00 17.71 ? 2197 THR M CG2 1 
ATOM   197  N N   . ASN A 1 28  ? -6.858  9.016   17.605  1.00 18.94 ? 2198 ASN M N   1 
ATOM   198  C CA  . ASN A 1 28  ? -7.382  9.433   18.903  1.00 20.13 ? 2198 ASN M CA  1 
ATOM   199  C C   . ASN A 1 28  ? -6.450  10.539  19.395  1.00 20.80 ? 2198 ASN M C   1 
ATOM   200  O O   . ASN A 1 28  ? -5.486  10.874  18.712  1.00 20.87 ? 2198 ASN M O   1 
ATOM   201  C CB  . ASN A 1 28  ? -7.424  8.257   19.890  1.00 20.61 ? 2198 ASN M CB  1 
ATOM   202  C CG  . ASN A 1 28  ? -6.072  7.604   20.095  1.00 20.73 ? 2198 ASN M CG  1 
ATOM   203  O OD1 . ASN A 1 28  ? -5.107  8.250   20.496  1.00 21.11 ? 2198 ASN M OD1 1 
ATOM   204  N ND2 . ASN A 1 28  ? -6.002  6.306   19.829  1.00 21.41 ? 2198 ASN M ND2 1 
ATOM   205  N N   . MET A 1 29  ? -6.720  11.113  20.562  1.00 21.72 ? 2199 MET M N   1 
ATOM   206  C CA  . MET A 1 29  ? -5.867  12.197  21.043  1.00 22.54 ? 2199 MET M CA  1 
ATOM   207  C C   . MET A 1 29  ? -4.415  11.793  21.307  1.00 22.22 ? 2199 MET M C   1 
ATOM   208  O O   . MET A 1 29  ? -3.560  12.656  21.513  1.00 22.11 ? 2199 MET M O   1 
ATOM   209  C CB  . MET A 1 29  ? -6.456  12.830  22.310  1.00 24.01 ? 2199 MET M CB  1 
ATOM   210  C CG  . MET A 1 29  ? -5.988  12.197  23.607  1.00 25.67 ? 2199 MET M CG  1 
ATOM   211  S SD  . MET A 1 29  ? -6.799  10.648  23.980  1.00 28.68 ? 2199 MET M SD  1 
ATOM   212  C CE  . MET A 1 29  ? -8.118  11.249  25.054  1.00 27.58 ? 2199 MET M CE  1 
ATOM   213  N N   . PHE A 1 30  ? -4.130  10.493  21.292  1.00 21.87 ? 2200 PHE M N   1 
ATOM   214  C CA  . PHE A 1 30  ? -2.776  10.004  21.544  1.00 21.57 ? 2200 PHE M CA  1 
ATOM   215  C C   . PHE A 1 30  ? -1.966  9.657   20.292  1.00 20.92 ? 2200 PHE M C   1 
ATOM   216  O O   . PHE A 1 30  ? -0.734  9.646   20.328  1.00 21.21 ? 2200 PHE M O   1 
ATOM   217  C CB  . PHE A 1 30  ? -2.819  8.774   22.454  1.00 22.64 ? 2200 PHE M CB  1 
ATOM   218  C CG  . PHE A 1 30  ? -3.138  9.086   23.889  1.00 23.49 ? 2200 PHE M CG  1 
ATOM   219  C CD1 . PHE A 1 30  ? -2.300  9.906   24.636  1.00 23.89 ? 2200 PHE M CD1 1 
ATOM   220  C CD2 . PHE A 1 30  ? -4.271  8.551   24.495  1.00 24.20 ? 2200 PHE M CD2 1 
ATOM   221  C CE1 . PHE A 1 30  ? -2.584  10.192  25.969  1.00 24.30 ? 2200 PHE M CE1 1 
ATOM   222  C CE2 . PHE A 1 30  ? -4.564  8.831   25.829  1.00 24.59 ? 2200 PHE M CE2 1 
ATOM   223  C CZ  . PHE A 1 30  ? -3.718  9.654   26.567  1.00 24.51 ? 2200 PHE M CZ  1 
ATOM   224  N N   . ALA A 1 31  ? -2.648  9.373   19.188  1.00 19.51 ? 2201 ALA M N   1 
ATOM   225  C CA  . ALA A 1 31  ? -1.950  9.014   17.959  1.00 18.40 ? 2201 ALA M CA  1 
ATOM   226  C C   . ALA A 1 31  ? -2.841  9.135   16.732  1.00 17.50 ? 2201 ALA M C   1 
ATOM   227  O O   . ALA A 1 31  ? -4.065  9.076   16.830  1.00 17.31 ? 2201 ALA M O   1 
ATOM   228  C CB  . ALA A 1 31  ? -1.417  7.594   18.073  1.00 18.58 ? 2201 ALA M CB  1 
ATOM   229  N N   . THR A 1 32  ? -2.216  9.307   15.572  1.00 16.36 ? 2202 THR M N   1 
ATOM   230  C CA  . THR A 1 32  ? -2.960  9.418   14.324  1.00 15.44 ? 2202 THR M CA  1 
ATOM   231  C C   . THR A 1 32  ? -2.256  8.609   13.238  1.00 14.37 ? 2202 THR M C   1 
ATOM   232  O O   . THR A 1 32  ? -1.284  9.063   12.630  1.00 14.22 ? 2202 THR M O   1 
ATOM   233  C CB  . THR A 1 32  ? -3.082  10.886  13.875  1.00 15.89 ? 2202 THR M CB  1 
ATOM   234  O OG1 . THR A 1 32  ? -3.701  11.649  14.920  1.00 17.39 ? 2202 THR M OG1 1 
ATOM   235  C CG2 . THR A 1 32  ? -3.934  10.991  12.615  1.00 16.32 ? 2202 THR M CG2 1 
ATOM   236  N N   . TRP A 1 33  ? -2.749  7.399   13.006  1.00 13.04 ? 2203 TRP M N   1 
ATOM   237  C CA  . TRP A 1 33  ? -2.166  6.517   12.001  1.00 12.04 ? 2203 TRP M CA  1 
ATOM   238  C C   . TRP A 1 33  ? -2.885  6.749   10.675  1.00 11.69 ? 2203 TRP M C   1 
ATOM   239  O O   . TRP A 1 33  ? -3.517  5.846   10.126  1.00 11.30 ? 2203 TRP M O   1 
ATOM   240  C CB  . TRP A 1 33  ? -2.320  5.059   12.438  1.00 11.56 ? 2203 TRP M CB  1 
ATOM   241  C CG  . TRP A 1 33  ? -1.762  4.763   13.804  1.00 11.36 ? 2203 TRP M CG  1 
ATOM   242  C CD1 . TRP A 1 33  ? -2.375  4.980   15.011  1.00 11.32 ? 2203 TRP M CD1 1 
ATOM   243  C CD2 . TRP A 1 33  ? -0.495  4.163   14.102  1.00 11.27 ? 2203 TRP M CD2 1 
ATOM   244  N NE1 . TRP A 1 33  ? -1.569  4.545   16.036  1.00 11.36 ? 2203 TRP M NE1 1 
ATOM   245  C CE2 . TRP A 1 33  ? -0.410  4.038   15.508  1.00 11.13 ? 2203 TRP M CE2 1 
ATOM   246  C CE3 . TRP A 1 33  ? 0.576   3.712   13.317  1.00 10.89 ? 2203 TRP M CE3 1 
ATOM   247  C CZ2 . TRP A 1 33  ? 0.704   3.481   16.146  1.00 11.31 ? 2203 TRP M CZ2 1 
ATOM   248  C CZ3 . TRP A 1 33  ? 1.685   3.156   13.951  1.00 11.78 ? 2203 TRP M CZ3 1 
ATOM   249  C CH2 . TRP A 1 33  ? 1.739   3.046   15.353  1.00 11.53 ? 2203 TRP M CH2 1 
ATOM   250  N N   . SER A 1 34  ? -2.760  7.969   10.161  1.00 11.45 ? 2204 SER M N   1 
ATOM   251  C CA  . SER A 1 34  ? -3.422  8.381   8.930   1.00 11.48 ? 2204 SER M CA  1 
ATOM   252  C C   . SER A 1 34  ? -2.864  7.770   7.653   1.00 11.10 ? 2204 SER M C   1 
ATOM   253  O O   . SER A 1 34  ? -1.751  7.251   7.636   1.00 10.53 ? 2204 SER M O   1 
ATOM   254  C CB  . SER A 1 34  ? -3.381  9.902   8.812   1.00 12.30 ? 2204 SER M CB  1 
ATOM   255  O OG  . SER A 1 34  ? -2.048  10.362  8.865   1.00 13.78 ? 2204 SER M OG  1 
ATOM   256  N N   . PRO A 1 35  ? -3.639  7.834   6.560   1.00 10.89 ? 2205 PRO M N   1 
ATOM   257  C CA  . PRO A 1 35  ? -3.220  7.284   5.271   1.00 10.92 ? 2205 PRO M CA  1 
ATOM   258  C C   . PRO A 1 35  ? -1.865  7.798   4.798   1.00 10.97 ? 2205 PRO M C   1 
ATOM   259  O O   . PRO A 1 35  ? -1.047  7.027   4.294   1.00 11.12 ? 2205 PRO M O   1 
ATOM   260  C CB  . PRO A 1 35  ? -4.352  7.699   4.338   1.00 10.85 ? 2205 PRO M CB  1 
ATOM   261  C CG  . PRO A 1 35  ? -5.549  7.658   5.241   1.00 11.08 ? 2205 PRO M CG  1 
ATOM   262  C CD  . PRO A 1 35  ? -5.018  8.352   6.478   1.00 11.35 ? 2205 PRO M CD  1 
ATOM   263  N N   . SER A 1 36  ? -1.623  9.095   4.972   1.00 11.38 ? 2206 SER M N   1 
ATOM   264  C CA  . SER A 1 36  ? -0.369  9.689   4.530   1.00 11.49 ? 2206 SER M CA  1 
ATOM   265  C C   . SER A 1 36  ? 0.847   9.251   5.350   1.00 11.06 ? 2206 SER M C   1 
ATOM   266  O O   . SER A 1 36  ? 1.968   9.694   5.092   1.00 11.84 ? 2206 SER M O   1 
ATOM   267  C CB  . SER A 1 36  ? -0.485  11.216  4.508   1.00 11.81 ? 2206 SER M CB  1 
ATOM   268  O OG  . SER A 1 36  ? -0.793  11.733  5.785   1.00 13.41 ? 2206 SER M OG  1 
ATOM   269  N N   . LYS A 1 37  ? 0.620   8.377   6.326   1.00 10.53 ? 2207 LYS M N   1 
ATOM   270  C CA  . LYS A 1 37  ? 1.696   7.840   7.162   1.00 9.76  ? 2207 LYS M CA  1 
ATOM   271  C C   . LYS A 1 37  ? 2.186   6.518   6.553   1.00 9.05  ? 2207 LYS M C   1 
ATOM   272  O O   . LYS A 1 37  ? 3.174   5.946   7.004   1.00 8.38  ? 2207 LYS M O   1 
ATOM   273  C CB  . LYS A 1 37  ? 1.190   7.565   8.586   1.00 10.52 ? 2207 LYS M CB  1 
ATOM   274  C CG  . LYS A 1 37  ? 0.848   8.797   9.417   1.00 11.70 ? 2207 LYS M CG  1 
ATOM   275  C CD  . LYS A 1 37  ? 2.104   9.524   9.879   1.00 12.27 ? 2207 LYS M CD  1 
ATOM   276  C CE  . LYS A 1 37  ? 1.778   10.603  10.907  1.00 13.05 ? 2207 LYS M CE  1 
ATOM   277  N NZ  . LYS A 1 37  ? 1.300   10.034  12.202  1.00 14.00 ? 2207 LYS M NZ  1 
ATOM   278  N N   . ALA A 1 38  ? 1.486   6.038   5.528   1.00 8.66  ? 2208 ALA M N   1 
ATOM   279  C CA  . ALA A 1 38  ? 1.823   4.767   4.877   1.00 8.36  ? 2208 ALA M CA  1 
ATOM   280  C C   . ALA A 1 38  ? 3.013   4.872   3.931   1.00 8.50  ? 2208 ALA M C   1 
ATOM   281  O O   . ALA A 1 38  ? 2.957   4.403   2.799   1.00 8.44  ? 2208 ALA M O   1 
ATOM   282  C CB  . ALA A 1 38  ? 0.606   4.249   4.118   1.00 8.26  ? 2208 ALA M CB  1 
ATOM   283  N N   . ARG A 1 39  ? 4.098   5.462   4.416   1.00 8.97  ? 2209 ARG M N   1 
ATOM   284  C CA  . ARG A 1 39  ? 5.292   5.676   3.606   1.00 9.21  ? 2209 ARG M CA  1 
ATOM   285  C C   . ARG A 1 39  ? 6.474   4.823   4.044   1.00 9.36  ? 2209 ARG M C   1 
ATOM   286  O O   . ARG A 1 39  ? 6.862   4.827   5.209   1.00 9.42  ? 2209 ARG M O   1 
ATOM   287  C CB  . ARG A 1 39  ? 5.659   7.159   3.661   1.00 9.27  ? 2209 ARG M CB  1 
ATOM   288  C CG  . ARG A 1 39  ? 4.539   8.078   3.188   1.00 9.83  ? 2209 ARG M CG  1 
ATOM   289  C CD  . ARG A 1 39  ? 4.900   9.551   3.405   1.00 9.81  ? 2209 ARG M CD  1 
ATOM   290  N NE  . ARG A 1 39  ? 3.854   10.474  2.961   1.00 10.54 ? 2209 ARG M NE  1 
ATOM   291  C CZ  . ARG A 1 39  ? 3.625   10.814  1.695   1.00 10.74 ? 2209 ARG M CZ  1 
ATOM   292  N NH1 . ARG A 1 39  ? 4.371   10.307  0.720   1.00 10.59 ? 2209 ARG M NH1 1 
ATOM   293  N NH2 . ARG A 1 39  ? 2.660   11.678  1.405   1.00 11.04 ? 2209 ARG M NH2 1 
ATOM   294  N N   . LEU A 1 40  ? 7.062   4.104   3.093   1.00 9.44  ? 2210 LEU M N   1 
ATOM   295  C CA  . LEU A 1 40  ? 8.186   3.230   3.389   1.00 9.51  ? 2210 LEU M CA  1 
ATOM   296  C C   . LEU A 1 40  ? 9.277   3.973   4.190   1.00 10.10 ? 2210 LEU M C   1 
ATOM   297  O O   . LEU A 1 40  ? 9.699   5.077   3.827   1.00 10.02 ? 2210 LEU M O   1 
ATOM   298  C CB  . LEU A 1 40  ? 8.794   2.689   2.084   1.00 9.62  ? 2210 LEU M CB  1 
ATOM   299  C CG  . LEU A 1 40  ? 9.357   1.277   2.175   1.00 9.55  ? 2210 LEU M CG  1 
ATOM   300  C CD1 . LEU A 1 40  ? 8.266   0.213   2.271   1.00 10.42 ? 2210 LEU M CD1 1 
ATOM   301  C CD2 . LEU A 1 40  ? 10.202  0.909   0.949   1.00 10.00 ? 2210 LEU M CD2 1 
ATOM   302  N N   . HIS A 1 41  ? 9.682   3.322   5.275   1.00 10.79 ? 2211 HIS M N   1 
ATOM   303  C CA  . HIS A 1 41  ? 10.778  3.775   6.166   1.00 11.59 ? 2211 HIS M CA  1 
ATOM   304  C C   . HIS A 1 41  ? 10.469  5.074   6.937   1.00 12.49 ? 2211 HIS M C   1 
ATOM   305  O O   . HIS A 1 41  ? 11.367  5.707   7.510   1.00 12.84 ? 2211 HIS M O   1 
ATOM   306  C CB  . HIS A 1 41  ? 12.047  4.011   5.352   1.00 11.68 ? 2211 HIS M CB  1 
ATOM   307  C CG  . HIS A 1 41  ? 12.556  2.726   4.712   1.00 12.08 ? 2211 HIS M CG  1 
ATOM   308  N ND1 . HIS A 1 41  ? 12.907  1.619   5.476   1.00 12.47 ? 2211 HIS M ND1 1 
ATOM   309  C CD2 . HIS A 1 41  ? 12.760  2.376   3.417   1.00 12.51 ? 2211 HIS M CD2 1 
ATOM   310  C CE1 . HIS A 1 41  ? 13.296  0.661   4.657   1.00 12.63 ? 2211 HIS M CE1 1 
ATOM   311  N NE2 . HIS A 1 41  ? 13.213  1.096   3.424   1.00 12.56 ? 2211 HIS M NE2 1 
ATOM   312  N N   . LEU A 1 42  ? 9.214   5.472   6.968   1.00 12.79 ? 2212 LEU M N   1 
ATOM   313  C CA  . LEU A 1 42  ? 8.808   6.686   7.712   1.00 13.84 ? 2212 LEU M CA  1 
ATOM   314  C C   . LEU A 1 42  ? 9.029   6.447   9.203   1.00 14.54 ? 2212 LEU M C   1 
ATOM   315  O O   . LEU A 1 42  ? 8.725   5.373   9.715   1.00 14.29 ? 2212 LEU M O   1 
ATOM   316  C CB  . LEU A 1 42  ? 7.330   6.983   7.449   1.00 13.76 ? 2212 LEU M CB  1 
ATOM   317  C CG  . LEU A 1 42  ? 6.822   8.236   8.166   1.00 13.98 ? 2212 LEU M CG  1 
ATOM   318  C CD1 . LEU A 1 42  ? 7.436   9.526   7.618   1.00 14.15 ? 2212 LEU M CD1 1 
ATOM   319  C CD2 . LEU A 1 42  ? 5.306   8.409   8.048   1.00 13.29 ? 2212 LEU M CD2 1 
ATOM   320  N N   . GLN A 1 43  ? 9.551   7.456   9.895   1.00 15.92 ? 2213 GLN M N   1 
ATOM   321  C CA  . GLN A 1 43  ? 9.811   7.346   11.328  1.00 17.29 ? 2213 GLN M CA  1 
ATOM   322  C C   . GLN A 1 43  ? 8.749   8.102   12.128  1.00 17.80 ? 2213 GLN M C   1 
ATOM   323  O O   . GLN A 1 43  ? 8.129   9.032   11.615  1.00 17.91 ? 2213 GLN M O   1 
ATOM   324  C CB  . GLN A 1 43  ? 11.197  7.913   11.642  1.00 17.84 ? 2213 GLN M CB  1 
ATOM   325  C CG  . GLN A 1 43  ? 12.317  7.301   10.818  1.00 18.91 ? 2213 GLN M CG  1 
ATOM   326  C CD  . GLN A 1 43  ? 12.465  5.809   11.043  1.00 19.51 ? 2213 GLN M CD  1 
ATOM   327  O OE1 . GLN A 1 43  ? 12.690  5.358   12.165  1.00 20.93 ? 2213 GLN M OE1 1 
ATOM   328  N NE2 . GLN A 1 43  ? 12.344  5.032   9.971   1.00 19.72 ? 2213 GLN M NE2 1 
ATOM   329  N N   . GLY A 1 44  ? 8.541   7.694   13.380  1.00 18.78 ? 2214 GLY M N   1 
ATOM   330  C CA  . GLY A 1 44  ? 7.552   8.351   14.221  1.00 19.63 ? 2214 GLY M CA  1 
ATOM   331  C C   . GLY A 1 44  ? 6.840   7.436   15.202  1.00 20.09 ? 2214 GLY M C   1 
ATOM   332  O O   . GLY A 1 44  ? 7.040   6.222   15.189  1.00 20.65 ? 2214 GLY M O   1 
ATOM   333  N N   . ARG A 1 45  ? 5.997   8.026   16.050  1.00 20.38 ? 2215 ARG M N   1 
ATOM   334  C CA  . ARG A 1 45  ? 5.243   7.282   17.061  1.00 20.59 ? 2215 ARG M CA  1 
ATOM   335  C C   . ARG A 1 45  ? 4.060   6.513   16.456  1.00 19.76 ? 2215 ARG M C   1 
ATOM   336  O O   . ARG A 1 45  ? 3.695   5.427   16.927  1.00 20.24 ? 2215 ARG M O   1 
ATOM   337  C CB  . ARG A 1 45  ? 4.754   8.241   18.151  1.00 22.12 ? 2215 ARG M CB  1 
ATOM   338  C CG  . ARG A 1 45  ? 5.871   9.057   18.786  1.00 23.93 ? 2215 ARG M CG  1 
ATOM   339  C CD  . ARG A 1 45  ? 5.344   10.089  19.779  1.00 25.33 ? 2215 ARG M CD  1 
ATOM   340  N NE  . ARG A 1 45  ? 6.398   10.956  20.309  1.00 26.88 ? 2215 ARG M NE  1 
ATOM   341  C CZ  . ARG A 1 45  ? 6.176   11.977  21.140  1.00 27.73 ? 2215 ARG M CZ  1 
ATOM   342  N NH1 . ARG A 1 45  ? 4.936   12.275  21.550  1.00 28.24 ? 2215 ARG M NH1 1 
ATOM   343  N NH2 . ARG A 1 45  ? 7.141   12.768  21.624  1.00 28.31 ? 2215 ARG M NH2 1 
ATOM   344  N N   . SER A 1 46  ? 3.476   7.092   15.435  1.00 18.46 ? 2216 SER M N   1 
ATOM   345  C CA  . SER A 1 46  ? 2.365   6.468   14.695  1.00 17.05 ? 2216 SER M CA  1 
ATOM   346  C C   . SER A 1 46  ? 2.705   6.549   13.213  1.00 15.59 ? 2216 SER M C   1 
ATOM   347  O O   . SER A 1 46  ? 1.961   7.136   12.418  1.00 15.23 ? 2216 SER M O   1 
ATOM   348  C CB  . SER A 1 46  ? 1.054   7.204   14.992  1.00 17.55 ? 2216 SER M CB  1 
ATOM   349  O OG  . SER A 1 46  ? 1.215   8.597   14.770  1.00 18.33 ? 2216 SER M OG  1 
ATOM   350  N N   . ASN A 1 47  ? 3.839   5.942   12.906  1.00 14.28 ? 2217 ASN M N   1 
ATOM   351  C CA  . ASN A 1 47  ? 4.438   5.984   11.562  1.00 13.16 ? 2217 ASN M CA  1 
ATOM   352  C C   . ASN A 1 47  ? 3.927   4.879   10.632  1.00 12.18 ? 2217 ASN M C   1 
ATOM   353  O O   . ASN A 1 47  ? 4.708   4.074   10.106  1.00 11.78 ? 2217 ASN M O   1 
ATOM   354  C CB  . ASN A 1 47  ? 5.959   5.838   11.663  1.00 13.28 ? 2217 ASN M CB  1 
ATOM   355  C CG  . ASN A 1 47  ? 6.415   4.582   12.417  1.00 13.92 ? 2217 ASN M CG  1 
ATOM   356  O OD1 . ASN A 1 47  ? 5.732   4.128   13.332  1.00 14.68 ? 2217 ASN M OD1 1 
ATOM   357  N ND2 . ASN A 1 47  ? 7.549   3.990   12.082  1.00 14.15 ? 2217 ASN M ND2 1 
ATOM   358  N N   . ALA A 1 48  ? 2.628   4.871   10.414  1.00 11.12 ? 2218 ALA M N   1 
ATOM   359  C CA  . ALA A 1 48  ? 2.006   3.894   9.510   1.00 10.41 ? 2218 ALA M CA  1 
ATOM   360  C C   . ALA A 1 48  ? 0.513   4.137   9.423   1.00 9.93  ? 2218 ALA M C   1 
ATOM   361  O O   . ALA A 1 48  ? -0.081  4.794   10.287  1.00 9.77  ? 2218 ALA M O   1 
ATOM   362  C CB  . ALA A 1 48  ? 2.229   2.473   10.032  1.00 10.67 ? 2218 ALA M CB  1 
ATOM   363  N N   . TRP A 1 49  ? -0.070  3.620   8.364   1.00 9.12  ? 2219 TRP M N   1 
ATOM   364  C CA  . TRP A 1 49  ? -1.516  3.678   8.218   1.00 8.79  ? 2219 TRP M CA  1 
ATOM   365  C C   . TRP A 1 49  ? -2.094  2.464   8.905   1.00 8.70  ? 2219 TRP M C   1 
ATOM   366  O O   . TRP A 1 49  ? -1.602  1.343   8.733   1.00 8.27  ? 2219 TRP M O   1 
ATOM   367  C CB  . TRP A 1 49  ? -1.976  3.622   6.758   1.00 8.26  ? 2219 TRP M CB  1 
ATOM   368  C CG  . TRP A 1 49  ? -3.497  3.376   6.658   1.00 8.33  ? 2219 TRP M CG  1 
ATOM   369  C CD1 . TRP A 1 49  ? -4.474  4.221   7.017   1.00 8.32  ? 2219 TRP M CD1 1 
ATOM   370  C CD2 . TRP A 1 49  ? -4.122  2.187   6.169   1.00 7.82  ? 2219 TRP M CD2 1 
ATOM   371  N NE1 . TRP A 1 49  ? -5.723  3.572   6.759   1.00 8.25  ? 2219 TRP M NE1 1 
ATOM   372  C CE2 . TRP A 1 49  ? -5.496  2.380   6.262   1.00 7.76  ? 2219 TRP M CE2 1 
ATOM   373  C CE3 . TRP A 1 49  ? -3.639  0.973   5.656   1.00 8.31  ? 2219 TRP M CE3 1 
ATOM   374  C CZ2 . TRP A 1 49  ? -6.436  1.415   5.870   1.00 8.04  ? 2219 TRP M CZ2 1 
ATOM   375  C CZ3 . TRP A 1 49  ? -4.594  0.008   5.262   1.00 8.63  ? 2219 TRP M CZ3 1 
ATOM   376  C CH2 . TRP A 1 49  ? -5.926  0.221   5.365   1.00 8.03  ? 2219 TRP M CH2 1 
ATOM   377  N N   . ARG A 1 50  ? -3.102  2.719   9.679   1.00 8.70  ? 2220 ARG M N   1 
ATOM   378  C CA  . ARG A 1 50  ? -3.837  1.669   10.369  1.00 8.86  ? 2220 ARG M CA  1 
ATOM   379  C C   . ARG A 1 50  ? -5.306  1.959   10.167  1.00 9.01  ? 2220 ARG M C   1 
ATOM   380  O O   . ARG A 1 50  ? -5.762  3.086   10.411  1.00 9.38  ? 2220 ARG M O   1 
ATOM   381  C CB  . ARG A 1 50  ? -3.518  1.682   11.866  1.00 8.84  ? 2220 ARG M CB  1 
ATOM   382  C CG  . ARG A 1 50  ? -2.102  1.211   12.202  1.00 8.42  ? 2220 ARG M CG  1 
ATOM   383  C CD  . ARG A 1 50  ? -1.821  1.234   13.705  1.00 8.93  ? 2220 ARG M CD  1 
ATOM   384  N NE  . ARG A 1 50  ? -2.640  0.272   14.453  1.00 8.76  ? 2220 ARG M NE  1 
ATOM   385  C CZ  . ARG A 1 50  ? -2.626  0.157   15.783  1.00 8.96  ? 2220 ARG M CZ  1 
ATOM   386  N NH1 . ARG A 1 50  ? -1.844  0.943   16.532  1.00 9.16  ? 2220 ARG M NH1 1 
ATOM   387  N NH2 . ARG A 1 50  ? -3.368  -0.729  16.460  1.00 9.70  ? 2220 ARG M NH2 1 
ATOM   388  N N   . PRO A 1 51  ? -6.129  1.017   9.709   1.00 9.35  ? 2221 PRO M N   1 
ATOM   389  C CA  . PRO A 1 51  ? -7.530  1.296   9.537   1.00 9.92  ? 2221 PRO M CA  1 
ATOM   390  C C   . PRO A 1 51  ? -8.153  1.441   10.923  1.00 10.53 ? 2221 PRO M C   1 
ATOM   391  O O   . PRO A 1 51  ? -7.532  1.068   11.919  1.00 10.23 ? 2221 PRO M O   1 
ATOM   392  C CB  . PRO A 1 51  ? -8.103  0.023   8.968   1.00 9.65  ? 2221 PRO M CB  1 
ATOM   393  C CG  . PRO A 1 51  ? -6.988  -1.000  8.915   1.00 9.50  ? 2221 PRO M CG  1 
ATOM   394  C CD  . PRO A 1 51  ? -5.713  -0.345  9.365   1.00 9.50  ? 2221 PRO M CD  1 
ATOM   395  N N   . GLN A 1 52  ? -9.369  1.975   10.999  1.00 11.45 ? 2222 GLN M N   1 
ATOM   396  C CA  . GLN A 1 52  ? -9.998  2.136   12.305  1.00 13.08 ? 2222 GLN M CA  1 
ATOM   397  C C   . GLN A 1 52  ? -10.344 0.787   12.923  1.00 13.28 ? 2222 GLN M C   1 
ATOM   398  O O   . GLN A 1 52  ? -10.461 0.667   14.139  1.00 13.43 ? 2222 GLN M O   1 
ATOM   399  C CB  . GLN A 1 52  ? -11.248 3.018   12.220  1.00 14.50 ? 2222 GLN M CB  1 
ATOM   400  C CG  . GLN A 1 52  ? -12.395 2.473   11.393  1.00 17.11 ? 2222 GLN M CG  1 
ATOM   401  C CD  . GLN A 1 52  ? -13.678 3.255   11.624  1.00 18.61 ? 2222 GLN M CD  1 
ATOM   402  O OE1 . GLN A 1 52  ? -13.657 4.483   11.721  1.00 19.67 ? 2222 GLN M OE1 1 
ATOM   403  N NE2 . GLN A 1 52  ? -14.801 2.547   11.713  1.00 19.92 ? 2222 GLN M NE2 1 
ATOM   404  N N   . VAL A 1 53  ? -10.510 -0.226  12.082  1.00 13.34 ? 2223 VAL M N   1 
ATOM   405  C CA  . VAL A 1 53  ? -10.809 -1.573  12.553  1.00 14.12 ? 2223 VAL M CA  1 
ATOM   406  C C   . VAL A 1 53  ? -10.063 -2.592  11.697  1.00 13.78 ? 2223 VAL M C   1 
ATOM   407  O O   . VAL A 1 53  ? -9.821  -2.359  10.510  1.00 13.54 ? 2223 VAL M O   1 
ATOM   408  C CB  . VAL A 1 53  ? -12.325 -1.879  12.499  1.00 14.86 ? 2223 VAL M CB  1 
ATOM   409  C CG1 . VAL A 1 53  ? -13.067 -1.025  13.519  1.00 15.92 ? 2223 VAL M CG1 1 
ATOM   410  C CG2 . VAL A 1 53  ? -12.854 -1.628  11.105  1.00 15.63 ? 2223 VAL M CG2 1 
ATOM   411  N N   . ASN A 1 54  ? -9.687  -3.714  12.304  1.00 13.83 ? 2224 ASN M N   1 
ATOM   412  C CA  . ASN A 1 54  ? -8.976  -4.764  11.585  1.00 14.28 ? 2224 ASN M CA  1 
ATOM   413  C C   . ASN A 1 54  ? -9.978  -5.689  10.900  1.00 14.91 ? 2224 ASN M C   1 
ATOM   414  O O   . ASN A 1 54  ? -10.502 -6.626  11.504  1.00 15.10 ? 2224 ASN M O   1 
ATOM   415  C CB  . ASN A 1 54  ? -8.079  -5.556  12.545  1.00 13.93 ? 2224 ASN M CB  1 
ATOM   416  C CG  . ASN A 1 54  ? -6.960  -4.706  13.128  1.00 13.87 ? 2224 ASN M CG  1 
ATOM   417  O OD1 . ASN A 1 54  ? -6.224  -4.046  12.398  1.00 12.93 ? 2224 ASN M OD1 1 
ATOM   418  N ND2 . ASN A 1 54  ? -6.827  -4.722  14.447  1.00 14.21 ? 2224 ASN M ND2 1 
ATOM   419  N N   . ASN A 1 55  ? -10.233 -5.407  9.627   1.00 15.52 ? 2225 ASN M N   1 
ATOM   420  C CA  . ASN A 1 55  ? -11.178 -6.173  8.822   1.00 16.35 ? 2225 ASN M CA  1 
ATOM   421  C C   . ASN A 1 55  ? -10.691 -6.173  7.371   1.00 16.34 ? 2225 ASN M C   1 
ATOM   422  O O   . ASN A 1 55  ? -10.121 -5.185  6.909   1.00 16.17 ? 2225 ASN M O   1 
ATOM   423  C CB  . ASN A 1 55  ? -12.562 -5.524  8.934   1.00 17.74 ? 2225 ASN M CB  1 
ATOM   424  C CG  . ASN A 1 55  ? -13.247 -5.377  7.599   1.00 19.10 ? 2225 ASN M CG  1 
ATOM   425  O OD1 . ASN A 1 55  ? -13.946 -6.279  7.142   1.00 19.87 ? 2225 ASN M OD1 1 
ATOM   426  N ND2 . ASN A 1 55  ? -13.037 -4.236  6.954   1.00 20.02 ? 2225 ASN M ND2 1 
ATOM   427  N N   . PRO A 1 56  ? -10.918 -7.276  6.635   1.00 16.18 ? 2226 PRO M N   1 
ATOM   428  C CA  . PRO A 1 56  ? -10.492 -7.396  5.235   1.00 16.19 ? 2226 PRO M CA  1 
ATOM   429  C C   . PRO A 1 56  ? -11.206 -6.479  4.244   1.00 16.12 ? 2226 PRO M C   1 
ATOM   430  O O   . PRO A 1 56  ? -10.918 -6.516  3.049   1.00 16.27 ? 2226 PRO M O   1 
ATOM   431  C CB  . PRO A 1 56  ? -10.733 -8.873  4.928   1.00 16.29 ? 2226 PRO M CB  1 
ATOM   432  C CG  . PRO A 1 56  ? -11.925 -9.194  5.779   1.00 16.73 ? 2226 PRO M CG  1 
ATOM   433  C CD  . PRO A 1 56  ? -11.588 -8.509  7.086   1.00 16.28 ? 2226 PRO M CD  1 
ATOM   434  N N   . LYS A 1 57  ? -12.124 -5.653  4.737   1.00 15.96 ? 2227 LYS M N   1 
ATOM   435  C CA  . LYS A 1 57  ? -12.862 -4.736  3.875   1.00 16.20 ? 2227 LYS M CA  1 
ATOM   436  C C   . LYS A 1 57  ? -12.270 -3.330  3.876   1.00 15.34 ? 2227 LYS M C   1 
ATOM   437  O O   . LYS A 1 57  ? -12.854 -2.406  3.312   1.00 15.73 ? 2227 LYS M O   1 
ATOM   438  C CB  . LYS A 1 57  ? -14.326 -4.657  4.310   1.00 17.36 ? 2227 LYS M CB  1 
ATOM   439  C CG  . LYS A 1 57  ? -15.108 -5.944  4.141   1.00 18.76 ? 2227 LYS M CG  1 
ATOM   440  C CD  . LYS A 1 57  ? -16.528 -5.773  4.660   1.00 20.20 ? 2227 LYS M CD  1 
ATOM   441  C CE  . LYS A 1 57  ? -17.347 -7.036  4.471   1.00 21.28 ? 2227 LYS M CE  1 
ATOM   442  N NZ  . LYS A 1 57  ? -18.741 -6.867  4.967   1.00 22.07 ? 2227 LYS M NZ  1 
ATOM   443  N N   . GLU A 1 58  ? -11.118 -3.166  4.517   1.00 14.54 ? 2228 GLU M N   1 
ATOM   444  C CA  . GLU A 1 58  ? -10.465 -1.864  4.570   1.00 13.44 ? 2228 GLU M CA  1 
ATOM   445  C C   . GLU A 1 58  ? -9.496  -1.738  3.399   1.00 12.53 ? 2228 GLU M C   1 
ATOM   446  O O   . GLU A 1 58  ? -9.132  -2.734  2.777   1.00 12.38 ? 2228 GLU M O   1 
ATOM   447  C CB  . GLU A 1 58  ? -9.703  -1.702  5.888   1.00 13.97 ? 2228 GLU M CB  1 
ATOM   448  C CG  . GLU A 1 58  ? -10.557 -1.763  7.154   1.00 14.85 ? 2228 GLU M CG  1 
ATOM   449  C CD  . GLU A 1 58  ? -11.486 -0.570  7.317   1.00 15.90 ? 2228 GLU M CD  1 
ATOM   450  O OE1 . GLU A 1 58  ? -11.081 0.557   6.968   1.00 15.62 ? 2228 GLU M OE1 1 
ATOM   451  O OE2 . GLU A 1 58  ? -12.619 -0.754  7.813   1.00 17.20 ? 2228 GLU M OE2 1 
ATOM   452  N N   . TRP A 1 59  ? -9.084  -0.514  3.090   1.00 11.59 ? 2229 TRP M N   1 
ATOM   453  C CA  . TRP A 1 59  ? -8.154  -0.295  1.991   1.00 11.25 ? 2229 TRP M CA  1 
ATOM   454  C C   . TRP A 1 59  ? -7.438  1.058   2.089   1.00 10.92 ? 2229 TRP M C   1 
ATOM   455  O O   . TRP A 1 59  ? -7.928  2.000   2.721   1.00 10.64 ? 2229 TRP M O   1 
ATOM   456  C CB  . TRP A 1 59  ? -8.883  -0.376  0.638   1.00 11.68 ? 2229 TRP M CB  1 
ATOM   457  C CG  . TRP A 1 59  ? -10.183 0.440   0.590   1.00 12.37 ? 2229 TRP M CG  1 
ATOM   458  C CD1 . TRP A 1 59  ? -11.428 -0.024  0.759   1.00 13.03 ? 2229 TRP M CD1 1 
ATOM   459  C CD2 . TRP A 1 59  ? -10.273 1.843   0.348   1.00 12.52 ? 2229 TRP M CD2 1 
ATOM   460  N NE1 . TRP A 1 59  ? -12.318 1.089   0.635   1.00 13.56 ? 2229 TRP M NE1 1 
ATOM   461  C CE2 . TRP A 1 59  ? -11.621 2.176   0.399   1.00 12.97 ? 2229 TRP M CE2 1 
ATOM   462  C CE3 . TRP A 1 59  ? -9.331  2.854   0.099   1.00 12.44 ? 2229 TRP M CE3 1 
ATOM   463  C CZ2 . TRP A 1 59  ? -12.096 3.483   0.223   1.00 13.00 ? 2229 TRP M CZ2 1 
ATOM   464  C CZ3 . TRP A 1 59  ? -9.820  4.166   -0.081  1.00 12.52 ? 2229 TRP M CZ3 1 
ATOM   465  C CH2 . TRP A 1 59  ? -11.138 4.464   -0.019  1.00 12.75 ? 2229 TRP M CH2 1 
ATOM   466  N N   . LEU A 1 60  ? -6.281  1.070   1.449   1.00 10.42 ? 2230 LEU M N   1 
ATOM   467  C CA  . LEU A 1 60  ? -5.401  2.246   1.331   1.00 10.72 ? 2230 LEU M CA  1 
ATOM   468  C C   . LEU A 1 60  ? -5.322  2.575   -0.158  1.00 10.69 ? 2230 LEU M C   1 
ATOM   469  O O   . LEU A 1 60  ? -5.082  1.693   -0.992  1.00 10.69 ? 2230 LEU M O   1 
ATOM   470  C CB  . LEU A 1 60  ? -4.025  1.889   1.908   1.00 11.10 ? 2230 LEU M CB  1 
ATOM   471  C CG  . LEU A 1 60  ? -3.008  3.032   1.888   1.00 11.39 ? 2230 LEU M CG  1 
ATOM   472  C CD1 . LEU A 1 60  ? -3.351  4.157   2.867   1.00 11.92 ? 2230 LEU M CD1 1 
ATOM   473  C CD2 . LEU A 1 60  ? -1.596  2.566   2.266   1.00 12.83 ? 2230 LEU M CD2 1 
ATOM   474  N N   . GLN A 1 61  ? -5.533  3.831   -0.486  1.00 10.34 ? 2231 GLN M N   1 
ATOM   475  C CA  . GLN A 1 61  ? -5.573  4.257   -1.894  1.00 10.83 ? 2231 GLN M CA  1 
ATOM   476  C C   . GLN A 1 61  ? -4.547  5.353   -2.187  1.00 10.62 ? 2231 GLN M C   1 
ATOM   477  O O   . GLN A 1 61  ? -4.325  6.259   -1.374  1.00 10.80 ? 2231 GLN M O   1 
ATOM   478  C CB  . GLN A 1 61  ? -6.971  4.788   -2.203  1.00 10.94 ? 2231 GLN M CB  1 
ATOM   479  C CG  . GLN A 1 61  ? -7.117  5.388   -3.597  1.00 12.35 ? 2231 GLN M CG  1 
ATOM   480  C CD  . GLN A 1 61  ? -8.528  5.920   -3.847  1.00 12.92 ? 2231 GLN M CD  1 
ATOM   481  O OE1 . GLN A 1 61  ? -9.496  5.167   -3.738  1.00 13.89 ? 2231 GLN M OE1 1 
ATOM   482  N NE2 . GLN A 1 61  ? -8.705  7.185   -4.174  1.00 14.24 ? 2231 GLN M NE2 1 
ATOM   483  N N   . VAL A 1 62  ? -3.950  5.227   -3.360  1.00 10.58 ? 2232 VAL M N   1 
ATOM   484  C CA  . VAL A 1 62  ? -2.977  6.204   -3.867  1.00 11.06 ? 2232 VAL M CA  1 
ATOM   485  C C   . VAL A 1 62  ? -3.450  6.711   -5.224  1.00 11.49 ? 2232 VAL M C   1 
ATOM   486  O O   . VAL A 1 62  ? -3.835  5.922   -6.093  1.00 11.44 ? 2232 VAL M O   1 
ATOM   487  C CB  . VAL A 1 62  ? -1.594  5.581   -4.029  1.00 10.97 ? 2232 VAL M CB  1 
ATOM   488  C CG1 . VAL A 1 62  ? -0.563  6.578   -4.570  1.00 11.67 ? 2232 VAL M CG1 1 
ATOM   489  C CG2 . VAL A 1 62  ? -1.024  5.055   -2.714  1.00 11.32 ? 2232 VAL M CG2 1 
ATOM   490  N N   . ASP A 1 63  ? -3.432  8.030   -5.388  1.00 12.06 ? 2233 ASP M N   1 
ATOM   491  C CA  . ASP A 1 63  ? -3.836  8.679   -6.636  1.00 13.09 ? 2233 ASP M CA  1 
ATOM   492  C C   . ASP A 1 63  ? -2.594  9.351   -7.215  1.00 13.55 ? 2233 ASP M C   1 
ATOM   493  O O   . ASP A 1 63  ? -2.065  10.291  -6.627  1.00 13.39 ? 2233 ASP M O   1 
ATOM   494  C CB  . ASP A 1 63  ? -4.920  9.728   -6.352  1.00 13.78 ? 2233 ASP M CB  1 
ATOM   495  C CG  . ASP A 1 63  ? -5.307  10.522  -7.588  1.00 14.29 ? 2233 ASP M CG  1 
ATOM   496  O OD1 . ASP A 1 63  ? -6.142  11.446  -7.459  1.00 15.34 ? 2233 ASP M OD1 1 
ATOM   497  O OD2 . ASP A 1 63  ? -4.781  10.229  -8.683  1.00 15.16 ? 2233 ASP M OD2 1 
ATOM   498  N N   . PHE A 1 64  ? -2.129  8.868   -8.364  1.00 14.13 ? 2234 PHE M N   1 
ATOM   499  C CA  . PHE A 1 64  ? -0.936  9.430   -8.993  1.00 15.09 ? 2234 PHE M CA  1 
ATOM   500  C C   . PHE A 1 64  ? -1.235  10.719  -9.748  1.00 15.89 ? 2234 PHE M C   1 
ATOM   501  O O   . PHE A 1 64  ? -0.318  11.394  -10.215 1.00 16.18 ? 2234 PHE M O   1 
ATOM   502  C CB  . PHE A 1 64  ? -0.311  8.415   -9.952  1.00 14.95 ? 2234 PHE M CB  1 
ATOM   503  C CG  . PHE A 1 64  ? -0.075  7.063   -9.336  1.00 14.42 ? 2234 PHE M CG  1 
ATOM   504  C CD1 . PHE A 1 64  ? -0.708  5.934   -9.846  1.00 14.40 ? 2234 PHE M CD1 1 
ATOM   505  C CD2 . PHE A 1 64  ? 0.765   6.921   -8.236  1.00 14.57 ? 2234 PHE M CD2 1 
ATOM   506  C CE1 . PHE A 1 64  ? -0.508  4.680   -9.266  1.00 14.58 ? 2234 PHE M CE1 1 
ATOM   507  C CE2 . PHE A 1 64  ? 0.970   5.671   -7.650  1.00 14.52 ? 2234 PHE M CE2 1 
ATOM   508  C CZ  . PHE A 1 64  ? 0.331   4.551   -8.167  1.00 14.20 ? 2234 PHE M CZ  1 
ATOM   509  N N   . GLN A 1 65  ? -2.521  11.042  -9.863  1.00 16.80 ? 2235 GLN M N   1 
ATOM   510  C CA  . GLN A 1 65  ? -2.985  12.248  -10.554 1.00 17.91 ? 2235 GLN M CA  1 
ATOM   511  C C   . GLN A 1 65  ? -2.880  12.120  -12.067 1.00 18.18 ? 2235 GLN M C   1 
ATOM   512  O O   . GLN A 1 65  ? -3.203  13.052  -12.805 1.00 18.51 ? 2235 GLN M O   1 
ATOM   513  C CB  . GLN A 1 65  ? -2.206  13.474  -10.077 1.00 18.68 ? 2235 GLN M CB  1 
ATOM   514  C CG  . GLN A 1 65  ? -2.303  13.702  -8.578  1.00 20.18 ? 2235 GLN M CG  1 
ATOM   515  C CD  . GLN A 1 65  ? -1.602  14.965  -8.127  1.00 20.70 ? 2235 GLN M CD  1 
ATOM   516  O OE1 . GLN A 1 65  ? -0.424  15.176  -8.422  1.00 21.80 ? 2235 GLN M OE1 1 
ATOM   517  N NE2 . GLN A 1 65  ? -2.321  15.808  -7.402  1.00 21.94 ? 2235 GLN M NE2 1 
ATOM   518  N N   . LYS A 1 66  ? -2.424  10.960  -12.522 1.00 18.22 ? 2236 LYS M N   1 
ATOM   519  C CA  . LYS A 1 66  ? -2.290  10.680  -13.943 1.00 17.94 ? 2236 LYS M CA  1 
ATOM   520  C C   . LYS A 1 66  ? -1.991  9.199   -14.111 1.00 17.60 ? 2236 LYS M C   1 
ATOM   521  O O   . LYS A 1 66  ? -1.584  8.531   -13.161 1.00 17.17 ? 2236 LYS M O   1 
ATOM   522  C CB  . LYS A 1 66  ? -1.167  11.515  -14.564 1.00 18.87 ? 2236 LYS M CB  1 
ATOM   523  C CG  . LYS A 1 66  ? 0.236   11.200  -14.065 1.00 19.63 ? 2236 LYS M CG  1 
ATOM   524  C CD  . LYS A 1 66  ? 1.243   12.066  -14.803 1.00 20.63 ? 2236 LYS M CD  1 
ATOM   525  C CE  . LYS A 1 66  ? 2.668   11.793  -14.373 1.00 21.24 ? 2236 LYS M CE  1 
ATOM   526  N NZ  . LYS A 1 66  ? 3.621   12.634  -15.150 1.00 22.36 ? 2236 LYS M NZ  1 
ATOM   527  N N   . THR A 1 67  ? -2.202  8.686   -15.314 1.00 16.75 ? 2237 THR M N   1 
ATOM   528  C CA  . THR A 1 67  ? -1.954  7.279   -15.580 1.00 16.23 ? 2237 THR M CA  1 
ATOM   529  C C   . THR A 1 67  ? -0.468  6.951   -15.487 1.00 15.26 ? 2237 THR M C   1 
ATOM   530  O O   . THR A 1 67  ? 0.367   7.617   -16.098 1.00 15.15 ? 2237 THR M O   1 
ATOM   531  C CB  . THR A 1 67  ? -2.462  6.879   -16.981 1.00 16.54 ? 2237 THR M CB  1 
ATOM   532  O OG1 . THR A 1 67  ? -3.846  7.230   -17.100 1.00 17.67 ? 2237 THR M OG1 1 
ATOM   533  C CG2 . THR A 1 67  ? -2.308  5.380   -17.195 1.00 16.80 ? 2237 THR M CG2 1 
ATOM   534  N N   . MET A 1 68  ? -0.147  5.926   -14.706 1.00 14.41 ? 2238 MET M N   1 
ATOM   535  C CA  . MET A 1 68  ? 1.230   5.484   -14.543 1.00 13.91 ? 2238 MET M CA  1 
ATOM   536  C C   . MET A 1 68  ? 1.292   4.002   -14.870 1.00 13.15 ? 2238 MET M C   1 
ATOM   537  O O   . MET A 1 68  ? 0.267   3.315   -14.872 1.00 12.93 ? 2238 MET M O   1 
ATOM   538  C CB  . MET A 1 68  ? 1.701   5.685   -13.097 1.00 14.28 ? 2238 MET M CB  1 
ATOM   539  C CG  . MET A 1 68  ? 1.697   7.123   -12.610 1.00 15.13 ? 2238 MET M CG  1 
ATOM   540  S SD  . MET A 1 68  ? 2.865   8.182   -13.471 1.00 16.65 ? 2238 MET M SD  1 
ATOM   541  C CE  . MET A 1 68  ? 4.409   7.700   -12.683 1.00 16.13 ? 2238 MET M CE  1 
ATOM   542  N N   . LYS A 1 69  ? 2.465   3.530   -15.162 1.00 12.72 ? 2239 LYS M N   1 
ATOM   543  C CA  . LYS A 1 69  ? 2.690   2.106   -15.399 1.00 12.37 ? 2239 LYS M CA  1 
ATOM   544  C C   . LYS A 1 69  ? 3.247   1.528   -14.107 1.00 12.06 ? 2239 LYS M C   1 
ATOM   545  O O   . LYS A 1 69  ? 4.417   1.734   -13.773 1.00 12.31 ? 2239 LYS M O   1 
ATOM   546  C CB  . LYS A 1 69  ? 3.680   1.915   -16.547 1.00 13.01 ? 2239 LYS M CB  1 
ATOM   547  C CG  . LYS A 1 69  ? 3.933   0.446   -16.891 1.00 13.88 ? 2239 LYS M CG  1 
ATOM   548  C CD  . LYS A 1 69  ? 4.804   0.283   -18.135 1.00 14.99 ? 2239 LYS M CD  1 
ATOM   549  C CE  . LYS A 1 69  ? 4.967   -1.171  -18.574 1.00 16.37 ? 2239 LYS M CE  1 
ATOM   550  N NZ  . LYS A 1 69  ? 5.675   -1.299  -19.857 1.00 17.46 ? 2239 LYS M NZ  1 
ATOM   551  N N   . VAL A 1 70  ? 2.391   0.833   -13.386 1.00 11.04 ? 2240 VAL M N   1 
ATOM   552  C CA  . VAL A 1 70  ? 2.770   0.241   -12.094 1.00 10.13 ? 2240 VAL M CA  1 
ATOM   553  C C   . VAL A 1 70  ? 3.257   -1.191  -12.290 1.00 9.71  ? 2240 VAL M C   1 
ATOM   554  O O   . VAL A 1 70  ? 2.526   -2.054  -12.793 1.00 9.79  ? 2240 VAL M O   1 
ATOM   555  C CB  . VAL A 1 70  ? 1.574   0.237   -11.150 1.00 9.99  ? 2240 VAL M CB  1 
ATOM   556  C CG1 . VAL A 1 70  ? 1.903   -0.365  -9.784  1.00 10.22 ? 2240 VAL M CG1 1 
ATOM   557  C CG2 . VAL A 1 70  ? 1.036   1.643   -10.878 1.00 10.11 ? 2240 VAL M CG2 1 
ATOM   558  N N   . THR A 1 71  ? 4.492   -1.421  -11.873 1.00 9.30  ? 2241 THR M N   1 
ATOM   559  C CA  . THR A 1 71  ? 5.108   -2.737  -12.040 1.00 9.12  ? 2241 THR M CA  1 
ATOM   560  C C   . THR A 1 71  ? 5.303   -3.486  -10.723 1.00 8.71  ? 2241 THR M C   1 
ATOM   561  O O   . THR A 1 71  ? 5.771   -4.630  -10.703 1.00 8.73  ? 2241 THR M O   1 
ATOM   562  C CB  . THR A 1 71  ? 6.467   -2.630  -12.729 1.00 9.18  ? 2241 THR M CB  1 
ATOM   563  O OG1 . THR A 1 71  ? 7.316   -1.760  -11.997 1.00 10.29 ? 2241 THR M OG1 1 
ATOM   564  C CG2 . THR A 1 71  ? 6.372   -2.084  -14.155 1.00 10.04 ? 2241 THR M CG2 1 
ATOM   565  N N   . GLY A 1 72  ? 4.947   -2.862  -9.620  1.00 8.72  ? 2242 GLY M N   1 
ATOM   566  C CA  . GLY A 1 72  ? 5.079   -3.533  -8.318  1.00 8.79  ? 2242 GLY M CA  1 
ATOM   567  C C   . GLY A 1 72  ? 4.816   -2.585  -7.156  1.00 8.09  ? 2242 GLY M C   1 
ATOM   568  O O   . GLY A 1 72  ? 4.667   -1.373  -7.334  1.00 8.23  ? 2242 GLY M O   1 
ATOM   569  N N   . VAL A 1 73  ? 4.758   -3.197  -5.994  1.00 8.40  ? 2243 VAL M N   1 
ATOM   570  C CA  . VAL A 1 73  ? 4.564   -2.489  -4.730  1.00 8.37  ? 2243 VAL M CA  1 
ATOM   571  C C   . VAL A 1 73  ? 5.483   -3.092  -3.688  1.00 8.44  ? 2243 VAL M C   1 
ATOM   572  O O   . VAL A 1 73  ? 5.860   -4.267  -3.776  1.00 9.08  ? 2243 VAL M O   1 
ATOM   573  C CB  . VAL A 1 73  ? 3.124   -2.629  -4.227  1.00 8.65  ? 2243 VAL M CB  1 
ATOM   574  C CG1 . VAL A 1 73  ? 2.094   -2.018  -5.176  1.00 9.66  ? 2243 VAL M CG1 1 
ATOM   575  C CG2 . VAL A 1 73  ? 2.706   -4.085  -4.020  1.00 9.70  ? 2243 VAL M CG2 1 
ATOM   576  N N   . THR A 1 74  ? 5.827   -2.269  -2.741  1.00 8.11  ? 2244 THR M N   1 
ATOM   577  C CA  . THR A 1 74  ? 6.656   -2.679  -1.614  1.00 7.96  ? 2244 THR M CA  1 
ATOM   578  C C   . THR A 1 74  ? 5.878   -2.384  -0.349  1.00 7.68  ? 2244 THR M C   1 
ATOM   579  O O   . THR A 1 74  ? 5.341   -1.287  -0.173  1.00 7.83  ? 2244 THR M O   1 
ATOM   580  C CB  . THR A 1 74  ? 7.968   -1.892  -1.602  1.00 8.41  ? 2244 THR M CB  1 
ATOM   581  O OG1 . THR A 1 74  ? 8.598   -1.967  -2.872  1.00 10.03 ? 2244 THR M OG1 1 
ATOM   582  C CG2 . THR A 1 74  ? 8.964   -2.415  -0.564  1.00 8.76  ? 2244 THR M CG2 1 
ATOM   583  N N   . THR A 1 75  ? 5.801   -3.364  0.522   1.00 7.45  ? 2245 THR M N   1 
ATOM   584  C CA  . THR A 1 75  ? 5.083   -3.170  1.781   1.00 7.40  ? 2245 THR M CA  1 
ATOM   585  C C   . THR A 1 75  ? 5.988   -3.430  2.971   1.00 7.28  ? 2245 THR M C   1 
ATOM   586  O O   . THR A 1 75  ? 6.963   -4.184  2.886   1.00 7.12  ? 2245 THR M O   1 
ATOM   587  C CB  . THR A 1 75  ? 3.858   -4.080  1.882   1.00 7.76  ? 2245 THR M CB  1 
ATOM   588  O OG1 . THR A 1 75  ? 4.251   -5.440  1.842   1.00 8.09  ? 2245 THR M OG1 1 
ATOM   589  C CG2 . THR A 1 75  ? 2.851   -3.847  0.757   1.00 7.75  ? 2245 THR M CG2 1 
ATOM   590  N N   . GLN A 1 76  ? 5.634   -2.802  4.084   1.00 7.71  ? 2246 GLN M N   1 
ATOM   591  C CA  . GLN A 1 76  ? 6.384   -2.892  5.317   1.00 8.33  ? 2246 GLN M CA  1 
ATOM   592  C C   . GLN A 1 76  ? 5.418   -2.680  6.478   1.00 8.20  ? 2246 GLN M C   1 
ATOM   593  O O   . GLN A 1 76  ? 4.361   -2.070  6.314   1.00 7.72  ? 2246 GLN M O   1 
ATOM   594  C CB  . GLN A 1 76  ? 7.465   -1.804  5.286   1.00 8.77  ? 2246 GLN M CB  1 
ATOM   595  C CG  . GLN A 1 76  ? 8.276   -1.621  6.542   1.00 9.55  ? 2246 GLN M CG  1 
ATOM   596  C CD  . GLN A 1 76  ? 9.234   -0.451  6.414   1.00 9.31  ? 2246 GLN M CD  1 
ATOM   597  O OE1 . GLN A 1 76  ? 8.856   0.625   5.946   1.00 9.08  ? 2246 GLN M OE1 1 
ATOM   598  N NE2 . GLN A 1 76  ? 10.478  -0.652  6.839   1.00 10.13 ? 2246 GLN M NE2 1 
ATOM   599  N N   . GLY A 1 77  ? 5.759   -3.216  7.644   1.00 8.96  ? 2247 GLY M N   1 
ATOM   600  C CA  . GLY A 1 77  ? 4.902   -3.023  8.798   1.00 9.52  ? 2247 GLY M CA  1 
ATOM   601  C C   . GLY A 1 77  ? 5.567   -2.028  9.731   1.00 10.20 ? 2247 GLY M C   1 
ATOM   602  O O   . GLY A 1 77  ? 6.311   -1.151  9.291   1.00 9.68  ? 2247 GLY M O   1 
ATOM   603  N N   . VAL A 1 78  ? 5.286   -2.149  11.021  1.00 10.33 ? 2248 VAL M N   1 
ATOM   604  C CA  . VAL A 1 78  ? 5.890   -1.281  12.027  1.00 11.31 ? 2248 VAL M CA  1 
ATOM   605  C C   . VAL A 1 78  ? 5.854   -2.048  13.333  1.00 11.91 ? 2248 VAL M C   1 
ATOM   606  O O   . VAL A 1 78  ? 5.225   -3.099  13.422  1.00 11.96 ? 2248 VAL M O   1 
ATOM   607  C CB  . VAL A 1 78  ? 5.096   0.044   12.243  1.00 11.49 ? 2248 VAL M CB  1 
ATOM   608  C CG1 . VAL A 1 78  ? 5.009   0.836   10.952  1.00 12.64 ? 2248 VAL M CG1 1 
ATOM   609  C CG2 . VAL A 1 78  ? 3.709   -0.261  12.791  1.00 12.06 ? 2248 VAL M CG2 1 
ATOM   610  N N   . LYS A 1 79  ? 6.553   -1.539  14.338  1.00 12.70 ? 2249 LYS M N   1 
ATOM   611  C CA  . LYS A 1 79  ? 6.528   -2.168  15.647  1.00 13.59 ? 2249 LYS M CA  1 
ATOM   612  C C   . LYS A 1 79  ? 6.231   -1.065  16.647  1.00 13.80 ? 2249 LYS M C   1 
ATOM   613  O O   . LYS A 1 79  ? 6.802   0.024   16.573  1.00 14.15 ? 2249 LYS M O   1 
ATOM   614  C CB  . LYS A 1 79  ? 7.867   -2.832  15.981  1.00 14.41 ? 2249 LYS M CB  1 
ATOM   615  C CG  . LYS A 1 79  ? 7.850   -3.597  17.305  1.00 15.99 ? 2249 LYS M CG  1 
ATOM   616  C CD  . LYS A 1 79  ? 9.092   -4.457  17.473  1.00 17.52 ? 2249 LYS M CD  1 
ATOM   617  C CE  . LYS A 1 79  ? 8.958   -5.387  18.669  1.00 18.42 ? 2249 LYS M CE  1 
ATOM   618  N NZ  . LYS A 1 79  ? 10.101  -6.340  18.767  1.00 19.30 ? 2249 LYS M NZ  1 
ATOM   619  N N   . SER A 1 80  ? 5.308   -1.334  17.559  1.00 13.72 ? 2250 SER M N   1 
ATOM   620  C CA  . SER A 1 80  ? 4.949   -0.361  18.578  1.00 14.16 ? 2250 SER M CA  1 
ATOM   621  C C   . SER A 1 80  ? 5.176   -1.059  19.908  1.00 13.89 ? 2250 SER M C   1 
ATOM   622  O O   . SER A 1 80  ? 4.518   -2.052  20.214  1.00 13.47 ? 2250 SER M O   1 
ATOM   623  C CB  . SER A 1 80  ? 3.486   0.049   18.425  1.00 14.84 ? 2250 SER M CB  1 
ATOM   624  O OG  . SER A 1 80  ? 3.173   1.130   19.284  1.00 16.76 ? 2250 SER M OG  1 
ATOM   625  N N   . LEU A 1 81  ? 6.119   -0.541  20.687  1.00 14.21 ? 2251 LEU M N   1 
ATOM   626  C CA  . LEU A 1 81  ? 6.470   -1.136  21.970  1.00 14.33 ? 2251 LEU M CA  1 
ATOM   627  C C   . LEU A 1 81  ? 6.979   -2.555  21.714  1.00 14.04 ? 2251 LEU M C   1 
ATOM   628  O O   . LEU A 1 81  ? 7.982   -2.737  21.023  1.00 14.04 ? 2251 LEU M O   1 
ATOM   629  C CB  . LEU A 1 81  ? 5.257   -1.142  22.916  1.00 15.44 ? 2251 LEU M CB  1 
ATOM   630  C CG  . LEU A 1 81  ? 4.710   0.245   23.283  1.00 16.19 ? 2251 LEU M CG  1 
ATOM   631  C CD1 . LEU A 1 81  ? 3.548   0.108   24.260  1.00 16.85 ? 2251 LEU M CD1 1 
ATOM   632  C CD2 . LEU A 1 81  ? 5.813   1.085   23.902  1.00 17.19 ? 2251 LEU M CD2 1 
ATOM   633  N N   . LEU A 1 82  ? 6.292   -3.560  22.247  1.00 13.50 ? 2252 LEU M N   1 
ATOM   634  C CA  . LEU A 1 82  ? 6.712   -4.946  22.053  1.00 12.92 ? 2252 LEU M CA  1 
ATOM   635  C C   . LEU A 1 82  ? 5.885   -5.642  20.972  1.00 12.34 ? 2252 LEU M C   1 
ATOM   636  O O   . LEU A 1 82  ? 6.051   -6.840  20.713  1.00 12.52 ? 2252 LEU M O   1 
ATOM   637  C CB  . LEU A 1 82  ? 6.512   -5.749  23.344  1.00 13.35 ? 2252 LEU M CB  1 
ATOM   638  C CG  . LEU A 1 82  ? 7.106   -5.170  24.619  1.00 13.80 ? 2252 LEU M CG  1 
ATOM   639  C CD1 . LEU A 1 82  ? 6.759   -6.028  25.849  1.00 14.35 ? 2252 LEU M CD1 1 
ATOM   640  C CD2 . LEU A 1 82  ? 8.627   -5.089  24.582  1.00 13.86 ? 2252 LEU M CD2 1 
ATOM   641  N N   . THR A 1 83  ? 5.014   -4.890  20.327  1.00 11.50 ? 2253 THR M N   1 
ATOM   642  C CA  . THR A 1 83  ? 4.078   -5.488  19.363  1.00 10.94 ? 2253 THR M CA  1 
ATOM   643  C C   . THR A 1 83  ? 4.374   -5.170  17.896  1.00 10.39 ? 2253 THR M C   1 
ATOM   644  O O   . THR A 1 83  ? 4.328   -4.012  17.460  1.00 10.39 ? 2253 THR M O   1 
ATOM   645  C CB  . THR A 1 83  ? 2.662   -5.004  19.643  1.00 11.28 ? 2253 THR M CB  1 
ATOM   646  O OG1 . THR A 1 83  ? 2.334   -5.257  21.002  1.00 12.13 ? 2253 THR M OG1 1 
ATOM   647  C CG2 . THR A 1 83  ? 1.617   -5.703  18.776  1.00 11.30 ? 2253 THR M CG2 1 
ATOM   648  N N   . SER A 1 84  ? 4.651   -6.241  17.175  1.00 10.21 ? 2254 SER M N   1 
ATOM   649  C CA  . SER A 1 84  ? 4.850   -6.186  15.732  1.00 10.42 ? 2254 SER M CA  1 
ATOM   650  C C   . SER A 1 84  ? 3.473   -6.011  15.106  1.00 10.07 ? 2254 SER M C   1 
ATOM   651  O O   . SER A 1 84  ? 2.479   -6.564  15.589  1.00 10.34 ? 2254 SER M O   1 
ATOM   652  C CB  . SER A 1 84  ? 5.480   -7.493  15.242  1.00 10.54 ? 2254 SER M CB  1 
ATOM   653  O OG  . SER A 1 84  ? 4.599   -8.580  15.504  1.00 11.84 ? 2254 SER M OG  1 
ATOM   654  N N   . MET A 1 85  ? 3.423   -5.221  14.029  1.00 9.39  ? 2255 MET M N   1 
ATOM   655  C CA  . MET A 1 85  ? 2.153   -4.995  13.353  1.00 9.27  ? 2255 MET M CA  1 
ATOM   656  C C   . MET A 1 85  ? 2.428   -4.971  11.862  1.00 9.04  ? 2255 MET M C   1 
ATOM   657  O O   . MET A 1 85  ? 3.142   -4.095  11.378  1.00 9.55  ? 2255 MET M O   1 
ATOM   658  C CB  . MET A 1 85  ? 1.531   -3.661  13.775  1.00 9.69  ? 2255 MET M CB  1 
ATOM   659  C CG  . MET A 1 85  ? 1.287   -3.523  15.275  1.00 10.28 ? 2255 MET M CG  1 
ATOM   660  S SD  . MET A 1 85  ? 0.435   -1.973  15.650  1.00 11.86 ? 2255 MET M SD  1 
ATOM   661  C CE  . MET A 1 85  ? 1.762   -0.815  15.548  1.00 13.41 ? 2255 MET M CE  1 
ATOM   662  N N   . TYR A 1 86  ? 1.871   -5.932  11.135  1.00 8.90  ? 2256 TYR M N   1 
ATOM   663  C CA  . TYR A 1 86  ? 2.096   -5.976  9.699   1.00 8.72  ? 2256 TYR M CA  1 
ATOM   664  C C   . TYR A 1 86  ? 1.069   -6.801  8.948   1.00 8.86  ? 2256 TYR M C   1 
ATOM   665  O O   . TYR A 1 86  ? 0.384   -7.653  9.517   1.00 8.65  ? 2256 TYR M O   1 
ATOM   666  C CB  . TYR A 1 86  ? 3.505   -6.502  9.405   1.00 9.23  ? 2256 TYR M CB  1 
ATOM   667  C CG  . TYR A 1 86  ? 3.827   -7.878  9.957   1.00 9.50  ? 2256 TYR M CG  1 
ATOM   668  C CD1 . TYR A 1 86  ? 3.535   -9.033  9.232   1.00 10.07 ? 2256 TYR M CD1 1 
ATOM   669  C CD2 . TYR A 1 86  ? 4.477   -8.020  11.185  1.00 10.19 ? 2256 TYR M CD2 1 
ATOM   670  C CE1 . TYR A 1 86  ? 3.893   -10.299 9.711   1.00 10.90 ? 2256 TYR M CE1 1 
ATOM   671  C CE2 . TYR A 1 86  ? 4.836   -9.274  11.672  1.00 10.63 ? 2256 TYR M CE2 1 
ATOM   672  C CZ  . TYR A 1 86  ? 4.545   -10.409 10.932  1.00 10.57 ? 2256 TYR M CZ  1 
ATOM   673  O OH  . TYR A 1 86  ? 4.926   -11.652 11.396  1.00 11.93 ? 2256 TYR M OH  1 
ATOM   674  N N   . VAL A 1 87  ? 0.967   -6.521  7.655   1.00 8.53  ? 2257 VAL M N   1 
ATOM   675  C CA  . VAL A 1 87  ? 0.045   -7.209  6.768   1.00 8.81  ? 2257 VAL M CA  1 
ATOM   676  C C   . VAL A 1 87  ? 0.769   -8.398  6.134   1.00 9.18  ? 2257 VAL M C   1 
ATOM   677  O O   . VAL A 1 87  ? 1.834   -8.231  5.535   1.00 9.38  ? 2257 VAL M O   1 
ATOM   678  C CB  . VAL A 1 87  ? -0.441  -6.244  5.664   1.00 8.54  ? 2257 VAL M CB  1 
ATOM   679  C CG1 . VAL A 1 87  ? -1.343  -6.975  4.680   1.00 8.75  ? 2257 VAL M CG1 1 
ATOM   680  C CG2 . VAL A 1 87  ? -1.176  -5.067  6.299   1.00 9.02  ? 2257 VAL M CG2 1 
ATOM   681  N N   . LYS A 1 88  ? 0.191   -9.592  6.276   1.00 9.70  ? 2258 LYS M N   1 
ATOM   682  C CA  . LYS A 1 88  ? 0.774   -10.815 5.718   1.00 10.64 ? 2258 LYS M CA  1 
ATOM   683  C C   . LYS A 1 88  ? 0.332   -11.084 4.286   1.00 10.56 ? 2258 LYS M C   1 
ATOM   684  O O   . LYS A 1 88  ? 1.117   -11.572 3.474   1.00 10.88 ? 2258 LYS M O   1 
ATOM   685  C CB  . LYS A 1 88  ? 0.398   -12.036 6.563   1.00 11.68 ? 2258 LYS M CB  1 
ATOM   686  C CG  . LYS A 1 88  ? 0.997   -12.073 7.951   1.00 13.15 ? 2258 LYS M CG  1 
ATOM   687  C CD  . LYS A 1 88  ? 0.720   -13.415 8.616   1.00 14.45 ? 2258 LYS M CD  1 
ATOM   688  C CE  . LYS A 1 88  ? -0.769  -13.691 8.706   1.00 14.87 ? 2258 LYS M CE  1 
ATOM   689  N NZ  . LYS A 1 88  ? -1.049  -14.999 9.369   1.00 16.26 ? 2258 LYS M NZ  1 
ATOM   690  N N   . GLU A 1 89  ? -0.932  -10.798 3.992   1.00 10.69 ? 2259 GLU M N   1 
ATOM   691  C CA  . GLU A 1 89  ? -1.481  -11.008 2.656   1.00 10.90 ? 2259 GLU M CA  1 
ATOM   692  C C   . GLU A 1 89  ? -2.381  -9.848  2.285   1.00 10.08 ? 2259 GLU M C   1 
ATOM   693  O O   . GLU A 1 89  ? -3.036  -9.258  3.145   1.00 9.52  ? 2259 GLU M O   1 
ATOM   694  C CB  . GLU A 1 89  ? -2.312  -12.291 2.594   1.00 12.69 ? 2259 GLU M CB  1 
ATOM   695  C CG  . GLU A 1 89  ? -1.572  -13.559 2.956   1.00 15.15 ? 2259 GLU M CG  1 
ATOM   696  C CD  . GLU A 1 89  ? -2.484  -14.765 2.909   1.00 16.63 ? 2259 GLU M CD  1 
ATOM   697  O OE1 . GLU A 1 89  ? -3.559  -14.713 3.542   1.00 18.19 ? 2259 GLU M OE1 1 
ATOM   698  O OE2 . GLU A 1 89  ? -2.133  -15.758 2.242   1.00 18.08 ? 2259 GLU M OE2 1 
ATOM   699  N N   . PHE A 1 90  ? -2.435  -9.536  0.996   1.00 9.28  ? 2260 PHE M N   1 
ATOM   700  C CA  . PHE A 1 90  ? -3.269  -8.445  0.532   1.00 8.86  ? 2260 PHE M CA  1 
ATOM   701  C C   . PHE A 1 90  ? -3.669  -8.596  -0.932  1.00 8.91  ? 2260 PHE M C   1 
ATOM   702  O O   . PHE A 1 90  ? -3.105  -9.407  -1.667  1.00 8.59  ? 2260 PHE M O   1 
ATOM   703  C CB  . PHE A 1 90  ? -2.538  -7.108  0.747   1.00 8.67  ? 2260 PHE M CB  1 
ATOM   704  C CG  . PHE A 1 90  ? -1.252  -6.969  -0.037  1.00 8.18  ? 2260 PHE M CG  1 
ATOM   705  C CD1 . PHE A 1 90  ? -1.259  -6.478  -1.339  1.00 7.69  ? 2260 PHE M CD1 1 
ATOM   706  C CD2 . PHE A 1 90  ? -0.030  -7.321  0.532   1.00 7.88  ? 2260 PHE M CD2 1 
ATOM   707  C CE1 . PHE A 1 90  ? -0.070  -6.339  -2.064  1.00 7.89  ? 2260 PHE M CE1 1 
ATOM   708  C CE2 . PHE A 1 90  ? 1.163   -7.186  -0.186  1.00 8.09  ? 2260 PHE M CE2 1 
ATOM   709  C CZ  . PHE A 1 90  ? 1.140   -6.694  -1.487  1.00 7.60  ? 2260 PHE M CZ  1 
ATOM   710  N N   . LEU A 1 91  ? -4.662  -7.816  -1.335  1.00 8.96  ? 2261 LEU M N   1 
ATOM   711  C CA  . LEU A 1 91  ? -5.129  -7.812  -2.711  1.00 8.87  ? 2261 LEU M CA  1 
ATOM   712  C C   . LEU A 1 91  ? -4.818  -6.426  -3.251  1.00 8.83  ? 2261 LEU M C   1 
ATOM   713  O O   . LEU A 1 91  ? -4.518  -5.508  -2.487  1.00 8.23  ? 2261 LEU M O   1 
ATOM   714  C CB  . LEU A 1 91  ? -6.644  -8.026  -2.782  1.00 9.62  ? 2261 LEU M CB  1 
ATOM   715  C CG  . LEU A 1 91  ? -7.287  -9.142  -1.961  1.00 9.75  ? 2261 LEU M CG  1 
ATOM   716  C CD1 . LEU A 1 91  ? -8.797  -9.131  -2.205  1.00 10.47 ? 2261 LEU M CD1 1 
ATOM   717  C CD2 . LEU A 1 91  ? -6.689  -10.481 -2.347  1.00 10.01 ? 2261 LEU M CD2 1 
ATOM   718  N N   . ILE A 1 92  ? -4.886  -6.286  -4.569  1.00 8.72  ? 2262 ILE M N   1 
ATOM   719  C CA  . ILE A 1 92  ? -4.662  -5.004  -5.220  1.00 8.77  ? 2262 ILE M CA  1 
ATOM   720  C C   . ILE A 1 92  ? -5.807  -4.752  -6.185  1.00 8.98  ? 2262 ILE M C   1 
ATOM   721  O O   . ILE A 1 92  ? -6.273  -5.672  -6.851  1.00 9.13  ? 2262 ILE M O   1 
ATOM   722  C CB  . ILE A 1 92  ? -3.343  -4.988  -6.030  1.00 8.76  ? 2262 ILE M CB  1 
ATOM   723  C CG1 . ILE A 1 92  ? -2.149  -4.980  -5.074  1.00 9.17  ? 2262 ILE M CG1 1 
ATOM   724  C CG2 . ILE A 1 92  ? -3.303  -3.768  -6.966  1.00 9.40  ? 2262 ILE M CG2 1 
ATOM   725  C CD1 . ILE A 1 92  ? -0.812  -5.061  -5.763  1.00 10.81 ? 2262 ILE M CD1 1 
ATOM   726  N N   . SER A 1 93  ? -6.295  -3.519  -6.223  1.00 8.91  ? 2263 SER M N   1 
ATOM   727  C CA  . SER A 1 93  ? -7.331  -3.173  -7.184  1.00 9.71  ? 2263 SER M CA  1 
ATOM   728  C C   . SER A 1 93  ? -6.898  -1.852  -7.801  1.00 10.15 ? 2263 SER M C   1 
ATOM   729  O O   . SER A 1 93  ? -6.082  -1.119  -7.223  1.00 10.02 ? 2263 SER M O   1 
ATOM   730  C CB  . SER A 1 93  ? -8.718  -3.058  -6.531  1.00 9.54  ? 2263 SER M CB  1 
ATOM   731  O OG  . SER A 1 93  ? -8.809  -1.970  -5.635  1.00 9.81  ? 2263 SER M OG  1 
ATOM   732  N N   . SER A 1 94  ? -7.415  -1.562  -8.987  1.00 10.77 ? 2264 SER M N   1 
ATOM   733  C CA  . SER A 1 94  ? -7.066  -0.332  -9.681  1.00 12.05 ? 2264 SER M CA  1 
ATOM   734  C C   . SER A 1 94  ? -8.286  0.257   -10.365 1.00 13.04 ? 2264 SER M C   1 
ATOM   735  O O   . SER A 1 94  ? -9.283  -0.432  -10.586 1.00 12.73 ? 2264 SER M O   1 
ATOM   736  C CB  . SER A 1 94  ? -5.964  -0.596  -10.712 1.00 12.09 ? 2264 SER M CB  1 
ATOM   737  O OG  . SER A 1 94  ? -6.344  -1.622  -11.613 1.00 11.94 ? 2264 SER M OG  1 
ATOM   738  N N   . SER A 1 95  ? -8.193  1.539   -10.690 1.00 14.80 ? 2265 SER M N   1 
ATOM   739  C CA  . SER A 1 95  ? -9.284  2.248   -11.337 1.00 17.09 ? 2265 SER M CA  1 
ATOM   740  C C   . SER A 1 95  ? -8.736  3.442   -12.097 1.00 18.61 ? 2265 SER M C   1 
ATOM   741  O O   . SER A 1 95  ? -7.679  3.972   -11.759 1.00 18.47 ? 2265 SER M O   1 
ATOM   742  C CB  . SER A 1 95  ? -10.288 2.731   -10.291 1.00 17.28 ? 2265 SER M CB  1 
ATOM   743  O OG  . SER A 1 95  ? -11.334 3.474   -10.896 1.00 18.19 ? 2265 SER M OG  1 
ATOM   744  N N   . GLN A 1 96  ? -9.468  3.861   -13.122 1.00 20.84 ? 2266 GLN M N   1 
ATOM   745  C CA  . GLN A 1 96  ? -9.074  5.006   -13.932 1.00 22.84 ? 2266 GLN M CA  1 
ATOM   746  C C   . GLN A 1 96  ? -9.782  6.270   -13.466 1.00 23.55 ? 2266 GLN M C   1 
ATOM   747  O O   . GLN A 1 96  ? -9.205  7.357   -13.472 1.00 23.86 ? 2266 GLN M O   1 
ATOM   748  C CB  . GLN A 1 96  ? -9.407  4.750   -15.402 1.00 23.89 ? 2266 GLN M CB  1 
ATOM   749  C CG  . GLN A 1 96  ? -8.403  3.867   -16.114 1.00 25.37 ? 2266 GLN M CG  1 
ATOM   750  C CD  . GLN A 1 96  ? -7.033  4.509   -16.188 1.00 26.45 ? 2266 GLN M CD  1 
ATOM   751  O OE1 . GLN A 1 96  ? -6.866  5.575   -16.778 1.00 27.37 ? 2266 GLN M OE1 1 
ATOM   752  N NE2 . GLN A 1 96  ? -6.044  3.864   -15.583 1.00 27.21 ? 2266 GLN M NE2 1 
ATOM   753  N N   . ASP A 1 97  ? -11.036 6.117   -13.057 1.00 24.45 ? 2267 ASP M N   1 
ATOM   754  C CA  . ASP A 1 97  ? -11.837 7.243   -12.598 1.00 25.31 ? 2267 ASP M CA  1 
ATOM   755  C C   . ASP A 1 97  ? -11.911 7.334   -11.077 1.00 25.45 ? 2267 ASP M C   1 
ATOM   756  O O   . ASP A 1 97  ? -12.152 8.406   -10.523 1.00 25.73 ? 2267 ASP M O   1 
ATOM   757  C CB  . ASP A 1 97  ? -13.246 7.137   -13.181 1.00 25.90 ? 2267 ASP M CB  1 
ATOM   758  C CG  . ASP A 1 97  ? -13.807 5.732   -13.090 1.00 26.69 ? 2267 ASP M CG  1 
ATOM   759  O OD1 . ASP A 1 97  ? -13.879 5.188   -11.968 1.00 26.77 ? 2267 ASP M OD1 1 
ATOM   760  O OD2 . ASP A 1 97  ? -14.171 5.169   -14.144 1.00 27.36 ? 2267 ASP M OD2 1 
ATOM   761  N N   . GLY A 1 98  ? -11.702 6.206   -10.407 1.00 25.45 ? 2268 GLY M N   1 
ATOM   762  C CA  . GLY A 1 98  ? -11.752 6.192   -8.959  1.00 25.31 ? 2268 GLY M CA  1 
ATOM   763  C C   . GLY A 1 98  ? -13.083 5.699   -8.419  1.00 25.25 ? 2268 GLY M C   1 
ATOM   764  O O   . GLY A 1 98  ? -13.327 5.765   -7.215  1.00 25.30 ? 2268 GLY M O   1 
ATOM   765  N N   . HIS A 1 99  ? -13.941 5.205   -9.307  1.00 25.15 ? 2269 HIS M N   1 
ATOM   766  C CA  . HIS A 1 99  ? -15.252 4.696   -8.911  1.00 24.92 ? 2269 HIS M CA  1 
ATOM   767  C C   . HIS A 1 99  ? -15.409 3.217   -9.250  1.00 23.98 ? 2269 HIS M C   1 
ATOM   768  O O   . HIS A 1 99  ? -15.934 2.440   -8.452  1.00 24.38 ? 2269 HIS M O   1 
ATOM   769  C CB  . HIS A 1 99  ? -16.364 5.495   -9.597  1.00 25.81 ? 2269 HIS M CB  1 
ATOM   770  C CG  . HIS A 1 99  ? -16.298 6.967   -9.337  1.00 26.71 ? 2269 HIS M CG  1 
ATOM   771  N ND1 . HIS A 1 99  ? -15.336 7.780   -9.895  1.00 27.32 ? 2269 HIS M ND1 1 
ATOM   772  C CD2 . HIS A 1 99  ? -17.069 7.771   -8.565  1.00 27.22 ? 2269 HIS M CD2 1 
ATOM   773  C CE1 . HIS A 1 99  ? -15.515 9.021   -9.480  1.00 27.38 ? 2269 HIS M CE1 1 
ATOM   774  N NE2 . HIS A 1 99  ? -16.560 9.043   -8.672  1.00 27.53 ? 2269 HIS M NE2 1 
ATOM   775  N N   . GLN A 1 100 ? -14.963 2.837   -10.443 1.00 22.98 ? 2270 GLN M N   1 
ATOM   776  C CA  . GLN A 1 100 ? -15.032 1.451   -10.896 1.00 21.67 ? 2270 GLN M CA  1 
ATOM   777  C C   . GLN A 1 100 ? -13.695 0.789   -10.594 1.00 19.85 ? 2270 GLN M C   1 
ATOM   778  O O   . GLN A 1 100 ? -12.674 1.171   -11.163 1.00 20.00 ? 2270 GLN M O   1 
ATOM   779  C CB  . GLN A 1 100 ? -15.298 1.398   -12.404 1.00 22.84 ? 2270 GLN M CB  1 
ATOM   780  C CG  . GLN A 1 100 ? -16.716 1.768   -12.811 1.00 24.47 ? 2270 GLN M CG  1 
ATOM   781  C CD  . GLN A 1 100 ? -17.720 0.687   -12.451 1.00 25.48 ? 2270 GLN M CD  1 
ATOM   782  O OE1 . GLN A 1 100 ? -17.680 -0.421  -12.992 1.00 26.14 ? 2270 GLN M OE1 1 
ATOM   783  N NE2 . GLN A 1 100 ? -18.625 1.003   -11.532 1.00 26.20 ? 2270 GLN M NE2 1 
ATOM   784  N N   . TRP A 1 101 ? -13.699 -0.199  -9.704  1.00 17.88 ? 2271 TRP M N   1 
ATOM   785  C CA  . TRP A 1 101 ? -12.462 -0.883  -9.335  1.00 15.71 ? 2271 TRP M CA  1 
ATOM   786  C C   . TRP A 1 101 ? -12.388 -2.329  -9.797  1.00 14.58 ? 2271 TRP M C   1 
ATOM   787  O O   . TRP A 1 101 ? -13.388 -3.045  -9.806  1.00 14.73 ? 2271 TRP M O   1 
ATOM   788  C CB  . TRP A 1 101 ? -12.259 -0.834  -7.818  1.00 15.36 ? 2271 TRP M CB  1 
ATOM   789  C CG  . TRP A 1 101 ? -12.186 0.554   -7.287  1.00 15.76 ? 2271 TRP M CG  1 
ATOM   790  C CD1 . TRP A 1 101 ? -13.238 1.367   -6.967  1.00 15.70 ? 2271 TRP M CD1 1 
ATOM   791  C CD2 . TRP A 1 101 ? -11.001 1.333   -7.092  1.00 15.61 ? 2271 TRP M CD2 1 
ATOM   792  N NE1 . TRP A 1 101 ? -12.779 2.604   -6.588  1.00 16.24 ? 2271 TRP M NE1 1 
ATOM   793  C CE2 . TRP A 1 101 ? -11.412 2.613   -6.657  1.00 15.79 ? 2271 TRP M CE2 1 
ATOM   794  C CE3 . TRP A 1 101 ? -9.630  1.076   -7.247  1.00 15.31 ? 2271 TRP M CE3 1 
ATOM   795  C CZ2 . TRP A 1 101 ? -10.502 3.636   -6.374  1.00 15.52 ? 2271 TRP M CZ2 1 
ATOM   796  C CZ3 . TRP A 1 101 ? -8.724  2.095   -6.966  1.00 15.24 ? 2271 TRP M CZ3 1 
ATOM   797  C CH2 . TRP A 1 101 ? -9.166  3.360   -6.535  1.00 15.36 ? 2271 TRP M CH2 1 
ATOM   798  N N   . THR A 1 102 ? -11.185 -2.756  -10.164 0.50 12.50 ? 2272 THR M N   1 
ATOM   799  C CA  . THR A 1 102 ? -10.965 -4.121  -10.618 0.50 11.03 ? 2272 THR M CA  1 
ATOM   800  C C   . THR A 1 102 ? -9.783  -4.745  -9.887  0.50 10.52 ? 2272 THR M C   1 
ATOM   801  O O   . THR A 1 102 ? -8.708  -4.151  -9.808  0.50 8.96  ? 2272 THR M O   1 
ATOM   802  C CB  . THR A 1 102 ? -10.683 -4.166  -12.129 0.50 10.68 ? 2272 THR M CB  1 
ATOM   803  O OG1 . THR A 1 102 ? -11.707 -3.448  -12.822 0.50 10.16 ? 2272 THR M OG1 1 
ATOM   804  C CG2 . THR A 1 102 ? -10.662 -5.605  -12.626 0.50 9.52  ? 2272 THR M CG2 1 
ATOM   805  N N   . LEU A 1 103 ? -9.992  -5.942  -9.352  1.00 10.88 ? 2273 LEU M N   1 
ATOM   806  C CA  . LEU A 1 103 ? -8.942  -6.654  -8.639  1.00 11.62 ? 2273 LEU M CA  1 
ATOM   807  C C   . LEU A 1 103 ? -7.892  -7.185  -9.603  1.00 11.78 ? 2273 LEU M C   1 
ATOM   808  O O   . LEU A 1 103 ? -8.179  -7.465  -10.767 1.00 12.12 ? 2273 LEU M O   1 
ATOM   809  C CB  . LEU A 1 103 ? -9.531  -7.823  -7.842  1.00 12.61 ? 2273 LEU M CB  1 
ATOM   810  C CG  . LEU A 1 103 ? -10.330 -7.467  -6.585  1.00 13.33 ? 2273 LEU M CG  1 
ATOM   811  C CD1 . LEU A 1 103 ? -11.081 -8.695  -6.091  1.00 14.10 ? 2273 LEU M CD1 1 
ATOM   812  C CD2 . LEU A 1 103 ? -9.389  -6.945  -5.510  1.00 13.96 ? 2273 LEU M CD2 1 
ATOM   813  N N   . PHE A 1 104 ? -6.667  -7.311  -9.109  1.00 11.58 ? 2274 PHE M N   1 
ATOM   814  C CA  . PHE A 1 104 ? -5.565  -7.828  -9.912  1.00 11.57 ? 2274 PHE M CA  1 
ATOM   815  C C   . PHE A 1 104 ? -5.680  -9.348  -9.887  1.00 12.35 ? 2274 PHE M C   1 
ATOM   816  O O   . PHE A 1 104 ? -5.785  -9.942  -8.818  1.00 11.59 ? 2274 PHE M O   1 
ATOM   817  C CB  . PHE A 1 104 ? -4.222  -7.401  -9.307  1.00 11.28 ? 2274 PHE M CB  1 
ATOM   818  C CG  . PHE A 1 104 ? -3.034  -7.729  -10.169 1.00 11.03 ? 2274 PHE M CG  1 
ATOM   819  C CD1 . PHE A 1 104 ? -2.635  -6.864  -11.187 1.00 11.52 ? 2274 PHE M CD1 1 
ATOM   820  C CD2 . PHE A 1 104 ? -2.322  -8.907  -9.974  1.00 10.65 ? 2274 PHE M CD2 1 
ATOM   821  C CE1 . PHE A 1 104 ? -1.542  -7.171  -12.000 1.00 11.17 ? 2274 PHE M CE1 1 
ATOM   822  C CE2 . PHE A 1 104 ? -1.230  -9.224  -10.780 1.00 11.02 ? 2274 PHE M CE2 1 
ATOM   823  C CZ  . PHE A 1 104 ? -0.839  -8.355  -11.794 1.00 10.98 ? 2274 PHE M CZ  1 
ATOM   824  N N   . PHE A 1 105 ? -5.670  -9.970  -11.062 1.00 13.40 ? 2275 PHE M N   1 
ATOM   825  C CA  . PHE A 1 105 ? -5.778  -11.423 -11.154 1.00 15.01 ? 2275 PHE M CA  1 
ATOM   826  C C   . PHE A 1 105 ? -4.464  -12.067 -11.580 1.00 15.79 ? 2275 PHE M C   1 
ATOM   827  O O   . PHE A 1 105 ? -3.611  -11.421 -12.192 1.00 15.76 ? 2275 PHE M O   1 
ATOM   828  C CB  . PHE A 1 105 ? -6.866  -11.818 -12.158 1.00 15.52 ? 2275 PHE M CB  1 
ATOM   829  C CG  . PHE A 1 105 ? -8.204  -11.204 -11.876 1.00 16.44 ? 2275 PHE M CG  1 
ATOM   830  C CD1 . PHE A 1 105 ? -8.657  -10.115 -12.615 1.00 17.01 ? 2275 PHE M CD1 1 
ATOM   831  C CD2 . PHE A 1 105 ? -9.010  -11.707 -10.866 1.00 16.94 ? 2275 PHE M CD2 1 
ATOM   832  C CE1 . PHE A 1 105 ? -9.899  -9.537  -12.349 1.00 17.12 ? 2275 PHE M CE1 1 
ATOM   833  C CE2 . PHE A 1 105 ? -10.250 -11.142 -10.588 1.00 16.75 ? 2275 PHE M CE2 1 
ATOM   834  C CZ  . PHE A 1 105 ? -10.697 -10.051 -11.331 1.00 17.43 ? 2275 PHE M CZ  1 
ATOM   835  N N   . GLN A 1 106 ? -4.320  -13.355 -11.251 1.00 16.92 ? 2276 GLN M N   1 
ATOM   836  C CA  . GLN A 1 106 ? -3.100  -14.094 -11.613 1.00 18.61 ? 2276 GLN M CA  1 
ATOM   837  C C   . GLN A 1 106 ? -3.431  -15.582 -11.667 1.00 19.31 ? 2276 GLN M C   1 
ATOM   838  O O   . GLN A 1 106 ? -3.910  -16.176 -10.702 1.00 19.93 ? 2276 GLN M O   1 
ATOM   839  C CB  . GLN A 1 106 ? -2.004  -13.850 -10.575 1.00 19.04 ? 2276 GLN M CB  1 
ATOM   840  C CG  . GLN A 1 106 ? -0.704  -14.592 -10.896 1.00 20.53 ? 2276 GLN M CG  1 
ATOM   841  C CD  . GLN A 1 106 ? 0.392   -14.359 -9.854  1.00 20.90 ? 2276 GLN M CD  1 
ATOM   842  O OE1 . GLN A 1 106 ? 0.172   -13.637 -8.882  1.00 22.03 ? 2276 GLN M OE1 1 
ATOM   843  N NE2 . GLN A 1 106 ? 1.572   -14.930 -10.000 1.00 21.45 ? 2276 GLN M NE2 1 
ATOM   844  N N   . ASN A 1 107 ? -3.132  -16.189 -12.820 1.00 20.17 ? 2277 ASN M N   1 
ATOM   845  C CA  . ASN A 1 107 ? -3.350  -17.615 -13.040 1.00 20.72 ? 2277 ASN M CA  1 
ATOM   846  C C   . ASN A 1 107 ? -4.789  -18.082 -12.781 1.00 20.57 ? 2277 ASN M C   1 
ATOM   847  O O   . ASN A 1 107 ? -5.021  -19.080 -12.084 1.00 20.70 ? 2277 ASN M O   1 
ATOM   848  C CB  . ASN A 1 107 ? -2.387  -18.426 -12.172 1.00 21.74 ? 2277 ASN M CB  1 
ATOM   849  C CG  . ASN A 1 107 ? -0.926  -18.241 -12.572 1.00 22.15 ? 2277 ASN M CG  1 
ATOM   850  O OD1 . ASN A 1 107 ? -0.580  -18.440 -13.734 1.00 22.97 ? 2277 ASN M OD1 1 
ATOM   851  N ND2 . ASN A 1 107 ? -0.043  -17.867 -11.667 1.00 22.97 ? 2277 ASN M ND2 1 
ATOM   852  N N   . GLY A 1 108 ? -5.722  -17.355 -13.363 1.00 20.34 ? 2278 GLY M N   1 
ATOM   853  C CA  . GLY A 1 108 ? -7.147  -17.731 -13.350 1.00 19.86 ? 2278 GLY M CA  1 
ATOM   854  C C   . GLY A 1 108 ? -7.933  -17.261 -12.112 1.00 19.67 ? 2278 GLY M C   1 
ATOM   855  O O   . GLY A 1 108 ? -9.142  -17.500 -11.995 1.00 19.98 ? 2278 GLY M O   1 
ATOM   856  N N   . LYS A 1 109 ? -7.302  -16.592 -11.165 1.00 18.94 ? 2279 LYS M N   1 
ATOM   857  C CA  . LYS A 1 109 ? -8.056  -16.134 -9.978  1.00 17.88 ? 2279 LYS M CA  1 
ATOM   858  C C   . LYS A 1 109 ? -7.444  -14.887 -9.345  1.00 16.89 ? 2279 LYS M C   1 
ATOM   859  O O   . LYS A 1 109 ? -6.345  -14.452 -9.711  1.00 16.70 ? 2279 LYS M O   1 
ATOM   860  C CB  . LYS A 1 109 ? -8.127  -17.245 -8.925  1.00 18.51 ? 2279 LYS M CB  1 
ATOM   861  C CG  . LYS A 1 109 ? -6.769  -17.653 -8.347  1.00 18.58 ? 2279 LYS M CG  1 
ATOM   862  C CD  . LYS A 1 109 ? -6.883  -18.841 -7.387  1.00 19.00 ? 2279 LYS M CD  1 
ATOM   863  C CE  . LYS A 1 109 ? -5.662  -19.009 -6.488  1.00 19.03 ? 2279 LYS M CE  1 
ATOM   864  N NZ  . LYS A 1 109 ? -4.441  -19.331 -7.239  1.00 18.51 ? 2279 LYS M NZ  1 
ATOM   865  N N   . VAL A 1 110 ? -8.206  -14.338 -8.405  1.00 15.30 ? 2280 VAL M N   1 
ATOM   866  C CA  . VAL A 1 110 ? -7.785  -13.153 -7.655  1.00 14.33 ? 2280 VAL M CA  1 
ATOM   867  C C   . VAL A 1 110 ? -6.413  -13.432 -7.067  1.00 13.59 ? 2280 VAL M C   1 
ATOM   868  O O   . VAL A 1 110 ? -6.192  -14.492 -6.480  1.00 13.79 ? 2280 VAL M O   1 
ATOM   869  C CB  . VAL A 1 110 ? -8.767  -12.851 -6.529  1.00 14.29 ? 2280 VAL M CB  1 
ATOM   870  C CG1 . VAL A 1 110 ? -8.267  -11.744 -5.597  1.00 14.33 ? 2280 VAL M CG1 1 
ATOM   871  C CG2 . VAL A 1 110 ? -10.131 -12.392 -7.041  1.00 13.96 ? 2280 VAL M CG2 1 
ATOM   872  N N   . LYS A 1 111 ? -5.491  -12.489 -7.229  1.00 12.69 ? 2281 LYS M N   1 
ATOM   873  C CA  . LYS A 1 111 ? -4.143  -12.658 -6.708  1.00 12.33 ? 2281 LYS M CA  1 
ATOM   874  C C   . LYS A 1 111 ? -4.034  -12.226 -5.251  1.00 11.62 ? 2281 LYS M C   1 
ATOM   875  O O   . LYS A 1 111 ? -4.251  -11.063 -4.909  1.00 11.08 ? 2281 LYS M O   1 
ATOM   876  C CB  . LYS A 1 111 ? -3.145  -11.862 -7.558  1.00 13.03 ? 2281 LYS M CB  1 
ATOM   877  C CG  . LYS A 1 111 ? -1.717  -11.835 -7.016  1.00 14.49 ? 2281 LYS M CG  1 
ATOM   878  C CD  . LYS A 1 111 ? -1.087  -13.222 -6.940  1.00 15.78 ? 2281 LYS M CD  1 
ATOM   879  C CE  . LYS A 1 111 ? 0.391   -13.127 -6.572  1.00 16.15 ? 2281 LYS M CE  1 
ATOM   880  N NZ  . LYS A 1 111 ? 1.040   -14.462 -6.447  1.00 17.31 ? 2281 LYS M NZ  1 
ATOM   881  N N   . VAL A 1 112 ? -3.723  -13.181 -4.384  1.00 11.17 ? 2282 VAL M N   1 
ATOM   882  C CA  . VAL A 1 112 ? -3.546  -12.888 -2.972  1.00 11.19 ? 2282 VAL M CA  1 
ATOM   883  C C   . VAL A 1 112 ? -2.042  -12.773 -2.765  1.00 10.79 ? 2282 VAL M C   1 
ATOM   884  O O   . VAL A 1 112 ? -1.333  -13.777 -2.657  1.00 11.90 ? 2282 VAL M O   1 
ATOM   885  C CB  . VAL A 1 112 ? -4.109  -14.014 -2.087  1.00 11.15 ? 2282 VAL M CB  1 
ATOM   886  C CG1 . VAL A 1 112 ? -3.817  -13.723 -0.623  1.00 11.76 ? 2282 VAL M CG1 1 
ATOM   887  C CG2 . VAL A 1 112 ? -5.610  -14.140 -2.310  1.00 11.71 ? 2282 VAL M CG2 1 
ATOM   888  N N   . PHE A 1 113 ? -1.555  -11.538 -2.724  1.00 9.81  ? 2283 PHE M N   1 
ATOM   889  C CA  . PHE A 1 113 ? -0.133  -11.289 -2.555  1.00 9.64  ? 2283 PHE M CA  1 
ATOM   890  C C   . PHE A 1 113 ? 0.365   -11.664 -1.159  1.00 9.63  ? 2283 PHE M C   1 
ATOM   891  O O   . PHE A 1 113 ? -0.277  -11.368 -0.146  1.00 9.74  ? 2283 PHE M O   1 
ATOM   892  C CB  . PHE A 1 113 ? 0.182   -9.809  -2.796  1.00 9.26  ? 2283 PHE M CB  1 
ATOM   893  C CG  . PHE A 1 113 ? -0.103  -9.358  -4.220  1.00 9.15  ? 2283 PHE M CG  1 
ATOM   894  C CD1 . PHE A 1 113 ? -1.366  -8.866  -4.555  1.00 8.91  ? 2283 PHE M CD1 1 
ATOM   895  C CD2 . PHE A 1 113 ? 0.904   -9.438  -5.183  1.00 8.95  ? 2283 PHE M CD2 1 
ATOM   896  C CE1 . PHE A 1 113 ? -1.627  -8.454  -5.865  1.00 8.65  ? 2283 PHE M CE1 1 
ATOM   897  C CE2 . PHE A 1 113 ? 0.645   -9.028  -6.495  1.00 9.14  ? 2283 PHE M CE2 1 
ATOM   898  C CZ  . PHE A 1 113 ? -0.622  -8.537  -6.836  1.00 8.90  ? 2283 PHE M CZ  1 
ATOM   899  N N   . GLN A 1 114 ? 1.516   -12.323 -1.154  1.00 10.40 ? 2284 GLN M N   1 
ATOM   900  C CA  . GLN A 1 114 ? 2.205   -12.697 0.089   1.00 10.76 ? 2284 GLN M CA  1 
ATOM   901  C C   . GLN A 1 114 ? 3.086   -11.508 0.482   1.00 10.32 ? 2284 GLN M C   1 
ATOM   902  O O   . GLN A 1 114 ? 4.048   -11.168 -0.227  1.00 9.69  ? 2284 GLN M O   1 
ATOM   903  C CB  . GLN A 1 114 ? 3.039   -13.961 -0.130  1.00 12.19 ? 2284 GLN M CB  1 
ATOM   904  C CG  . GLN A 1 114 ? 2.190   -15.191 -0.462  1.00 14.67 ? 2284 GLN M CG  1 
ATOM   905  C CD  . GLN A 1 114 ? 1.066   -15.436 0.550   1.00 15.74 ? 2284 GLN M CD  1 
ATOM   906  O OE1 . GLN A 1 114 ? 1.335   -15.615 1.736   1.00 17.86 ? 2284 GLN M OE1 1 
ATOM   907  N NE2 . GLN A 1 114 ? -0.191  -15.454 0.146   1.00 17.08 ? 2284 GLN M NE2 1 
ATOM   908  N N   . GLY A 1 115 ? 2.721   -10.912 1.602   1.00 9.89  ? 2285 GLY M N   1 
ATOM   909  C CA  . GLY A 1 115 ? 3.350   -9.676  2.098   1.00 9.78  ? 2285 GLY M CA  1 
ATOM   910  C C   . GLY A 1 115 ? 4.526   -9.916  3.054   1.00 9.54  ? 2285 GLY M C   1 
ATOM   911  O O   . GLY A 1 115 ? 5.461   -10.669 2.756   1.00 10.12 ? 2285 GLY M O   1 
ATOM   912  N N   . ASN A 1 116 ? 4.410   -9.235  4.181   1.00 9.32  ? 2286 ASN M N   1 
ATOM   913  C CA  . ASN A 1 116 ? 5.450   -9.185  5.216   1.00 9.04  ? 2286 ASN M CA  1 
ATOM   914  C C   . ASN A 1 116 ? 5.368   -10.348 6.202   1.00 9.66  ? 2286 ASN M C   1 
ATOM   915  O O   . ASN A 1 116 ? 4.313   -10.971 6.381   1.00 9.62  ? 2286 ASN M O   1 
ATOM   916  C CB  . ASN A 1 116 ? 5.320   -7.870  5.974   1.00 8.94  ? 2286 ASN M CB  1 
ATOM   917  C CG  . ASN A 1 116 ? 5.588   -6.675  5.062   1.00 8.24  ? 2286 ASN M CG  1 
ATOM   918  O OD1 . ASN A 1 116 ? 6.723   -6.482  4.630   1.00 9.92  ? 2286 ASN M OD1 1 
ATOM   919  N ND2 . ASN A 1 116 ? 4.607   -5.859  4.730   1.00 7.25  ? 2286 ASN M ND2 1 
ATOM   920  N N   . GLN A 1 117 ? 6.521   -10.593 6.812   1.00 10.05 ? 2287 GLN M N   1 
ATOM   921  C CA  . GLN A 1 117 ? 6.679   -11.659 7.803   1.00 11.27 ? 2287 GLN M CA  1 
ATOM   922  C C   . GLN A 1 117 ? 7.405   -11.143 9.052   1.00 11.37 ? 2287 GLN M C   1 
ATOM   923  O O   . GLN A 1 117 ? 7.836   -11.925 9.908   1.00 12.08 ? 2287 GLN M O   1 
ATOM   924  C CB  . GLN A 1 117 ? 7.446   -12.842 7.206   1.00 12.05 ? 2287 GLN M CB  1 
ATOM   925  C CG  . GLN A 1 117 ? 8.848   -12.495 6.710   1.00 13.75 ? 2287 GLN M CG  1 
ATOM   926  C CD  . GLN A 1 117 ? 9.565   -13.713 6.128   1.00 14.62 ? 2287 GLN M CD  1 
ATOM   927  O OE1 . GLN A 1 117 ? 9.281   -14.111 4.999   1.00 15.75 ? 2287 GLN M OE1 1 
ATOM   928  N NE2 . GLN A 1 117 ? 10.480  -14.340 6.843   1.00 15.00 ? 2287 GLN M NE2 1 
ATOM   929  N N   . ASP A 1 118 ? 7.524   -9.827  9.131   1.00 11.62 ? 2288 ASP M N   1 
ATOM   930  C CA  . ASP A 1 118 ? 8.130   -9.161  10.301  1.00 11.87 ? 2288 ASP M CA  1 
ATOM   931  C C   . ASP A 1 118 ? 7.763   -7.674  10.263  1.00 11.91 ? 2288 ASP M C   1 
ATOM   932  O O   . ASP A 1 118 ? 7.086   -7.205  9.340   1.00 11.94 ? 2288 ASP M O   1 
ATOM   933  C CB  . ASP A 1 118 ? 9.642   -9.396  10.348  1.00 11.97 ? 2288 ASP M CB  1 
ATOM   934  C CG  . ASP A 1 118 ? 10.422  -8.636  9.276   1.00 12.71 ? 2288 ASP M CG  1 
ATOM   935  O OD1 . ASP A 1 118 ? 11.695  -8.814  9.163   1.00 14.26 ? 2288 ASP M OD1 1 
ATOM   936  O OD2 . ASP A 1 118 ? 9.811   -7.820  8.491   1.00 12.44 ? 2288 ASP M OD2 1 
ATOM   937  N N   . SER A 1 119 ? 8.219   -6.956  11.264  1.00 12.37 ? 2289 SER M N   1 
ATOM   938  C CA  . SER A 1 119 ? 7.843   -5.546  11.448  1.00 12.94 ? 2289 SER M CA  1 
ATOM   939  C C   . SER A 1 119 ? 8.585   -4.545  10.542  1.00 12.98 ? 2289 SER M C   1 
ATOM   940  O O   . SER A 1 119 ? 8.032   -3.509  10.150  1.00 13.48 ? 2289 SER M O   1 
ATOM   941  C CB  . SER A 1 119 ? 8.128   -5.097  12.882  1.00 13.78 ? 2289 SER M CB  1 
ATOM   942  O OG  . SER A 1 119 ? 7.374   -5.879  13.795  1.00 14.79 ? 2289 SER M OG  1 
ATOM   943  N N   . PHE A 1 120 ? 9.832   -4.810  10.178  1.00 12.55 ? 2290 PHE M N   1 
ATOM   944  C CA  . PHE A 1 120 ? 10.597  -3.766  9.459   1.00 12.55 ? 2290 PHE M CA  1 
ATOM   945  C C   . PHE A 1 120 ? 11.150  -4.131  8.069   1.00 11.78 ? 2290 PHE M C   1 
ATOM   946  O O   . PHE A 1 120 ? 11.521  -3.249  7.284   1.00 12.32 ? 2290 PHE M O   1 
ATOM   947  C CB  . PHE A 1 120 ? 11.796  -3.335  10.292  1.00 13.44 ? 2290 PHE M CB  1 
ATOM   948  C CG  . PHE A 1 120 ? 11.390  -2.898  11.695  1.00 14.83 ? 2290 PHE M CG  1 
ATOM   949  C CD1 . PHE A 1 120 ? 11.612  -3.749  12.781  1.00 15.73 ? 2290 PHE M CD1 1 
ATOM   950  C CD2 . PHE A 1 120 ? 10.791  -1.649  11.892  1.00 16.03 ? 2290 PHE M CD2 1 
ATOM   951  C CE1 . PHE A 1 120 ? 11.237  -3.352  14.067  1.00 16.45 ? 2290 PHE M CE1 1 
ATOM   952  C CE2 . PHE A 1 120 ? 10.415  -1.251  13.180  1.00 16.27 ? 2290 PHE M CE2 1 
ATOM   953  C CZ  . PHE A 1 120 ? 10.638  -2.103  14.267  1.00 16.48 ? 2290 PHE M CZ  1 
ATOM   954  N N   . THR A 1 121 ? 11.230  -5.394  7.712   1.00 10.93 ? 2291 THR M N   1 
ATOM   955  C CA  . THR A 1 121 ? 11.817  -5.738  6.395   1.00 10.31 ? 2291 THR M CA  1 
ATOM   956  C C   . THR A 1 121 ? 10.829  -5.555  5.256   1.00 10.02 ? 2291 THR M C   1 
ATOM   957  O O   . THR A 1 121 ? 9.802   -6.227  5.208   1.00 9.45  ? 2291 THR M O   1 
ATOM   958  C CB  . THR A 1 121 ? 12.320  -7.179  6.357   1.00 10.31 ? 2291 THR M CB  1 
ATOM   959  O OG1 . THR A 1 121 ? 13.148  -7.435  7.481   1.00 10.42 ? 2291 THR M OG1 1 
ATOM   960  C CG2 . THR A 1 121 ? 13.152  -7.473  5.101   1.00 10.53 ? 2291 THR M CG2 1 
ATOM   961  N N   . PRO A 1 122 ? 11.127  -4.642  4.315   1.00 9.42  ? 2292 PRO M N   1 
ATOM   962  C CA  . PRO A 1 122 ? 10.212  -4.430  3.191   1.00 9.87  ? 2292 PRO M CA  1 
ATOM   963  C C   . PRO A 1 122 ? 10.168  -5.663  2.299   1.00 9.58  ? 2292 PRO M C   1 
ATOM   964  O O   . PRO A 1 122 ? 11.159  -6.388  2.173   1.00 10.44 ? 2292 PRO M O   1 
ATOM   965  C CB  . PRO A 1 122 ? 10.830  -3.241  2.454   1.00 9.71  ? 2292 PRO M CB  1 
ATOM   966  C CG  . PRO A 1 122 ? 11.596  -2.514  3.521   1.00 10.06 ? 2292 PRO M CG  1 
ATOM   967  C CD  . PRO A 1 122 ? 12.210  -3.644  4.305   1.00 10.05 ? 2292 PRO M CD  1 
ATOM   968  N N   . VAL A 1 123 ? 9.010   -5.902  1.694   1.00 9.26  ? 2293 VAL M N   1 
ATOM   969  C CA  . VAL A 1 123 ? 8.839   -7.019  0.777   1.00 8.70  ? 2293 VAL M CA  1 
ATOM   970  C C   . VAL A 1 123 ? 8.296   -6.452  -0.525  1.00 8.65  ? 2293 VAL M C   1 
ATOM   971  O O   . VAL A 1 123 ? 7.308   -5.710  -0.533  1.00 8.41  ? 2293 VAL M O   1 
ATOM   972  C CB  . VAL A 1 123 ? 7.859   -8.077  1.325   1.00 8.87  ? 2293 VAL M CB  1 
ATOM   973  C CG1 . VAL A 1 123 ? 7.516   -9.092  0.236   1.00 9.18  ? 2293 VAL M CG1 1 
ATOM   974  C CG2 . VAL A 1 123 ? 8.493   -8.793  2.506   1.00 9.38  ? 2293 VAL M CG2 1 
ATOM   975  N N   . VAL A 1 124 ? 8.975   -6.775  -1.619  1.00 9.04  ? 2294 VAL M N   1 
ATOM   976  C CA  . VAL A 1 124 ? 8.569   -6.312  -2.935  1.00 9.31  ? 2294 VAL M CA  1 
ATOM   977  C C   . VAL A 1 124 ? 7.723   -7.361  -3.632  1.00 9.70  ? 2294 VAL M C   1 
ATOM   978  O O   . VAL A 1 124 ? 8.068   -8.544  -3.664  1.00 10.58 ? 2294 VAL M O   1 
ATOM   979  C CB  . VAL A 1 124 ? 9.792   -5.999  -3.831  1.00 9.03  ? 2294 VAL M CB  1 
ATOM   980  C CG1 . VAL A 1 124 ? 9.322   -5.616  -5.243  1.00 9.29  ? 2294 VAL M CG1 1 
ATOM   981  C CG2 . VAL A 1 124 ? 10.609  -4.874  -3.214  1.00 10.12 ? 2294 VAL M CG2 1 
ATOM   982  N N   . ASN A 1 125 ? 6.586   -6.923  -4.154  1.00 9.35  ? 2295 ASN M N   1 
ATOM   983  C CA  . ASN A 1 125 ? 5.712   -7.803  -4.905  1.00 9.79  ? 2295 ASN M CA  1 
ATOM   984  C C   . ASN A 1 125 ? 5.560   -7.200  -6.290  1.00 10.19 ? 2295 ASN M C   1 
ATOM   985  O O   . ASN A 1 125 ? 4.969   -6.133  -6.458  1.00 9.76  ? 2295 ASN M O   1 
ATOM   986  C CB  . ASN A 1 125 ? 4.351   -7.932  -4.227  1.00 9.89  ? 2295 ASN M CB  1 
ATOM   987  C CG  . ASN A 1 125 ? 4.249   -9.182  -3.385  1.00 10.06 ? 2295 ASN M CG  1 
ATOM   988  O OD1 . ASN A 1 125 ? 4.262   -10.294 -3.911  1.00 10.58 ? 2295 ASN M OD1 1 
ATOM   989  N ND2 . ASN A 1 125 ? 4.155   -9.011  -2.075  1.00 10.52 ? 2295 ASN M ND2 1 
ATOM   990  N N   . CYS A 1 126 ? 6.125   -7.876  -7.281  1.00 11.12 ? 2296 CYS M N   1 
ATOM   991  C CA  . CYS A 1 126 ? 6.040   -7.385  -8.644  1.00 12.25 ? 2296 CYS M CA  1 
ATOM   992  C C   . CYS A 1 126 ? 4.704   -7.729  -9.266  1.00 12.35 ? 2296 CYS M C   1 
ATOM   993  O O   . CYS A 1 126 ? 4.044   -8.690  -8.870  1.00 12.03 ? 2296 CYS M O   1 
ATOM   994  C CB  . CYS A 1 126 ? 7.162   -7.977  -9.488  1.00 13.55 ? 2296 CYS M CB  1 
ATOM   995  S SG  . CYS A 1 126 ? 8.826   -7.451  -8.980  1.00 16.06 ? 2296 CYS M SG  1 
ATOM   996  N N   . LEU A 1 127 ? 4.306   -6.924  -10.240 1.00 12.44 ? 2297 LEU M N   1 
ATOM   997  C CA  . LEU A 1 127 ? 3.050   -7.141  -10.930 1.00 13.41 ? 2297 LEU M CA  1 
ATOM   998  C C   . LEU A 1 127 ? 3.319   -7.622  -12.340 1.00 13.89 ? 2297 LEU M C   1 
ATOM   999  O O   . LEU A 1 127 ? 3.894   -6.899  -13.152 1.00 14.23 ? 2297 LEU M O   1 
ATOM   1000 C CB  . LEU A 1 127 ? 2.237   -5.849  -10.986 1.00 13.31 ? 2297 LEU M CB  1 
ATOM   1001 C CG  . LEU A 1 127 ? 1.767   -5.238  -9.666  1.00 13.82 ? 2297 LEU M CG  1 
ATOM   1002 C CD1 . LEU A 1 127 ? 0.858   -4.048  -9.958  1.00 13.99 ? 2297 LEU M CD1 1 
ATOM   1003 C CD2 . LEU A 1 127 ? 1.026   -6.279  -8.849  1.00 14.06 ? 2297 LEU M CD2 1 
ATOM   1004 N N   . ASP A 1 128 ? 2.922   -8.858  -12.615 1.00 14.20 ? 2298 ASP M N   1 
ATOM   1005 C CA  . ASP A 1 128 ? 3.084   -9.439  -13.941 1.00 14.49 ? 2298 ASP M CA  1 
ATOM   1006 C C   . ASP A 1 128 ? 1.696   -9.922  -14.339 1.00 13.98 ? 2298 ASP M C   1 
ATOM   1007 O O   . ASP A 1 128 ? 1.201   -10.916 -13.810 1.00 14.27 ? 2298 ASP M O   1 
ATOM   1008 C CB  . ASP A 1 128 ? 4.055   -10.621 -13.906 1.00 15.97 ? 2298 ASP M CB  1 
ATOM   1009 C CG  . ASP A 1 128 ? 4.270   -11.240 -15.279 1.00 17.32 ? 2298 ASP M CG  1 
ATOM   1010 O OD1 . ASP A 1 128 ? 4.914   -12.307 -15.360 1.00 18.94 ? 2298 ASP M OD1 1 
ATOM   1011 O OD2 . ASP A 1 128 ? 3.798   -10.659 -16.279 1.00 18.28 ? 2298 ASP M OD2 1 
ATOM   1012 N N   . PRO A 1 129 ? 1.046   -9.225  -15.282 1.00 13.44 ? 2299 PRO M N   1 
ATOM   1013 C CA  . PRO A 1 129 ? 1.494   -8.032  -16.010 1.00 12.80 ? 2299 PRO M CA  1 
ATOM   1014 C C   . PRO A 1 129 ? 1.404   -6.739  -15.202 1.00 12.49 ? 2299 PRO M C   1 
ATOM   1015 O O   . PRO A 1 129 ? 0.794   -6.696  -14.130 1.00 12.12 ? 2299 PRO M O   1 
ATOM   1016 C CB  . PRO A 1 129 ? 0.545   -8.001  -17.197 1.00 12.89 ? 2299 PRO M CB  1 
ATOM   1017 C CG  . PRO A 1 129 ? -0.746  -8.397  -16.540 1.00 13.20 ? 2299 PRO M CG  1 
ATOM   1018 C CD  . PRO A 1 129 ? -0.326  -9.586  -15.683 1.00 13.26 ? 2299 PRO M CD  1 
ATOM   1019 N N   . PRO A 1 130 ? 2.016   -5.665  -15.713 1.00 12.27 ? 2300 PRO M N   1 
ATOM   1020 C CA  . PRO A 1 130 ? 1.976   -4.381  -15.015 1.00 12.09 ? 2300 PRO M CA  1 
ATOM   1021 C C   . PRO A 1 130 ? 0.566   -3.817  -15.153 1.00 11.55 ? 2300 PRO M C   1 
ATOM   1022 O O   . PRO A 1 130 ? -0.263  -4.367  -15.882 1.00 10.98 ? 2300 PRO M O   1 
ATOM   1023 C CB  . PRO A 1 130 ? 2.993   -3.531  -15.778 1.00 12.16 ? 2300 PRO M CB  1 
ATOM   1024 C CG  . PRO A 1 130 ? 3.879   -4.537  -16.463 1.00 13.25 ? 2300 PRO M CG  1 
ATOM   1025 C CD  . PRO A 1 130 ? 2.904   -5.593  -16.886 1.00 12.51 ? 2300 PRO M CD  1 
ATOM   1026 N N   . LEU A 1 131 ? 0.308   -2.723  -14.450 1.00 11.62 ? 2301 LEU M N   1 
ATOM   1027 C CA  . LEU A 1 131 ? -0.984  -2.059  -14.505 1.00 12.09 ? 2301 LEU M CA  1 
ATOM   1028 C C   . LEU A 1 131 ? -0.792  -0.637  -15.019 1.00 12.16 ? 2301 LEU M C   1 
ATOM   1029 O O   . LEU A 1 131 ? 0.154   0.061   -14.634 1.00 12.88 ? 2301 LEU M O   1 
ATOM   1030 C CB  . LEU A 1 131 ? -1.603  -1.954  -13.109 1.00 12.53 ? 2301 LEU M CB  1 
ATOM   1031 C CG  . LEU A 1 131 ? -2.122  -3.228  -12.463 1.00 12.87 ? 2301 LEU M CG  1 
ATOM   1032 C CD1 . LEU A 1 131 ? -2.574  -2.979  -11.010 1.00 13.03 ? 2301 LEU M CD1 1 
ATOM   1033 C CD2 . LEU A 1 131 ? -3.334  -3.806  -13.181 1.00 13.36 ? 2301 LEU M CD2 1 
ATOM   1034 N N   . LEU A 1 132 ? -1.679  -0.252  -15.897 1.00 11.99 ? 2302 LEU M N   1 
ATOM   1035 C CA  . LEU A 1 132 ? -1.732  1.119   -16.402 1.00 12.22 ? 2302 LEU M CA  1 
ATOM   1036 C C   . LEU A 1 132 ? -2.905  1.759   -15.687 1.00 12.35 ? 2302 LEU M C   1 
ATOM   1037 O O   . LEU A 1 132 ? -4.065  1.525   -16.036 1.00 12.77 ? 2302 LEU M O   1 
ATOM   1038 C CB  . LEU A 1 132 ? -1.960  1.119   -17.915 1.00 11.97 ? 2302 LEU M CB  1 
ATOM   1039 C CG  . LEU A 1 132 ? -0.763  0.610   -18.716 1.00 12.39 ? 2302 LEU M CG  1 
ATOM   1040 C CD1 . LEU A 1 132 ? -1.091  0.398   -20.197 1.00 12.79 ? 2302 LEU M CD1 1 
ATOM   1041 C CD2 . LEU A 1 132 ? 0.428   1.570   -18.680 1.00 13.09 ? 2302 LEU M CD2 1 
ATOM   1042 N N   . THR A 1 133 ? -2.612  2.542   -14.670 1.00 12.11 ? 2303 THR M N   1 
ATOM   1043 C CA  . THR A 1 133 ? -3.687  3.121   -13.857 1.00 12.42 ? 2303 THR M CA  1 
ATOM   1044 C C   . THR A 1 133 ? -3.263  4.413   -13.165 1.00 12.20 ? 2303 THR M C   1 
ATOM   1045 O O   . THR A 1 133 ? -2.072  4.668   -12.950 1.00 12.28 ? 2303 THR M O   1 
ATOM   1046 C CB  . THR A 1 133 ? -4.080  2.114   -12.777 1.00 12.70 ? 2303 THR M CB  1 
ATOM   1047 O OG1 . THR A 1 133 ? -5.223  2.573   -12.075 1.00 12.75 ? 2303 THR M OG1 1 
ATOM   1048 C CG2 . THR A 1 133 ? -2.968  1.883   -11.750 1.00 12.62 ? 2303 THR M CG2 1 
ATOM   1049 N N   . ARG A 1 134 ? -4.277  5.193   -12.833 1.00 12.55 ? 2304 ARG M N   1 
ATOM   1050 C CA  . ARG A 1 134 ? -4.095  6.457   -12.116 1.00 12.81 ? 2304 ARG M CA  1 
ATOM   1051 C C   . ARG A 1 134 ? -4.322  6.219   -10.623 1.00 12.65 ? 2304 ARG M C   1 
ATOM   1052 O O   . ARG A 1 134 ? -3.700  6.869   -9.791  1.00 12.00 ? 2304 ARG M O   1 
ATOM   1053 C CB  . ARG A 1 134 ? -5.084  7.509   -12.606 1.00 13.64 ? 2304 ARG M CB  1 
ATOM   1054 C CG  . ARG A 1 134 ? -4.982  8.804   -11.805 1.00 15.15 ? 2304 ARG M CG  1 
ATOM   1055 C CD  . ARG A 1 134 ? -6.073  9.815   -12.140 1.00 16.65 ? 2304 ARG M CD  1 
ATOM   1056 N NE  . ARG A 1 134 ? -6.167  10.872  -11.134 1.00 17.90 ? 2304 ARG M NE  1 
ATOM   1057 C CZ  . ARG A 1 134 ? -6.969  11.933  -11.221 1.00 18.81 ? 2304 ARG M CZ  1 
ATOM   1058 N NH1 . ARG A 1 134 ? -7.771  12.104  -12.278 1.00 19.48 ? 2304 ARG M NH1 1 
ATOM   1059 N NH2 . ARG A 1 134 ? -7.037  12.885  -10.283 1.00 19.11 ? 2304 ARG M NH2 1 
ATOM   1060 N N   . TYR A 1 135 ? -5.216  5.285   -10.301 1.00 12.52 ? 2305 TYR M N   1 
ATOM   1061 C CA  . TYR A 1 135 ? -5.542  4.957   -8.911  1.00 12.99 ? 2305 TYR M CA  1 
ATOM   1062 C C   . TYR A 1 135 ? -5.185  3.522   -8.561  1.00 12.27 ? 2305 TYR M C   1 
ATOM   1063 O O   . TYR A 1 135 ? -5.421  2.604   -9.346  1.00 12.34 ? 2305 TYR M O   1 
ATOM   1064 C CB  . TYR A 1 135 ? -7.036  5.139   -8.632  1.00 14.76 ? 2305 TYR M CB  1 
ATOM   1065 C CG  . TYR A 1 135 ? -7.552  6.552   -8.740  1.00 16.39 ? 2305 TYR M CG  1 
ATOM   1066 C CD1 . TYR A 1 135 ? -7.889  7.100   -9.974  1.00 17.21 ? 2305 TYR M CD1 1 
ATOM   1067 C CD2 . TYR A 1 135 ? -7.724  7.336   -7.600  1.00 17.42 ? 2305 TYR M CD2 1 
ATOM   1068 C CE1 . TYR A 1 135 ? -8.391  8.401   -10.073 1.00 18.16 ? 2305 TYR M CE1 1 
ATOM   1069 C CE2 . TYR A 1 135 ? -8.222  8.635   -7.686  1.00 18.23 ? 2305 TYR M CE2 1 
ATOM   1070 C CZ  . TYR A 1 135 ? -8.554  9.159   -8.926  1.00 18.43 ? 2305 TYR M CZ  1 
ATOM   1071 O OH  . TYR A 1 135 ? -9.051  10.440  -9.011  1.00 19.56 ? 2305 TYR M OH  1 
ATOM   1072 N N   . LEU A 1 136 ? -4.656  3.335   -7.358  1.00 11.50 ? 2306 LEU M N   1 
ATOM   1073 C CA  . LEU A 1 136 ? -4.260  2.018   -6.883  1.00 11.15 ? 2306 LEU M CA  1 
ATOM   1074 C C   . LEU A 1 136 ? -4.705  1.851   -5.425  1.00 10.69 ? 2306 LEU M C   1 
ATOM   1075 O O   . LEU A 1 136 ? -4.593  2.776   -4.611  1.00 10.65 ? 2306 LEU M O   1 
ATOM   1076 C CB  . LEU A 1 136 ? -2.734  1.884   -6.965  1.00 11.16 ? 2306 LEU M CB  1 
ATOM   1077 C CG  . LEU A 1 136 ? -2.177  0.486   -6.738  1.00 11.53 ? 2306 LEU M CG  1 
ATOM   1078 C CD1 . LEU A 1 136 ? -2.363  -0.426  -7.947  1.00 11.87 ? 2306 LEU M CD1 1 
ATOM   1079 C CD2 . LEU A 1 136 ? -0.667  0.507   -6.455  1.00 12.20 ? 2306 LEU M CD2 1 
ATOM   1080 N N   . ARG A 1 137 ? -5.207  0.669   -5.121  1.00 10.30 ? 2307 ARG M N   1 
ATOM   1081 C CA  . ARG A 1 137 ? -5.677  0.344   -3.764  1.00 10.26 ? 2307 ARG M CA  1 
ATOM   1082 C C   . ARG A 1 137 ? -5.071  -0.973  -3.284  1.00 9.96  ? 2307 ARG M C   1 
ATOM   1083 O O   . ARG A 1 137 ? -4.941  -1.932  -4.054  1.00 10.00 ? 2307 ARG M O   1 
ATOM   1084 C CB  . ARG A 1 137 ? -7.194  0.172   -3.750  1.00 10.85 ? 2307 ARG M CB  1 
ATOM   1085 C CG  . ARG A 1 137 ? -7.953  1.479   -3.556  1.00 11.39 ? 2307 ARG M CG  1 
ATOM   1086 C CD  . ARG A 1 137 ? -9.459  1.262   -3.442  1.00 12.47 ? 2307 ARG M CD  1 
ATOM   1087 N NE  . ARG A 1 137 ? -10.202 2.517   -3.352  1.00 13.39 ? 2307 ARG M NE  1 
ATOM   1088 C CZ  . ARG A 1 137 ? -11.529 2.594   -3.260  1.00 13.89 ? 2307 ARG M CZ  1 
ATOM   1089 N NH1 . ARG A 1 137 ? -12.283 1.488   -3.247  1.00 14.57 ? 2307 ARG M NH1 1 
ATOM   1090 N NH2 . ARG A 1 137 ? -12.197 3.749   -3.177  1.00 14.58 ? 2307 ARG M NH2 1 
ATOM   1091 N N   . ILE A 1 138 ? -4.712  -0.980  -2.016  1.00 9.53  ? 2308 ILE M N   1 
ATOM   1092 C CA  . ILE A 1 138 ? -4.186  -2.177  -1.348  1.00 9.96  ? 2308 ILE M CA  1 
ATOM   1093 C C   . ILE A 1 138 ? -5.228  -2.631  -0.334  1.00 9.72  ? 2308 ILE M C   1 
ATOM   1094 O O   . ILE A 1 138 ? -5.711  -1.831  0.478   1.00 9.58  ? 2308 ILE M O   1 
ATOM   1095 C CB  . ILE A 1 138 ? -2.868  -1.869  -0.637  1.00 10.84 ? 2308 ILE M CB  1 
ATOM   1096 C CG1 . ILE A 1 138 ? -1.791  -1.327  -1.580  1.00 12.10 ? 2308 ILE M CG1 1 
ATOM   1097 C CG2 . ILE A 1 138 ? -2.259  -3.104  0.035   1.00 11.62 ? 2308 ILE M CG2 1 
ATOM   1098 C CD1 . ILE A 1 138 ? -1.409  -2.310  -2.687  1.00 13.14 ? 2308 ILE M CD1 1 
ATOM   1099 N N   . HIS A 1 139 ? -5.562  -3.902  -0.403  1.00 9.23  ? 2309 HIS M N   1 
ATOM   1100 C CA  . HIS A 1 139 ? -6.596  -4.476  0.468   1.00 9.09  ? 2309 HIS M CA  1 
ATOM   1101 C C   . HIS A 1 139 ? -6.019  -5.513  1.432   1.00 8.85  ? 2309 HIS M C   1 
ATOM   1102 O O   . HIS A 1 139 ? -5.809  -6.661  1.054   1.00 8.20  ? 2309 HIS M O   1 
ATOM   1103 C CB  . HIS A 1 139 ? -7.672  -5.156  -0.382  1.00 9.17  ? 2309 HIS M CB  1 
ATOM   1104 C CG  . HIS A 1 139 ? -8.279  -4.225  -1.435  1.00 9.16  ? 2309 HIS M CG  1 
ATOM   1105 N ND1 . HIS A 1 139 ? -9.527  -3.635  -1.264  1.00 9.76  ? 2309 HIS M ND1 1 
ATOM   1106 C CD2 . HIS A 1 139 ? -7.817  -3.795  -2.639  1.00 9.80  ? 2309 HIS M CD2 1 
ATOM   1107 C CE1 . HIS A 1 139 ? -9.780  -2.892  -2.327  1.00 10.10 ? 2309 HIS M CE1 1 
ATOM   1108 N NE2 . HIS A 1 139 ? -8.771  -2.977  -3.156  1.00 10.30 ? 2309 HIS M NE2 1 
ATOM   1109 N N   . PRO A 1 140 ? -5.749  -5.126  2.690   1.00 8.72  ? 2310 PRO M N   1 
ATOM   1110 C CA  . PRO A 1 140 ? -5.200  -6.115  3.627   1.00 9.45  ? 2310 PRO M CA  1 
ATOM   1111 C C   . PRO A 1 140 ? -6.173  -7.289  3.780   1.00 9.93  ? 2310 PRO M C   1 
ATOM   1112 O O   . PRO A 1 140 ? -7.378  -7.079  3.910   1.00 10.17 ? 2310 PRO M O   1 
ATOM   1113 C CB  . PRO A 1 140 ? -5.045  -5.318  4.924   1.00 9.20  ? 2310 PRO M CB  1 
ATOM   1114 C CG  . PRO A 1 140 ? -4.822  -3.909  4.437   1.00 9.33  ? 2310 PRO M CG  1 
ATOM   1115 C CD  . PRO A 1 140 ? -5.819  -3.787  3.306   1.00 9.03  ? 2310 PRO M CD  1 
ATOM   1116 N N   . GLN A 1 141 ? -5.654  -8.514  3.759   1.00 10.50 ? 2311 GLN M N   1 
ATOM   1117 C CA  . GLN A 1 141 ? -6.499  -9.700  3.889   1.00 11.60 ? 2311 GLN M CA  1 
ATOM   1118 C C   . GLN A 1 141 ? -6.169  -10.501 5.149   1.00 11.66 ? 2311 GLN M C   1 
ATOM   1119 O O   . GLN A 1 141 ? -7.051  -11.115 5.753   1.00 12.04 ? 2311 GLN M O   1 
ATOM   1120 C CB  . GLN A 1 141 ? -6.365  -10.569 2.633   1.00 12.47 ? 2311 GLN M CB  1 
ATOM   1121 C CG  . GLN A 1 141 ? -6.771  -9.840  1.343   1.00 14.50 ? 2311 GLN M CG  1 
ATOM   1122 C CD  . GLN A 1 141 ? -8.265  -9.527  1.259   1.00 15.18 ? 2311 GLN M CD  1 
ATOM   1123 O OE1 . GLN A 1 141 ? -9.083  -10.411 0.976   1.00 16.04 ? 2311 GLN M OE1 1 
ATOM   1124 N NE2 . GLN A 1 141 ? -8.627  -8.263  1.504   1.00 15.04 ? 2311 GLN M NE2 1 
ATOM   1125 N N   . SER A 1 142 ? -4.899  -10.504 5.541   1.00 11.74 ? 2312 SER M N   1 
ATOM   1126 C CA  . SER A 1 142 ? -4.478  -11.191 6.758   1.00 11.52 ? 2312 SER M CA  1 
ATOM   1127 C C   . SER A 1 142 ? -3.350  -10.368 7.362   1.00 11.21 ? 2312 SER M C   1 
ATOM   1128 O O   . SER A 1 142 ? -2.626  -9.665  6.647   1.00 10.33 ? 2312 SER M O   1 
ATOM   1129 C CB  . SER A 1 142 ? -4.020  -12.625 6.468   1.00 12.14 ? 2312 SER M CB  1 
ATOM   1130 O OG  . SER A 1 142 ? -2.836  -12.651 5.700   1.00 12.84 ? 2312 SER M OG  1 
ATOM   1131 N N   . TRP A 1 143 ? -3.193  -10.459 8.676   1.00 10.69 ? 2313 TRP M N   1 
ATOM   1132 C CA  . TRP A 1 143 ? -2.192  -9.664  9.367   1.00 10.50 ? 2313 TRP M CA  1 
ATOM   1133 C C   . TRP A 1 143 ? -1.768  -10.286 10.687  1.00 10.35 ? 2313 TRP M C   1 
ATOM   1134 O O   . TRP A 1 143 ? -2.382  -11.242 11.167  1.00 10.96 ? 2313 TRP M O   1 
ATOM   1135 C CB  . TRP A 1 143 ? -2.774  -8.273  9.633   1.00 10.52 ? 2313 TRP M CB  1 
ATOM   1136 C CG  . TRP A 1 143 ? -4.116  -8.333  10.324  1.00 11.43 ? 2313 TRP M CG  1 
ATOM   1137 C CD1 . TRP A 1 143 ? -4.347  -8.361  11.669  1.00 11.59 ? 2313 TRP M CD1 1 
ATOM   1138 C CD2 . TRP A 1 143 ? -5.398  -8.451  9.693   1.00 11.55 ? 2313 TRP M CD2 1 
ATOM   1139 N NE1 . TRP A 1 143 ? -5.695  -8.490  11.917  1.00 12.20 ? 2313 TRP M NE1 1 
ATOM   1140 C CE2 . TRP A 1 143 ? -6.362  -8.548  10.722  1.00 11.81 ? 2313 TRP M CE2 1 
ATOM   1141 C CE3 . TRP A 1 143 ? -5.826  -8.486  8.358   1.00 12.00 ? 2313 TRP M CE3 1 
ATOM   1142 C CZ2 . TRP A 1 143 ? -7.734  -8.679  10.456  1.00 12.54 ? 2313 TRP M CZ2 1 
ATOM   1143 C CZ3 . TRP A 1 143 ? -7.191  -8.618  8.094   1.00 12.49 ? 2313 TRP M CZ3 1 
ATOM   1144 C CH2 . TRP A 1 143 ? -8.125  -8.712  9.141   1.00 12.88 ? 2313 TRP M CH2 1 
ATOM   1145 N N   . VAL A 1 144 ? -0.704  -9.735  11.257  1.00 10.02 ? 2314 VAL M N   1 
ATOM   1146 C CA  . VAL A 1 144 ? -0.198  -10.181 12.542  1.00 10.06 ? 2314 VAL M CA  1 
ATOM   1147 C C   . VAL A 1 144 ? -0.433  -9.047  13.533  1.00 9.92  ? 2314 VAL M C   1 
ATOM   1148 O O   . VAL A 1 144 ? 0.090   -7.937  13.360  1.00 9.83  ? 2314 VAL M O   1 
ATOM   1149 C CB  . VAL A 1 144 ? 1.310   -10.522 12.468  1.00 10.06 ? 2314 VAL M CB  1 
ATOM   1150 C CG1 . VAL A 1 144 ? 1.883   -10.713 13.871  1.00 10.51 ? 2314 VAL M CG1 1 
ATOM   1151 C CG2 . VAL A 1 144 ? 1.504   -11.801 11.649  1.00 10.62 ? 2314 VAL M CG2 1 
ATOM   1152 N N   . HIS A 1 145 ? -1.254  -9.338  14.542  1.00 10.13 ? 2315 HIS M N   1 
ATOM   1153 C CA  . HIS A 1 145 ? -1.624  -8.413  15.614  1.00 10.28 ? 2315 HIS M CA  1 
ATOM   1154 C C   . HIS A 1 145 ? -2.534  -7.266  15.175  1.00 10.26 ? 2315 HIS M C   1 
ATOM   1155 O O   . HIS A 1 145 ? -3.663  -7.144  15.654  1.00 10.85 ? 2315 HIS M O   1 
ATOM   1156 C CB  . HIS A 1 145 ? -0.368  -7.853  16.282  1.00 10.61 ? 2315 HIS M CB  1 
ATOM   1157 C CG  . HIS A 1 145 ? 0.492   -8.903  16.910  1.00 11.03 ? 2315 HIS M CG  1 
ATOM   1158 N ND1 . HIS A 1 145 ? 1.860   -8.780  17.015  1.00 11.23 ? 2315 HIS M ND1 1 
ATOM   1159 C CD2 . HIS A 1 145 ? 0.179   -10.104 17.453  1.00 11.71 ? 2315 HIS M CD2 1 
ATOM   1160 C CE1 . HIS A 1 145 ? 2.354   -9.863  17.592  1.00 11.58 ? 2315 HIS M CE1 1 
ATOM   1161 N NE2 . HIS A 1 145 ? 1.354   -10.680 17.867  1.00 11.78 ? 2315 HIS M NE2 1 
ATOM   1162 N N   . GLN A 1 146 ? -2.047  -6.432  14.261  1.00 9.99  ? 2316 GLN M N   1 
ATOM   1163 C CA  . GLN A 1 146 ? -2.821  -5.292  13.777  1.00 9.58  ? 2316 GLN M CA  1 
ATOM   1164 C C   . GLN A 1 146 ? -2.466  -4.994  12.328  1.00 9.16  ? 2316 GLN M C   1 
ATOM   1165 O O   . GLN A 1 146 ? -1.355  -5.278  11.869  1.00 9.23  ? 2316 GLN M O   1 
ATOM   1166 C CB  . GLN A 1 146 ? -2.477  -4.031  14.575  1.00 9.78  ? 2316 GLN M CB  1 
ATOM   1167 C CG  . GLN A 1 146 ? -2.681  -4.181  16.077  1.00 10.26 ? 2316 GLN M CG  1 
ATOM   1168 C CD  . GLN A 1 146 ? -4.139  -4.024  16.494  1.00 10.79 ? 2316 GLN M CD  1 
ATOM   1169 O OE1 . GLN A 1 146 ? -4.896  -3.312  15.835  1.00 11.33 ? 2316 GLN M OE1 1 
ATOM   1170 N NE2 . GLN A 1 146 ? -4.581  -4.659  17.561  1.00 11.52 ? 2316 GLN M NE2 1 
ATOM   1171 N N   . ILE A 1 147 ? -3.419  -4.429  11.616  1.00 8.91  ? 2317 ILE M N   1 
ATOM   1172 C CA  . ILE A 1 147 ? -3.163  -4.002  10.242  1.00 8.34  ? 2317 ILE M CA  1 
ATOM   1173 C C   . ILE A 1 147 ? -2.420  -2.674  10.307  1.00 8.45  ? 2317 ILE M C   1 
ATOM   1174 O O   . ILE A 1 147 ? -2.955  -1.669  10.786  1.00 8.65  ? 2317 ILE M O   1 
ATOM   1175 C CB  . ILE A 1 147 ? -4.463  -3.803  9.457   1.00 8.16  ? 2317 ILE M CB  1 
ATOM   1176 C CG1 . ILE A 1 147 ? -5.229  -5.105  9.224   1.00 8.40  ? 2317 ILE M CG1 1 
ATOM   1177 C CG2 . ILE A 1 147 ? -4.219  -3.199  8.066   1.00 7.59  ? 2317 ILE M CG2 1 
ATOM   1178 C CD1 . ILE A 1 147 ? -6.583  -4.895  8.544   1.00 8.88  ? 2317 ILE M CD1 1 
ATOM   1179 N N   . ALA A 1 148 ? -1.194  -2.708  9.851   1.00 8.32  ? 2318 ALA M N   1 
ATOM   1180 C CA  . ALA A 1 148 ? -0.327  -1.522  9.808   1.00 8.58  ? 2318 ALA M CA  1 
ATOM   1181 C C   . ALA A 1 148 ? 0.451   -1.580  8.512   1.00 8.47  ? 2318 ALA M C   1 
ATOM   1182 O O   . ALA A 1 148 ? 0.952   -2.644  8.121   1.00 8.55  ? 2318 ALA M O   1 
ATOM   1183 C CB  . ALA A 1 148 ? 0.621   -1.525  11.006  1.00 8.70  ? 2318 ALA M CB  1 
ATOM   1184 N N   . LEU A 1 149 ? 0.562   -0.448  7.848   1.00 8.28  ? 2319 LEU M N   1 
ATOM   1185 C CA  . LEU A 1 149 ? 1.193   -0.458  6.535   1.00 8.45  ? 2319 LEU M CA  1 
ATOM   1186 C C   . LEU A 1 149 ? 1.965   0.820   6.200   1.00 8.16  ? 2319 LEU M C   1 
ATOM   1187 O O   . LEU A 1 149 ? 1.490   1.937   6.426   1.00 8.56  ? 2319 LEU M O   1 
ATOM   1188 C CB  . LEU A 1 149 ? 0.096   -0.626  5.473   1.00 9.49  ? 2319 LEU M CB  1 
ATOM   1189 C CG  . LEU A 1 149 ? 0.616   -0.721  4.037   1.00 10.20 ? 2319 LEU M CG  1 
ATOM   1190 C CD1 . LEU A 1 149 ? 1.436   -1.985  3.779   1.00 10.81 ? 2319 LEU M CD1 1 
ATOM   1191 C CD2 . LEU A 1 149 ? -0.512  -0.741  3.000   1.00 11.11 ? 2319 LEU M CD2 1 
ATOM   1192 N N   . ARG A 1 150 ? 3.133   0.552   5.667   1.00 8.11  ? 2320 ARG M N   1 
ATOM   1193 C CA  . ARG A 1 150 ? 4.054   1.540   5.100   1.00 7.91  ? 2320 ARG M CA  1 
ATOM   1194 C C   . ARG A 1 150 ? 4.391   0.971   3.738   1.00 8.07  ? 2320 ARG M C   1 
ATOM   1195 O O   . ARG A 1 150 ? 4.695   -0.224  3.611   1.00 7.99  ? 2320 ARG M O   1 
ATOM   1196 C CB  . ARG A 1 150 ? 5.307   1.663   5.971   1.00 8.18  ? 2320 ARG M CB  1 
ATOM   1197 C CG  . ARG A 1 150 ? 5.129   2.604   7.161   1.00 8.39  ? 2320 ARG M CG  1 
ATOM   1198 C CD  . ARG A 1 150 ? 6.433   2.851   7.919   1.00 9.20  ? 2320 ARG M CD  1 
ATOM   1199 N NE  . ARG A 1 150 ? 6.989   1.628   8.505   1.00 8.91  ? 2320 ARG M NE  1 
ATOM   1200 C CZ  . ARG A 1 150 ? 8.223   1.531   9.007   1.00 9.63  ? 2320 ARG M CZ  1 
ATOM   1201 N NH1 . ARG A 1 150 ? 9.052   2.582   9.000   1.00 9.21  ? 2320 ARG M NH1 1 
ATOM   1202 N NH2 . ARG A 1 150 ? 8.719   0.409   9.542   1.00 10.25 ? 2320 ARG M NH2 1 
ATOM   1203 N N   . MET A 1 151 ? 4.325   1.770   2.699   1.00 8.23  ? 2321 MET M N   1 
ATOM   1204 C CA  . MET A 1 151 ? 4.553   1.190   1.379   1.00 8.63  ? 2321 MET M CA  1 
ATOM   1205 C C   . MET A 1 151 ? 5.230   2.104   0.381   1.00 8.44  ? 2321 MET M C   1 
ATOM   1206 O O   . MET A 1 151 ? 5.592   3.240   0.674   1.00 8.07  ? 2321 MET M O   1 
ATOM   1207 C CB  . MET A 1 151 ? 3.221   0.751   0.756   1.00 9.63  ? 2321 MET M CB  1 
ATOM   1208 C CG  . MET A 1 151 ? 2.263   1.914   0.480   1.00 10.33 ? 2321 MET M CG  1 
ATOM   1209 S SD  . MET A 1 151 ? 0.793   1.413   -0.394  1.00 11.06 ? 2321 MET M SD  1 
ATOM   1210 C CE  . MET A 1 151 ? 1.236   0.793   -2.000  1.00 11.71 ? 2321 MET M CE  1 
ATOM   1211 N N   . GLU A 1 152 ? 5.420   1.546   -0.805  1.00 8.40  ? 2322 GLU M N   1 
ATOM   1212 C CA  . GLU A 1 152 ? 5.987   2.257   -1.936  1.00 8.42  ? 2322 GLU M CA  1 
ATOM   1213 C C   . GLU A 1 152 ? 5.388   1.616   -3.179  1.00 8.49  ? 2322 GLU M C   1 
ATOM   1214 O O   . GLU A 1 152 ? 4.979   0.450   -3.155  1.00 8.23  ? 2322 GLU M O   1 
ATOM   1215 C CB  . GLU A 1 152 ? 7.514   2.130   -1.977  1.00 8.54  ? 2322 GLU M CB  1 
ATOM   1216 C CG  . GLU A 1 152 ? 8.148   2.922   -3.120  1.00 9.31  ? 2322 GLU M CG  1 
ATOM   1217 C CD  . GLU A 1 152 ? 7.863   4.409   -3.019  1.00 9.40  ? 2322 GLU M CD  1 
ATOM   1218 O OE1 . GLU A 1 152 ? 8.571   5.104   -2.256  1.00 10.09 ? 2322 GLU M OE1 1 
ATOM   1219 O OE2 . GLU A 1 152 ? 6.920   4.890   -3.684  1.00 9.36  ? 2322 GLU M OE2 1 
ATOM   1220 N N   . VAL A 1 153 ? 5.305   2.391   -4.251  1.00 8.91  ? 2323 VAL M N   1 
ATOM   1221 C CA  . VAL A 1 153 ? 4.794   1.892   -5.517  1.00 9.29  ? 2323 VAL M CA  1 
ATOM   1222 C C   . VAL A 1 153 ? 5.946   1.998   -6.503  1.00 9.95  ? 2323 VAL M C   1 
ATOM   1223 O O   . VAL A 1 153 ? 6.668   3.001   -6.517  1.00 10.46 ? 2323 VAL M O   1 
ATOM   1224 C CB  . VAL A 1 153 ? 3.609   2.727   -6.022  1.00 9.12  ? 2323 VAL M CB  1 
ATOM   1225 C CG1 . VAL A 1 153 ? 3.048   2.116   -7.298  1.00 9.75  ? 2323 VAL M CG1 1 
ATOM   1226 C CG2 . VAL A 1 153 ? 2.534   2.801   -4.946  1.00 10.06 ? 2323 VAL M CG2 1 
ATOM   1227 N N   . LEU A 1 154 ? 6.126   0.958   -7.310  1.00 10.11 ? 2324 LEU M N   1 
ATOM   1228 C CA  . LEU A 1 154 ? 7.205   0.921   -8.288  1.00 10.64 ? 2324 LEU M CA  1 
ATOM   1229 C C   . LEU A 1 154 ? 6.647   0.976   -9.703  1.00 11.06 ? 2324 LEU M C   1 
ATOM   1230 O O   . LEU A 1 154 ? 5.631   0.355   -9.994  1.00 11.24 ? 2324 LEU M O   1 
ATOM   1231 C CB  . LEU A 1 154 ? 8.017   -0.363  -8.113  1.00 11.03 ? 2324 LEU M CB  1 
ATOM   1232 C CG  . LEU A 1 154 ? 8.534   -0.632  -6.700  1.00 11.46 ? 2324 LEU M CG  1 
ATOM   1233 C CD1 . LEU A 1 154 ? 9.258   -1.966  -6.670  1.00 11.31 ? 2324 LEU M CD1 1 
ATOM   1234 C CD2 . LEU A 1 154 ? 9.460   0.494   -6.271  1.00 11.96 ? 2324 LEU M CD2 1 
ATOM   1235 N N   . GLY A 1 155 ? 7.321   1.715   -10.578 1.00 11.13 ? 2325 GLY M N   1 
ATOM   1236 C CA  . GLY A 1 155 ? 6.864   1.814   -11.952 1.00 12.06 ? 2325 GLY M CA  1 
ATOM   1237 C C   . GLY A 1 155 ? 7.490   2.966   -12.712 1.00 12.71 ? 2325 GLY M C   1 
ATOM   1238 O O   . GLY A 1 155 ? 8.620   3.366   -12.435 1.00 13.03 ? 2325 GLY M O   1 
ATOM   1239 N N   . CYS A 1 156 ? 6.753   3.492   -13.681 1.00 13.35 ? 2326 CYS M N   1 
ATOM   1240 C CA  . CYS A 1 156 ? 7.230   4.608   -14.489 1.00 14.57 ? 2326 CYS M CA  1 
ATOM   1241 C C   . CYS A 1 156 ? 6.047   5.286   -15.171 1.00 15.36 ? 2326 CYS M C   1 
ATOM   1242 O O   . CYS A 1 156 ? 4.892   5.005   -14.853 1.00 14.92 ? 2326 CYS M O   1 
ATOM   1243 C CB  . CYS A 1 156 ? 8.229   4.118   -15.540 1.00 14.99 ? 2326 CYS M CB  1 
ATOM   1244 S SG  . CYS A 1 156 ? 7.499   3.045   -16.812 1.00 16.81 ? 2326 CYS M SG  1 
ATOM   1245 N N   . GLU A 1 157 ? 6.338   6.178   -16.112 1.00 16.60 ? 2327 GLU M N   1 
ATOM   1246 C CA  . GLU A 1 157 ? 5.296   6.907   -16.826 1.00 18.52 ? 2327 GLU M CA  1 
ATOM   1247 C C   . GLU A 1 157 ? 4.552   6.026   -17.824 1.00 18.85 ? 2327 GLU M C   1 
ATOM   1248 O O   . GLU A 1 157 ? 5.096   5.048   -18.331 1.00 19.23 ? 2327 GLU M O   1 
ATOM   1249 C CB  . GLU A 1 157 ? 5.903   8.103   -17.571 1.00 19.95 ? 2327 GLU M CB  1 
ATOM   1250 C CG  . GLU A 1 157 ? 6.599   9.134   -16.686 1.00 22.21 ? 2327 GLU M CG  1 
ATOM   1251 C CD  . GLU A 1 157 ? 5.632   9.988   -15.884 1.00 23.25 ? 2327 GLU M CD  1 
ATOM   1252 O OE1 . GLU A 1 157 ? 4.799   9.423   -15.146 1.00 24.40 ? 2327 GLU M OE1 1 
ATOM   1253 O OE2 . GLU A 1 157 ? 5.709   11.232  -15.985 1.00 24.51 ? 2327 GLU M OE2 1 
ATOM   1254 N N   . ALA A 1 158 ? 3.304   6.385   -18.098 1.00 19.28 ? 2328 ALA M N   1 
ATOM   1255 C CA  . ALA A 1 158 ? 2.477   5.655   -19.052 1.00 20.14 ? 2328 ALA M CA  1 
ATOM   1256 C C   . ALA A 1 158 ? 2.147   6.600   -20.199 1.00 20.75 ? 2328 ALA M C   1 
ATOM   1257 O O   . ALA A 1 158 ? 3.009   7.349   -20.660 1.00 21.85 ? 2328 ALA M O   1 
ATOM   1258 C CB  . ALA A 1 158 ? 1.196   5.176   -18.378 1.00 20.21 ? 2328 ALA M CB  1 
ATOM   1259 N N   . GLN A 1 159 ? 0.896   6.563   -20.650 1.00 28.50 ? 2329 GLN M N   1 
ATOM   1260 C CA  . GLN A 1 159 ? 0.421   7.415   -21.735 1.00 30.15 ? 2329 GLN M CA  1 
ATOM   1261 C C   . GLN A 1 159 ? 1.431   7.578   -22.873 1.00 30.77 ? 2329 GLN M C   1 
ATOM   1262 O O   . GLN A 1 159 ? 1.884   8.722   -23.097 1.00 31.71 ? 2329 GLN M O   1 
ATOM   1263 C CB  . GLN A 1 159 ? 0.024   8.788   -21.182 1.00 31.05 ? 2329 GLN M CB  1 
ATOM   1264 C CG  . GLN A 1 159 ? -1.022  8.718   -20.074 1.00 32.59 ? 2329 GLN M CG  1 
ATOM   1265 C CD  . GLN A 1 159 ? -1.604  10.071  -19.710 1.00 33.47 ? 2329 GLN M CD  1 
ATOM   1266 O OE1 . GLN A 1 159 ? -0.879  10.998  -19.342 1.00 34.45 ? 2329 GLN M OE1 1 
ATOM   1267 N NE2 . GLN A 1 159 ? -2.926  10.191  -19.806 1.00 34.00 ? 2329 GLN M NE2 1 
ATOM   1268 O OXT . GLN A 1 159 ? 1.752   6.560   -23.535 1.00 2.00  ? 2329 GLN M OXT 1 
HETATM 1269 S S   . SO4 B 2 .   ? 12.495  1.362   9.523   1.00 21.46 ? 2332 SO4 M S   1 
HETATM 1270 O O1  . SO4 B 2 .   ? 13.568  2.243   10.024  1.00 22.14 ? 2332 SO4 M O1  1 
HETATM 1271 O O2  . SO4 B 2 .   ? 12.142  1.738   8.142   1.00 21.46 ? 2332 SO4 M O2  1 
HETATM 1272 O O3  . SO4 B 2 .   ? 12.955  -0.035  9.560   1.00 21.77 ? 2332 SO4 M O3  1 
HETATM 1273 O O4  . SO4 B 2 .   ? 11.305  1.503   10.386  1.00 21.85 ? 2332 SO4 M O4  1 
HETATM 1274 S S   . SO4 C 2 .   ? -1.604  -20.575 -9.394  1.00 41.57 ? 2333 SO4 M S   1 
HETATM 1275 O O1  . SO4 C 2 .   ? -2.572  -20.832 -8.317  1.00 41.64 ? 2333 SO4 M O1  1 
HETATM 1276 O O2  . SO4 C 2 .   ? -1.262  -19.138 -9.414  1.00 41.65 ? 2333 SO4 M O2  1 
HETATM 1277 O O3  . SO4 C 2 .   ? -0.381  -21.366 -9.151  1.00 41.72 ? 2333 SO4 M O3  1 
HETATM 1278 O O4  . SO4 C 2 .   ? -2.193  -20.970 -10.686 1.00 41.51 ? 2333 SO4 M O4  1 
HETATM 1279 N N   . CYS D 3 .   ? 11.425  -4.779  -10.390 1.00 20.14 ? 2330 CYS M N   1 
HETATM 1280 C CA  . CYS D 3 .   ? 10.302  -5.376  -11.162 1.00 19.69 ? 2330 CYS M CA  1 
HETATM 1281 C C   . CYS D 3 .   ? 10.374  -5.007  -12.635 1.00 20.14 ? 2330 CYS M C   1 
HETATM 1282 O O   . CYS D 3 .   ? 11.350  -4.335  -13.030 1.00 20.61 ? 2330 CYS M O   1 
HETATM 1283 C CB  . CYS D 3 .   ? 8.967   -4.904  -10.597 1.00 18.89 ? 2330 CYS M CB  1 
HETATM 1284 S SG  . CYS D 3 .   ? 8.675   -5.425  -8.880  1.00 17.63 ? 2330 CYS M SG  1 
HETATM 1285 O OXT . CYS D 3 .   ? 9.440   -5.395  -13.372 1.00 20.65 ? 2330 CYS M OXT 1 
HETATM 1286 C C1  . GOL E 4 .   ? -1.334  3.050   20.145  1.00 36.11 ? 2331 GOL M C1  1 
HETATM 1287 O O1  . GOL E 4 .   ? -1.211  4.116   19.173  1.00 35.52 ? 2331 GOL M O1  1 
HETATM 1288 C C2  . GOL E 4 .   ? -1.387  1.708   19.400  1.00 36.14 ? 2331 GOL M C2  1 
HETATM 1289 O O2  . GOL E 4 .   ? -0.191  1.588   18.642  1.00 36.42 ? 2331 GOL M O2  1 
HETATM 1290 C C3  . GOL E 4 .   ? -1.523  0.580   20.329  1.00 36.47 ? 2331 GOL M C3  1 
HETATM 1291 O O3  . GOL E 4 .   ? -1.579  -0.672  19.529  1.00 36.77 ? 2331 GOL M O3  1 
HETATM 1292 O O   . HOH F 5 .   ? 8.144   -4.796  5.901   1.00 50.78 ? 1    HOH M O   1 
HETATM 1293 O O   . HOH F 5 .   ? 2.704   -4.740  6.371   1.00 9.29  ? 2    HOH M O   1 
HETATM 1294 O O   . HOH F 5 .   ? 5.315   -8.715  18.685  1.00 12.48 ? 4    HOH M O   1 
HETATM 1295 O O   . HOH F 5 .   ? -6.295  8.796   -2.902  1.00 13.73 ? 5    HOH M O   1 
HETATM 1296 O O   . HOH F 5 .   ? 2.862   -12.775 -3.611  1.00 15.00 ? 6    HOH M O   1 
HETATM 1297 O O   . HOH F 5 .   ? 4.606   -6.563  -0.809  1.00 11.63 ? 7    HOH M O   1 
HETATM 1298 O O   . HOH F 5 .   ? 8.673   -8.569  6.274   1.00 8.59  ? 8    HOH M O   1 
HETATM 1299 O O   . HOH F 5 .   ? -6.106  -4.263  -10.919 1.00 11.31 ? 9    HOH M O   1 
HETATM 1300 O O   . HOH F 5 .   ? 3.644   -4.089  23.187  1.00 14.32 ? 10   HOH M O   1 
HETATM 1301 O O   . HOH F 5 .   ? 9.662   7.476   -3.012  1.00 13.32 ? 11   HOH M O   1 
HETATM 1302 O O   . HOH F 5 .   ? -4.473  -1.507  13.106  1.00 12.57 ? 12   HOH M O   1 
HETATM 1303 O O   . HOH F 5 .   ? -10.701 -4.225  1.262   1.00 14.07 ? 13   HOH M O   1 
HETATM 1304 O O   . HOH F 5 .   ? 3.960   9.320   13.786  1.00 18.22 ? 14   HOH M O   1 
HETATM 1305 O O   . HOH F 5 .   ? -4.122  -15.890 -5.291  1.00 14.90 ? 15   HOH M O   1 
HETATM 1306 O O   . HOH F 5 .   ? 4.040   -10.704 -6.812  1.00 16.58 ? 16   HOH M O   1 
HETATM 1307 O O   . HOH F 5 .   ? 14.984  4.821   -1.148  1.00 34.70 ? 17   HOH M O   1 
HETATM 1308 O O   . HOH F 5 .   ? -10.933 3.038   15.912  1.00 16.13 ? 18   HOH M O   1 
HETATM 1309 O O   . HOH F 5 .   ? 14.511  -5.892  9.173   1.00 25.35 ? 19   HOH M O   1 
HETATM 1310 O O   . HOH F 5 .   ? -10.226 5.781   15.128  1.00 17.39 ? 20   HOH M O   1 
HETATM 1311 O O   . HOH F 5 .   ? 9.731   7.744   4.719   1.00 18.94 ? 21   HOH M O   1 
HETATM 1312 O O   . HOH F 5 .   ? -7.333  -1.379  13.462  1.00 15.26 ? 22   HOH M O   1 
HETATM 1313 O O   . HOH F 5 .   ? -11.631 7.046   9.791   1.00 20.85 ? 23   HOH M O   1 
HETATM 1314 O O   . HOH F 5 .   ? -2.757  -5.072  -16.711 1.00 13.96 ? 24   HOH M O   1 
HETATM 1315 O O   . HOH F 5 .   ? 7.326   -10.477 -6.968  1.00 19.31 ? 25   HOH M O   1 
HETATM 1316 O O   . HOH F 5 .   ? -3.540  11.401  5.701   1.00 15.55 ? 26   HOH M O   1 
HETATM 1317 O O   . HOH F 5 .   ? 0.128   -6.038  22.221  1.00 21.92 ? 27   HOH M O   1 
HETATM 1318 O O   . HOH F 5 .   ? 10.947  3.877   -1.565  1.00 20.43 ? 28   HOH M O   1 
HETATM 1319 O O   . HOH F 5 .   ? 2.462   -10.621 -10.372 1.00 19.21 ? 29   HOH M O   1 
HETATM 1320 O O   . HOH F 5 .   ? -2.357  -6.258  18.958  1.00 17.45 ? 30   HOH M O   1 
HETATM 1321 O O   . HOH F 5 .   ? 13.742  -1.278  7.331   1.00 20.14 ? 31   HOH M O   1 
HETATM 1322 O O   . HOH F 5 .   ? -8.245  -7.121  -13.687 1.00 22.72 ? 32   HOH M O   1 
HETATM 1323 O O   . HOH F 5 .   ? -6.387  -5.231  -13.470 1.00 23.37 ? 33   HOH M O   1 
HETATM 1324 O O   . HOH F 5 .   ? 11.560  -7.975  -1.498  1.00 18.81 ? 34   HOH M O   1 
HETATM 1325 O O   . HOH F 5 .   ? -4.556  12.174  3.309   1.00 22.43 ? 35   HOH M O   1 
HETATM 1326 O O   . HOH F 5 .   ? -8.685  9.185   3.780   1.00 18.53 ? 36   HOH M O   1 
HETATM 1327 O O   . HOH F 5 .   ? -12.537 -7.182  -9.723  1.00 18.65 ? 37   HOH M O   1 
HETATM 1328 O O   . HOH F 5 .   ? -11.481 -1.276  -4.633  1.00 20.26 ? 38   HOH M O   1 
HETATM 1329 O O   . HOH F 5 .   ? 11.851  -6.727  11.397  1.00 21.45 ? 39   HOH M O   1 
HETATM 1330 O O   . HOH F 5 .   ? 10.405  2.650   12.733  1.00 39.46 ? 40   HOH M O   1 
HETATM 1331 O O   . HOH F 5 .   ? -7.270  13.931  0.152   1.00 25.16 ? 41   HOH M O   1 
HETATM 1332 O O   . HOH F 5 .   ? 5.486   9.735   11.419  1.00 24.08 ? 42   HOH M O   1 
HETATM 1333 O O   . HOH F 5 .   ? 12.476  -8.421  1.024   1.00 20.42 ? 43   HOH M O   1 
HETATM 1334 O O   . HOH F 5 .   ? 10.926  9.745   8.512   1.00 23.26 ? 44   HOH M O   1 
HETATM 1335 O O   . HOH F 5 .   ? -10.616 8.043   -1.146  1.00 21.29 ? 45   HOH M O   1 
HETATM 1336 O O   . HOH F 5 .   ? -1.033  17.271  0.633   1.00 21.20 ? 46   HOH M O   1 
HETATM 1337 O O   . HOH F 5 .   ? 12.145  1.488   -2.279  1.00 17.72 ? 47   HOH M O   1 
HETATM 1338 O O   . HOH F 5 .   ? 11.250  -1.167  -2.895  1.00 15.74 ? 48   HOH M O   1 
HETATM 1339 O O   . HOH F 5 .   ? 2.504   12.727  -7.391  1.00 25.27 ? 50   HOH M O   1 
HETATM 1340 O O   . HOH F 5 .   ? -9.892  7.592   5.833   1.00 21.23 ? 51   HOH M O   1 
HETATM 1341 O O   . HOH F 5 .   ? 12.772  4.762   -15.810 1.00 19.89 ? 52   HOH M O   1 
HETATM 1342 O O   . HOH F 5 .   ? -8.064  13.171  19.065  1.00 27.78 ? 53   HOH M O   1 
HETATM 1343 O O   . HOH F 5 .   ? 8.198   9.820   3.978   1.00 20.18 ? 54   HOH M O   1 
HETATM 1344 O O   . HOH F 5 .   ? 12.656  13.317  0.081   1.00 21.55 ? 55   HOH M O   1 
HETATM 1345 O O   . HOH F 5 .   ? -0.834  -13.939 15.111  1.00 37.61 ? 57   HOH M O   1 
HETATM 1346 O O   . HOH F 5 .   ? 2.884   8.864   -16.999 1.00 23.94 ? 58   HOH M O   1 
HETATM 1347 O O   . HOH F 5 .   ? 7.325   -12.525 3.369   1.00 24.17 ? 59   HOH M O   1 
HETATM 1348 O O   . HOH F 5 .   ? 2.404   -15.906 18.831  1.00 40.30 ? 60   HOH M O   1 
HETATM 1349 O O   . HOH F 5 .   ? -7.578  -1.226  -14.289 1.00 34.72 ? 61   HOH M O   1 
HETATM 1350 O O   . HOH F 5 .   ? -5.629  2.911   -20.180 1.00 27.83 ? 62   HOH M O   1 
HETATM 1351 O O   . HOH F 5 .   ? -6.875  11.626  -3.184  1.00 28.68 ? 64   HOH M O   1 
HETATM 1352 O O   . HOH F 5 .   ? 14.249  2.670   -0.280  1.00 26.90 ? 65   HOH M O   1 
HETATM 1353 O O   . HOH F 5 .   ? -1.930  -14.131 -15.795 1.00 36.61 ? 66   HOH M O   1 
HETATM 1354 O O   . HOH F 5 .   ? 4.189   12.507  5.795   1.00 42.20 ? 67   HOH M O   1 
HETATM 1355 O O   . HOH F 5 .   ? -16.005 -1.331  -8.288  1.00 30.27 ? 68   HOH M O   1 
HETATM 1356 O O   . HOH F 5 .   ? -4.025  14.867  3.363   1.00 24.12 ? 69   HOH M O   1 
HETATM 1357 O O   . HOH F 5 .   ? -11.885 1.358   -14.181 1.00 27.12 ? 70   HOH M O   1 
HETATM 1358 O O   . HOH F 5 .   ? 8.872   6.559   -17.462 1.00 28.96 ? 71   HOH M O   1 
HETATM 1359 O O   . HOH F 5 .   ? -7.102  11.337  4.234   1.00 28.93 ? 72   HOH M O   1 
HETATM 1360 O O   . HOH F 5 .   ? -3.792  5.016   20.563  1.00 23.06 ? 73   HOH M O   1 
HETATM 1361 O O   . HOH F 5 .   ? 14.448  -14.317 10.065  1.00 36.11 ? 74   HOH M O   1 
HETATM 1362 O O   . HOH F 5 .   ? 7.633   1.998   20.331  1.00 26.86 ? 75   HOH M O   1 
HETATM 1363 O O   . HOH F 5 .   ? -1.291  12.071  17.285  1.00 45.23 ? 76   HOH M O   1 
HETATM 1364 O O   . HOH F 5 .   ? 4.759   3.216   17.842  1.00 26.74 ? 79   HOH M O   1 
HETATM 1365 O O   . HOH F 5 .   ? 1.293   5.784   18.477  1.00 32.64 ? 80   HOH M O   1 
HETATM 1366 O O   . HOH F 5 .   ? -10.724 10.475  2.223   1.00 28.29 ? 82   HOH M O   1 
HETATM 1367 O O   . HOH F 5 .   ? 10.219  5.481   14.118  1.00 33.20 ? 83   HOH M O   1 
HETATM 1368 O O   . HOH F 5 .   ? -8.604  2.896   -20.688 1.00 22.27 ? 86   HOH M O   1 
HETATM 1369 O O   . HOH F 5 .   ? 13.367  9.181   -0.872  1.00 30.66 ? 87   HOH M O   1 
HETATM 1370 O O   . HOH F 5 .   ? -7.915  16.431  31.949  1.00 43.41 ? 88   HOH M O   1 
HETATM 1371 O O   . HOH F 5 .   ? 9.482   -0.665  19.803  1.00 39.75 ? 89   HOH M O   1 
HETATM 1372 O O   . HOH F 5 .   ? -7.575  -14.600 6.274   1.00 40.11 ? 90   HOH M O   1 
HETATM 1373 O O   . HOH F 5 .   ? -5.346  -12.300 9.834   1.00 16.40 ? 93   HOH M O   1 
HETATM 1374 O O   . HOH F 5 .   ? 8.354   1.155   13.774  1.00 18.34 ? 94   HOH M O   1 
HETATM 1375 O O   . HOH F 5 .   ? -3.748  -17.854 1.470   1.00 25.87 ? 97   HOH M O   1 
HETATM 1376 O O   . HOH F 5 .   ? 1.768   -11.285 -17.848 1.00 23.75 ? 98   HOH M O   1 
HETATM 1377 O O   . HOH F 5 .   ? -14.340 1.308   8.685   1.00 32.17 ? 99   HOH M O   1 
HETATM 1378 O O   . HOH F 5 .   ? -5.310  -4.973  -15.791 1.00 25.46 ? 100  HOH M O   1 
HETATM 1379 O O   . HOH F 5 .   ? 12.990  -10.936 10.163  1.00 25.78 ? 102  HOH M O   1 
HETATM 1380 O O   . HOH F 5 .   ? 5.521   11.612  16.002  1.00 29.33 ? 103  HOH M O   1 
HETATM 1381 O O   . HOH F 5 .   ? -7.060  -8.661  14.540  1.00 26.57 ? 105  HOH M O   1 
HETATM 1382 O O   . HOH F 5 .   ? -5.626  0.936   -17.929 1.00 32.17 ? 107  HOH M O   1 
HETATM 1383 O O   . HOH F 5 .   ? 13.091  4.867   -2.728  1.00 28.83 ? 108  HOH M O   1 
HETATM 1384 O O   . HOH F 5 .   ? 1.549   -2.158  23.229  1.00 27.13 ? 109  HOH M O   1 
HETATM 1385 O O   . HOH F 5 .   ? -3.860  10.787  -17.271 1.00 39.57 ? 110  HOH M O   1 
HETATM 1386 O O   . HOH F 5 .   ? 14.150  -4.147  -12.558 1.00 37.72 ? 111  HOH M O   1 
HETATM 1387 O O   . HOH F 5 .   ? 14.983  -3.317  8.447   1.00 31.91 ? 113  HOH M O   1 
HETATM 1388 O O   . HOH F 5 .   ? -14.768 -2.406  7.857   1.00 34.85 ? 114  HOH M O   1 
HETATM 1389 O O   . HOH F 5 .   ? 9.746   0.904   17.086  1.00 39.72 ? 115  HOH M O   1 
HETATM 1390 O O   . HOH F 5 .   ? -16.507 0.397   -5.779  1.00 39.00 ? 116  HOH M O   1 
HETATM 1391 O O   . HOH F 5 .   ? -10.046 -0.384  -15.371 1.00 33.90 ? 117  HOH M O   1 
HETATM 1392 O O   . HOH F 5 .   ? 15.604  2.768   7.994   1.00 36.65 ? 118  HOH M O   1 
HETATM 1393 O O   . HOH F 5 .   ? -10.838 10.536  -2.251  1.00 38.07 ? 119  HOH M O   1 
HETATM 1394 O O   . HOH F 5 .   ? -1.223  -16.472 -2.351  1.00 26.65 ? 122  HOH M O   1 
HETATM 1395 O O   . HOH F 5 .   ? 2.793   -13.715 4.124   1.00 42.44 ? 124  HOH M O   1 
HETATM 1396 O O   . HOH F 5 .   ? -10.766 -15.673 -8.037  1.00 14.14 ? 125  HOH M O   1 
HETATM 1397 O O   . HOH F 5 .   ? -10.856 -0.903  -12.943 1.00 27.06 ? 126  HOH M O   1 
HETATM 1398 O O   . HOH F 5 .   ? -3.234  -16.578 -7.852  1.00 30.76 ? 127  HOH M O   1 
HETATM 1399 O O   . HOH F 5 .   ? -16.438 11.246  -6.201  1.00 42.72 ? 128  HOH M O   1 
HETATM 1400 O O   . HOH F 5 .   ? 4.941   15.292  -9.076  1.00 44.16 ? 129  HOH M O   1 
HETATM 1401 O O   . HOH F 5 .   ? 12.253  7.439   -2.730  1.00 28.89 ? 130  HOH M O   1 
HETATM 1402 O O   . HOH F 5 .   ? 6.949   -11.665 -3.994  1.00 37.07 ? 133  HOH M O   1 
HETATM 1403 O O   . HOH F 5 .   ? -15.216 3.975   -5.343  1.00 37.73 ? 136  HOH M O   1 
HETATM 1404 O O   . HOH F 5 .   ? -7.029  11.318  -15.220 1.00 42.94 ? 138  HOH M O   1 
HETATM 1405 O O   . HOH F 5 .   ? -1.550  17.611  -3.100  1.00 37.34 ? 139  HOH M O   1 
HETATM 1406 O O   . HOH F 5 .   ? -5.336  -20.220 -9.544  1.00 39.89 ? 140  HOH M O   1 
HETATM 1407 O O   . HOH F 5 .   ? -2.915  17.231  2.703   1.00 30.55 ? 141  HOH M O   1 
HETATM 1408 O O   . HOH F 5 .   ? -15.214 2.238   2.087   1.00 39.34 ? 142  HOH M O   1 
HETATM 1409 O O   . HOH F 5 .   ? -11.629 8.775   7.432   1.00 36.32 ? 143  HOH M O   1 
HETATM 1410 O O   . HOH F 5 .   ? -11.409 -10.051 10.418  1.00 39.53 ? 144  HOH M O   1 
HETATM 1411 O O   . HOH F 5 .   ? -5.282  -12.090 12.557  1.00 34.23 ? 145  HOH M O   1 
HETATM 1412 O O   . HOH F 5 .   ? 0.566   -16.332 5.205   1.00 44.52 ? 147  HOH M O   1 
HETATM 1413 O O   . HOH F 5 .   ? -12.233 6.773   -2.833  1.00 36.68 ? 148  HOH M O   1 
HETATM 1414 O O   . HOH F 5 .   ? -5.925  14.834  18.697  1.00 38.46 ? 149  HOH M O   1 
HETATM 1415 O O   . HOH F 5 .   ? 4.152   14.882  8.716   1.00 48.45 ? 150  HOH M O   1 
HETATM 1416 O O   . HOH F 5 .   ? 11.861  -1.598  17.518  1.00 45.31 ? 152  HOH M O   1 
HETATM 1417 O O   . HOH F 5 .   ? 1.996   19.316  -2.349  1.00 36.80 ? 153  HOH M O   1 
HETATM 1418 O O   . HOH F 5 .   ? -7.634  -12.249 8.392   1.00 37.63 ? 154  HOH M O   1 
HETATM 1419 O O   . HOH F 5 .   ? -10.988 11.264  -10.864 1.00 44.35 ? 157  HOH M O   1 
HETATM 1420 O O   . HOH F 5 .   ? 8.907   -7.376  -18.750 1.00 47.32 ? 160  HOH M O   1 
HETATM 1421 O O   . HOH F 5 .   ? 0.879   15.832  -16.332 1.00 41.87 ? 161  HOH M O   1 
HETATM 1422 O O   . HOH F 5 .   ? 14.300  7.151   14.079  1.00 35.95 ? 163  HOH M O   1 
HETATM 1423 O O   . HOH F 5 .   ? 0.445   13.883  7.304   1.00 46.24 ? 164  HOH M O   1 
HETATM 1424 O O   . HOH F 5 .   ? -2.852  -11.720 -14.840 1.00 31.78 ? 165  HOH M O   1 
HETATM 1425 O O   . HOH F 5 .   ? -2.383  -11.888 14.988  1.00 23.35 ? 166  HOH M O   1 
HETATM 1426 O O   . HOH F 5 .   ? 1.529   -15.560 12.061  1.00 42.97 ? 167  HOH M O   1 
HETATM 1427 O O   . HOH F 5 .   ? 4.804   -8.855  -17.968 1.00 42.64 ? 169  HOH M O   1 
HETATM 1428 O O   . HOH F 5 .   ? 3.611   -13.957 15.968  1.00 34.06 ? 170  HOH M O   1 
HETATM 1429 O O   . HOH F 5 .   ? -8.137  11.941  16.780  1.00 29.44 ? 173  HOH M O   1 
HETATM 1430 O O   . HOH F 5 .   ? 13.299  0.615   14.472  1.00 45.81 ? 175  HOH M O   1 
HETATM 1431 O O   . HOH F 5 .   ? 4.071   -15.369 -3.636  1.00 39.10 ? 178  HOH M O   1 
HETATM 1432 O O   . HOH F 5 .   ? 12.135  10.561  2.912   1.00 48.78 ? 180  HOH M O   1 
HETATM 1433 O O   . HOH F 5 .   ? -12.967 -3.366  -0.079  1.00 41.72 ? 181  HOH M O   1 
HETATM 1434 O O   . HOH F 5 .   ? -11.730 11.092  9.247   1.00 46.62 ? 183  HOH M O   1 
HETATM 1435 O O   . HOH F 5 .   ? 4.738   -17.357 -1.512  1.00 44.55 ? 184  HOH M O   1 
HETATM 1436 O O   . HOH F 5 .   ? -0.274  15.454  -13.351 1.00 45.08 ? 185  HOH M O   1 
HETATM 1437 O O   . HOH F 5 .   ? -0.825  17.118  5.220   1.00 37.37 ? 188  HOH M O   1 
HETATM 1438 O O   . HOH F 5 .   ? 6.570   -7.810  -16.334 1.00 42.05 ? 189  HOH M O   1 
HETATM 1439 O O   . HOH F 5 .   ? 12.146  7.498   16.142  1.00 43.61 ? 190  HOH M O   1 
HETATM 1440 O O   . HOH F 5 .   ? 2.286   9.883   17.237  1.00 40.82 ? 191  HOH M O   1 
HETATM 1441 O O   . HOH F 5 .   ? -16.103 9.739   -12.552 1.00 41.44 ? 194  HOH M O   1 
HETATM 1442 O O   . HOH F 5 .   ? 14.947  2.560   13.555  1.00 45.96 ? 197  HOH M O   1 
HETATM 1443 O O   . HOH F 5 .   ? -0.461  -14.515 17.844  1.00 44.52 ? 198  HOH M O   1 
HETATM 1444 O O   . HOH F 5 .   ? -14.834 9.618   -15.502 1.00 45.66 ? 199  HOH M O   1 
HETATM 1445 O O   . HOH F 5 .   ? 8.511   -8.064  21.127  1.00 40.33 ? 201  HOH M O   1 
HETATM 1446 O O   . HOH F 5 .   ? 1.116   11.934  16.300  1.00 45.71 ? 202  HOH M O   1 
HETATM 1447 O O   . HOH F 5 .   ? 6.966   -12.256 -8.879  1.00 45.06 ? 205  HOH M O   1 
HETATM 1448 O O   . HOH F 5 .   ? 2.617   -17.462 -12.142 1.00 45.07 ? 206  HOH M O   1 
HETATM 1449 O O   . HOH F 5 .   ? -16.370 -2.654  10.114  1.00 40.48 ? 208  HOH M O   1 
HETATM 1450 O O   . HOH F 5 .   ? 2.692   -17.276 -7.157  1.00 51.53 ? 209  HOH M O   1 
HETATM 1451 O O   . HOH F 5 .   ? 13.279  -15.991 12.160  1.00 46.87 ? 212  HOH M O   1 
HETATM 1452 O O   . HOH F 5 .   ? -3.488  14.720  24.894  1.00 44.79 ? 213  HOH M O   1 
HETATM 1453 O O   . HOH F 5 .   ? -11.674 7.610   -5.478  1.00 45.37 ? 215  HOH M O   1 
HETATM 1454 O O   . HOH F 5 .   ? 2.695   16.144  1.395   1.00 23.11 ? 300  HOH M O   1 
HETATM 1455 O O   . HOH F 5 .   ? 4.610   -13.974 10.250  1.00 27.20 ? 301  HOH M O   1 
HETATM 1456 O O   . HOH F 5 .   ? 2.306   -13.178 18.348  1.00 24.77 ? 302  HOH M O   1 
HETATM 1457 O O   . HOH F 5 .   ? 11.995  7.369   -5.264  1.00 34.09 ? 303  HOH M O   1 
HETATM 1458 O O   . HOH F 5 .   ? -4.258  -15.367 9.493   1.00 37.20 ? 304  HOH M O   1 
HETATM 1459 O O   . HOH F 5 .   ? 3.572   -13.322 -7.335  1.00 28.48 ? 305  HOH M O   1 
HETATM 1460 O O   . HOH F 5 .   ? -2.717  5.621   22.977  1.00 31.79 ? 306  HOH M O   1 
HETATM 1461 O O   . HOH F 5 .   ? 5.845   2.530   15.521  1.00 33.68 ? 307  HOH M O   1 
HETATM 1462 O O   . HOH F 5 .   ? -15.070 4.719   3.891   1.00 33.09 ? 308  HOH M O   1 
HETATM 1463 O O   . HOH F 5 .   ? 16.458  -6.857  10.604  1.00 40.04 ? 312  HOH M O   1 
HETATM 1464 O O   . HOH F 5 .   ? -4.782  13.007  7.765   1.00 42.07 ? 313  HOH M O   1 
HETATM 1465 O O   . HOH F 5 .   ? -9.193  15.065  -12.116 1.00 38.86 ? 314  HOH M O   1 
HETATM 1466 O O   . HOH F 5 .   ? -14.819 -10.213 8.240   1.00 42.36 ? 315  HOH M O   1 
HETATM 1467 O O   . HOH F 5 .   ? -13.770 -9.513  -8.477  1.00 35.88 ? 316  HOH M O   1 
HETATM 1468 O O   . HOH F 5 .   ? -7.441  8.289   -15.431 1.00 36.85 ? 317  HOH M O   1 
HETATM 1469 O O   . HOH F 5 .   ? -11.529 7.815   1.655   1.00 35.75 ? 318  HOH M O   1 
HETATM 1470 O O   . HOH F 5 .   ? 11.176  3.240   -17.346 1.00 37.15 ? 319  HOH M O   1 
HETATM 1471 O O   . HOH F 5 .   ? 13.675  7.122   6.981   1.00 29.46 ? 320  HOH M O   1 
HETATM 1472 O O   . HOH F 5 .   ? 0.627   -13.387 -16.132 1.00 43.33 ? 321  HOH M O   1 
HETATM 1473 O O   . HOH F 5 .   ? 15.937  -12.662 11.667  1.00 39.82 ? 322  HOH M O   1 
HETATM 1474 O O   . HOH F 5 .   ? 0.759   12.354  13.854  1.00 34.90 ? 325  HOH M O   1 
HETATM 1475 O O   . HOH F 5 .   ? 12.148  -13.201 8.990   1.00 36.47 ? 326  HOH M O   1 
HETATM 1476 O O   . HOH F 5 .   ? -14.720 4.794   -2.381  1.00 39.93 ? 328  HOH M O   1 
HETATM 1477 O O   . HOH F 5 .   ? -15.657 1.562   14.140  1.00 40.43 ? 329  HOH M O   1 
HETATM 1478 O O   . HOH F 5 .   ? -5.359  13.699  -5.895  1.00 41.69 ? 330  HOH M O   1 
HETATM 1479 O O   . HOH F 5 .   ? -2.941  14.864  6.394   1.00 41.86 ? 331  HOH M O   1 
HETATM 1480 O O   . HOH F 5 .   ? -7.058  1.810   -14.159 1.00 32.43 ? 332  HOH M O   1 
HETATM 1481 O O   . HOH F 5 .   ? 13.458  7.671   3.882   1.00 30.12 ? 333  HOH M O   1 
HETATM 1482 O O   . HOH F 5 .   ? 15.846  6.740   10.347  1.00 37.86 ? 336  HOH M O   1 
HETATM 1483 O O   . HOH F 5 .   ? -18.010 -6.661  8.578   1.00 40.55 ? 341  HOH M O   1 
HETATM 1484 O O   . HOH F 5 .   ? -13.459 9.030   4.810   1.00 45.33 ? 347  HOH M O   1 
HETATM 1485 O O   . HOH F 5 .   ? -14.483 -4.880  12.330  1.00 40.79 ? 348  HOH M O   1 
HETATM 1486 O O   . HOH F 5 .   ? -14.206 6.578   8.983   1.00 37.46 ? 350  HOH M O   1 
HETATM 1487 O O   . HOH F 5 .   ? 8.760   12.337  8.444   1.00 42.54 ? 359  HOH M O   1 
HETATM 1488 O O   . HOH F 5 .   ? 1.356   13.690  -11.134 1.00 41.69 ? 360  HOH M O   1 
HETATM 1489 O O   . HOH F 5 .   ? 0.356   18.003  -6.901  1.00 43.87 ? 363  HOH M O   1 
HETATM 1490 O O   . HOH F 5 .   ? -5.300  -8.794  -6.039  1.00 8.64  ? 400  HOH M O   1 
HETATM 1491 O O   . HOH F 5 .   ? 9.640   -8.245  14.215  1.00 30.03 ? 401  HOH M O   1 
HETATM 1492 O O   . HOH F 5 .   ? -8.485  -4.812  4.947   1.00 19.59 ? 402  HOH M O   1 
HETATM 1493 O O   . HOH F 5 .   ? 10.049  -16.306 3.772   1.00 37.95 ? 403  HOH M O   1 
HETATM 1494 O O   . HOH F 5 .   ? 7.853   -16.460 7.001   1.00 42.93 ? 405  HOH M O   1 
HETATM 1495 O O   . HOH F 5 .   ? 7.947   -10.117 13.812  1.00 33.09 ? 406  HOH M O   1 
HETATM 1496 O O   . HOH F 5 .   ? 14.044  11.503  -1.097  1.00 40.61 ? 408  HOH M O   1 
HETATM 1497 O O   . HOH F 5 .   ? 8.502   -12.341 12.463  1.00 32.72 ? 409  HOH M O   1 
HETATM 1498 O O   . HOH F 5 .   ? 5.013   11.938  10.026  1.00 37.15 ? 410  HOH M O   1 
HETATM 1499 O O   . HOH F 5 .   ? -0.365  -2.499  21.157  1.00 47.07 ? 412  HOH M O   1 
HETATM 1500 O O   . HOH F 5 .   ? -4.845  5.470   -19.667 1.00 40.24 ? 413  HOH M O   1 
HETATM 1501 O O   . HOH F 5 .   ? 0.236   -17.248 17.888  1.00 36.36 ? 415  HOH M O   1 
HETATM 1502 O O   . HOH F 5 .   ? 4.183   16.498  -0.856  1.00 39.42 ? 416  HOH M O   1 
HETATM 1503 O O   . HOH F 5 .   ? -1.888  -13.967 12.098  1.00 39.32 ? 417  HOH M O   1 
HETATM 1504 O O   . HOH F 5 .   ? -12.835 -1.588  -2.041  1.00 38.87 ? 418  HOH M O   1 
HETATM 1505 O O   . HOH F 5 .   ? -7.779  13.721  0.127   1.00 47.52 ? 419  HOH M O   1 
HETATM 1506 O O   . HOH F 5 .   ? 4.888   -12.265 -10.456 1.00 39.25 ? 420  HOH M O   1 
HETATM 1507 O O   . HOH F 5 .   ? -15.458 6.789   11.799  1.00 44.58 ? 421  HOH M O   1 
HETATM 1508 O O   . HOH F 5 .   ? -4.695  8.263   -20.693 1.00 51.59 ? 422  HOH M O   1 
HETATM 1509 O O   . HOH F 5 .   ? -1.591  17.701  -3.220  1.00 38.38 ? 423  HOH M O   1 
HETATM 1510 O O   . HOH F 5 .   ? 2.343   -7.029  3.007   1.00 36.01 ? 424  HOH M O   1 
HETATM 1511 O O   . HOH F 5 .   ? 7.969   -9.695  17.506  1.00 40.39 ? 425  HOH M O   1 
HETATM 1512 O O   . HOH F 5 .   ? -19.237 1.381   -5.336  1.00 44.72 ? 426  HOH M O   1 
HETATM 1513 O O   . HOH F 5 .   ? 4.099   16.153  4.282   1.00 38.23 ? 427  HOH M O   1 
HETATM 1514 O O   . HOH F 5 .   ? -7.500  14.698  34.276  1.00 46.02 ? 428  HOH M O   1 
HETATM 1515 O O   . HOH F 5 .   ? -14.059 6.675   1.999   1.00 48.17 ? 429  HOH M O   1 
HETATM 1516 O O   . HOH F 5 .   ? -5.253  15.670  -12.213 1.00 43.32 ? 430  HOH M O   1 
HETATM 1517 O O   . HOH F 5 .   ? 14.004  -17.848 13.856  1.00 49.50 ? 431  HOH M O   1 
HETATM 1518 O O   . HOH F 5 .   ? -3.649  14.007  -15.340 1.00 49.36 ? 432  HOH M O   1 
HETATM 1519 O O   . HOH F 5 .   ? 10.507  14.041  9.652   1.00 40.96 ? 434  HOH M O   1 
HETATM 1520 O O   . HOH F 5 .   ? -11.060 -10.562 13.168  1.00 42.79 ? 435  HOH M O   1 
HETATM 1521 O O   . HOH F 5 .   ? 7.799   11.586  13.481  1.00 48.89 ? 436  HOH M O   1 
HETATM 1522 O O   . HOH F 5 .   ? 11.805  -11.350 12.935  1.00 36.26 ? 437  HOH M O   1 
HETATM 1523 O O   . HOH F 5 .   ? 16.323  0.807   11.145  1.00 47.81 ? 438  HOH M O   1 
HETATM 1524 O O   . HOH F 5 .   ? -1.625  13.031  9.688   1.00 39.62 ? 439  HOH M O   1 
HETATM 1525 O O   . HOH F 5 .   ? 4.186   -13.786 -13.174 1.00 44.92 ? 440  HOH M O   1 
HETATM 1526 O O   . HOH F 5 .   ? 17.682  -5.994  -19.823 1.00 41.76 ? 442  HOH M O   1 
HETATM 1527 O O   . HOH F 5 .   ? -19.415 -0.436  -9.377  1.00 48.71 ? 444  HOH M O   1 
HETATM 1528 O O   . HOH F 5 .   ? -15.136 7.984   -4.198  1.00 45.62 ? 445  HOH M O   1 
HETATM 1529 O O   . HOH F 5 .   ? -21.760 -6.240  3.642   1.00 42.88 ? 446  HOH M O   1 
HETATM 1530 O O   . HOH F 5 .   ? 4.681   4.442   21.518  1.00 46.71 ? 447  HOH M O   1 
HETATM 1531 O O   . HOH F 5 .   ? -1.834  -15.579 6.335   1.00 44.55 ? 448  HOH M O   1 
HETATM 1532 O O   . HOH F 5 .   ? 4.978   14.291  -13.417 1.00 37.04 ? 449  HOH M O   1 
HETATM 1533 O O   . HOH F 5 .   ? -6.068  15.550  7.377   1.00 49.61 ? 450  HOH M O   1 
HETATM 1534 O O   . HOH F 5 .   ? -11.497 11.296  6.422   1.00 46.15 ? 451  HOH M O   1 
HETATM 1535 O O   . HOH F 5 .   ? 12.396  6.588   18.715  1.00 46.43 ? 452  HOH M O   1 
HETATM 1536 O O   . HOH F 5 .   ? -13.298 10.374  -12.194 1.00 41.95 ? 453  HOH M O   1 
HETATM 1537 O O   . HOH F 5 .   ? 14.533  -9.784  13.779  1.00 45.15 ? 454  HOH M O   1 
HETATM 1538 O O   . HOH F 5 .   ? 2.674   -20.726 -17.898 1.00 39.53 ? 455  HOH M O   1 
# 
